data_1Z3L
# 
_entry.id   1Z3L 
# 
_audit_conform.dict_name       mmcif_pdbx.dic 
_audit_conform.dict_version    5.381 
_audit_conform.dict_location   http://mmcif.pdb.org/dictionaries/ascii/mmcif_pdbx.dic 
# 
loop_
_database_2.database_id 
_database_2.database_code 
_database_2.pdbx_database_accession 
_database_2.pdbx_DOI 
PDB   1Z3L         pdb_00001z3l 10.2210/pdb1z3l/pdb 
RCSB  RCSB032254   ?            ?                   
WWPDB D_1000032254 ?            ?                   
# 
loop_
_pdbx_database_related.db_name 
_pdbx_database_related.db_id 
_pdbx_database_related.details 
_pdbx_database_related.content_type 
PDB 1D5D .                                unspecified 
PDB 1RBH .                                unspecified 
PDB 1D5E .                                unspecified 
PDB 1D5H .                                unspecified 
PDB 1RBC .                                unspecified 
PDB 1RBD .                                unspecified 
PDB 1Z3M 'mutant Ribonuclease S (F8Nva)'  unspecified 
PDB 1Z3P 'mutant Ribonuclease S (M13Nva)' unspecified 
# 
_pdbx_database_status.status_code                     REL 
_pdbx_database_status.entry_id                        1Z3L 
_pdbx_database_status.recvd_initial_deposition_date   2005-03-14 
_pdbx_database_status.deposit_site                    RCSB 
_pdbx_database_status.process_site                    PDBJ 
_pdbx_database_status.status_code_sf                  REL 
_pdbx_database_status.status_code_mr                  ? 
_pdbx_database_status.SG_entry                        ? 
_pdbx_database_status.pdb_format_compatible           Y 
_pdbx_database_status.status_code_cs                  ? 
_pdbx_database_status.status_code_nmr_data            ? 
_pdbx_database_status.methods_development_category    ? 
# 
loop_
_audit_author.name 
_audit_author.pdbx_ordinal 
'Das, M.'          1 
'Vasudeva Rao, B.' 2 
'Ghosh, S.'        3 
'Varadarajan, R.'  4 
# 
_citation.id                        primary 
_citation.title                     
;Attempts to delineate the relative contributions of changes in hydrophobicity and packing to changes in stability of ribonuclease S mutants.
;
_citation.journal_abbrev            Biochemistry 
_citation.journal_volume            44 
_citation.page_first                5923 
_citation.page_last                 5930 
_citation.year                      2005 
_citation.journal_id_ASTM           BICHAW 
_citation.country                   US 
_citation.journal_id_ISSN           0006-2960 
_citation.journal_id_CSD            0033 
_citation.book_publisher            ? 
_citation.pdbx_database_id_PubMed   15823052 
_citation.pdbx_database_id_DOI      10.1021/bi050001+ 
# 
loop_
_citation_author.citation_id 
_citation_author.name 
_citation_author.ordinal 
_citation_author.identifier_ORCID 
primary 'Das, M.'         1 ? 
primary 'Rao, B.V.'       2 ? 
primary 'Ghosh, S.'       3 ? 
primary 'Varadarajan, R.' 4 ? 
# 
_cell.entry_id           1Z3L 
_cell.length_a           44.464 
_cell.length_b           44.464 
_cell.length_c           97.469 
_cell.angle_alpha        90.00 
_cell.angle_beta         90.00 
_cell.angle_gamma        120.00 
_cell.Z_PDB              6 
_cell.pdbx_unique_axis   ? 
# 
_symmetry.entry_id                         1Z3L 
_symmetry.space_group_name_H-M             'P 31 2 1' 
_symmetry.pdbx_full_space_group_name_H-M   ? 
_symmetry.cell_setting                     ? 
_symmetry.Int_Tables_number                152 
_symmetry.space_group_name_Hall            ? 
# 
loop_
_entity.id 
_entity.type 
_entity.src_method 
_entity.pdbx_description 
_entity.formula_weight 
_entity.pdbx_number_of_molecules 
_entity.pdbx_ec 
_entity.pdbx_mutation 
_entity.pdbx_fragment 
_entity.details 
1 polymer     syn 'Ribonuclease pancreatic, S-Peptide' 1672.837  1  3.1.27.5 'F8AA3, M13NLE' ? ? 
2 polymer     nat 'Ribonuclease pancreatic, S-Protein' 11555.981 1  3.1.27.5 ?               ? ? 
3 non-polymer syn 'SULFATE ION'                        96.063    2  ?        ?               ? ? 
4 water       nat water                                18.015    63 ?        ?               ? ? 
# 
loop_
_entity_name_com.entity_id 
_entity_name_com.name 
1 'RNase 1, RNase A' 
2 'RNase 1, RNase A' 
# 
loop_
_entity_poly.entity_id 
_entity_poly.type 
_entity_poly.nstd_linkage 
_entity_poly.nstd_monomer 
_entity_poly.pdbx_seq_one_letter_code 
_entity_poly.pdbx_seq_one_letter_code_can 
_entity_poly.pdbx_strand_id 
_entity_poly.pdbx_target_identifier 
1 'polypeptide(L)' no yes 'KETAAAK(ABA)ERQH(NLE)DS' KETAAAKAERQHLDS S ? 
2 'polypeptide(L)' no no  
;SSSNYCNQMMKSRNLTKDRCKPVNTFVHESLADVQAVCSQKNVACKNGQTNCYQSYSTMSITDCRETGSSKYPNCAYKTT
QANKHIIVACEGNPYVPVHFDASV
;
;SSSNYCNQMMKSRNLTKDRCKPVNTFVHESLADVQAVCSQKNVACKNGQTNCYQSYSTMSITDCRETGSSKYPNCAYKTT
QANKHIIVACEGNPYVPVHFDASV
;
E ? 
# 
loop_
_entity_poly_seq.entity_id 
_entity_poly_seq.num 
_entity_poly_seq.mon_id 
_entity_poly_seq.hetero 
1 1   LYS n 
1 2   GLU n 
1 3   THR n 
1 4   ALA n 
1 5   ALA n 
1 6   ALA n 
1 7   LYS n 
1 8   ABA n 
1 9   GLU n 
1 10  ARG n 
1 11  GLN n 
1 12  HIS n 
1 13  NLE n 
1 14  ASP n 
1 15  SER n 
2 1   SER n 
2 2   SER n 
2 3   SER n 
2 4   ASN n 
2 5   TYR n 
2 6   CYS n 
2 7   ASN n 
2 8   GLN n 
2 9   MET n 
2 10  MET n 
2 11  LYS n 
2 12  SER n 
2 13  ARG n 
2 14  ASN n 
2 15  LEU n 
2 16  THR n 
2 17  LYS n 
2 18  ASP n 
2 19  ARG n 
2 20  CYS n 
2 21  LYS n 
2 22  PRO n 
2 23  VAL n 
2 24  ASN n 
2 25  THR n 
2 26  PHE n 
2 27  VAL n 
2 28  HIS n 
2 29  GLU n 
2 30  SER n 
2 31  LEU n 
2 32  ALA n 
2 33  ASP n 
2 34  VAL n 
2 35  GLN n 
2 36  ALA n 
2 37  VAL n 
2 38  CYS n 
2 39  SER n 
2 40  GLN n 
2 41  LYS n 
2 42  ASN n 
2 43  VAL n 
2 44  ALA n 
2 45  CYS n 
2 46  LYS n 
2 47  ASN n 
2 48  GLY n 
2 49  GLN n 
2 50  THR n 
2 51  ASN n 
2 52  CYS n 
2 53  TYR n 
2 54  GLN n 
2 55  SER n 
2 56  TYR n 
2 57  SER n 
2 58  THR n 
2 59  MET n 
2 60  SER n 
2 61  ILE n 
2 62  THR n 
2 63  ASP n 
2 64  CYS n 
2 65  ARG n 
2 66  GLU n 
2 67  THR n 
2 68  GLY n 
2 69  SER n 
2 70  SER n 
2 71  LYS n 
2 72  TYR n 
2 73  PRO n 
2 74  ASN n 
2 75  CYS n 
2 76  ALA n 
2 77  TYR n 
2 78  LYS n 
2 79  THR n 
2 80  THR n 
2 81  GLN n 
2 82  ALA n 
2 83  ASN n 
2 84  LYS n 
2 85  HIS n 
2 86  ILE n 
2 87  ILE n 
2 88  VAL n 
2 89  ALA n 
2 90  CYS n 
2 91  GLU n 
2 92  GLY n 
2 93  ASN n 
2 94  PRO n 
2 95  TYR n 
2 96  VAL n 
2 97  PRO n 
2 98  VAL n 
2 99  HIS n 
2 100 PHE n 
2 101 ASP n 
2 102 ALA n 
2 103 SER n 
2 104 VAL n 
# 
_entity_src_nat.entity_id                  2 
_entity_src_nat.pdbx_src_id                1 
_entity_src_nat.pdbx_alt_source_flag       sample 
_entity_src_nat.pdbx_beg_seq_num           ? 
_entity_src_nat.pdbx_end_seq_num           ? 
_entity_src_nat.common_name                cattle 
_entity_src_nat.pdbx_organism_scientific   'Bos taurus' 
_entity_src_nat.pdbx_ncbi_taxonomy_id      9913 
_entity_src_nat.genus                      Bos 
_entity_src_nat.species                    ? 
_entity_src_nat.strain                     ? 
_entity_src_nat.tissue                     ? 
_entity_src_nat.tissue_fraction            ? 
_entity_src_nat.pdbx_secretion             ? 
_entity_src_nat.pdbx_fragment              ? 
_entity_src_nat.pdbx_variant               ? 
_entity_src_nat.pdbx_cell_line             ? 
_entity_src_nat.pdbx_atcc                  ? 
_entity_src_nat.pdbx_cellular_location     ? 
_entity_src_nat.pdbx_organ                 ? 
_entity_src_nat.pdbx_organelle             ? 
_entity_src_nat.pdbx_cell                  ? 
_entity_src_nat.pdbx_plasmid_name          ? 
_entity_src_nat.pdbx_plasmid_details       ? 
_entity_src_nat.details                    ? 
# 
_pdbx_entity_src_syn.entity_id              1 
_pdbx_entity_src_syn.pdbx_src_id            1 
_pdbx_entity_src_syn.pdbx_alt_source_flag   sample 
_pdbx_entity_src_syn.pdbx_beg_seq_num       ? 
_pdbx_entity_src_syn.pdbx_end_seq_num       ? 
_pdbx_entity_src_syn.organism_scientific    ? 
_pdbx_entity_src_syn.organism_common_name   ? 
_pdbx_entity_src_syn.ncbi_taxonomy_id       ? 
_pdbx_entity_src_syn.details                'S-Peptide containing the mutations was synthesized by solid phase peptide synthesis' 
# 
loop_
_struct_ref.id 
_struct_ref.db_name 
_struct_ref.db_code 
_struct_ref.pdbx_db_accession 
_struct_ref.entity_id 
_struct_ref.pdbx_align_begin 
_struct_ref.pdbx_db_isoform 
_struct_ref.pdbx_seq_one_letter_code 
1 UNP RNAS1_BOVIN P61823 1 27 ? ? 
2 UNP RNAS1_BOVIN P61823 2 47 ? ? 
# 
loop_
_struct_ref_seq.align_id 
_struct_ref_seq.ref_id 
_struct_ref_seq.pdbx_PDB_id_code 
_struct_ref_seq.pdbx_strand_id 
_struct_ref_seq.seq_align_beg 
_struct_ref_seq.pdbx_seq_align_beg_ins_code 
_struct_ref_seq.seq_align_end 
_struct_ref_seq.pdbx_seq_align_end_ins_code 
_struct_ref_seq.pdbx_db_accession 
_struct_ref_seq.db_align_beg 
_struct_ref_seq.pdbx_db_align_beg_ins_code 
_struct_ref_seq.db_align_end 
_struct_ref_seq.pdbx_db_align_end_ins_code 
_struct_ref_seq.pdbx_auth_seq_align_beg 
_struct_ref_seq.pdbx_auth_seq_align_end 
1 1 1Z3L S 1 ? 15  ? P61823 27 ? 41  ? 1  15  
2 2 1Z3L E 1 ? 104 ? P61823 47 ? 150 ? 21 124 
# 
loop_
_struct_ref_seq_dif.align_id 
_struct_ref_seq_dif.pdbx_pdb_id_code 
_struct_ref_seq_dif.mon_id 
_struct_ref_seq_dif.pdbx_pdb_strand_id 
_struct_ref_seq_dif.seq_num 
_struct_ref_seq_dif.pdbx_pdb_ins_code 
_struct_ref_seq_dif.pdbx_seq_db_name 
_struct_ref_seq_dif.pdbx_seq_db_accession_code 
_struct_ref_seq_dif.db_mon_id 
_struct_ref_seq_dif.pdbx_seq_db_seq_num 
_struct_ref_seq_dif.details 
_struct_ref_seq_dif.pdbx_auth_seq_num 
_struct_ref_seq_dif.pdbx_ordinal 
1 1Z3L ABA S 8  ? UNP P61823 PHE 34 'engineered mutation' 8  1 
1 1Z3L NLE S 13 ? UNP P61823 MET 39 'engineered mutation' 13 2 
# 
loop_
_chem_comp.id 
_chem_comp.type 
_chem_comp.mon_nstd_flag 
_chem_comp.name 
_chem_comp.pdbx_synonyms 
_chem_comp.formula 
_chem_comp.formula_weight 
ABA 'L-peptide linking' n 'ALPHA-AMINOBUTYRIC ACID' ? 'C4 H9 N O2'     103.120 
ALA 'L-peptide linking' y ALANINE                   ? 'C3 H7 N O2'     89.093  
ARG 'L-peptide linking' y ARGININE                  ? 'C6 H15 N4 O2 1' 175.209 
ASN 'L-peptide linking' y ASPARAGINE                ? 'C4 H8 N2 O3'    132.118 
ASP 'L-peptide linking' y 'ASPARTIC ACID'           ? 'C4 H7 N O4'     133.103 
CYS 'L-peptide linking' y CYSTEINE                  ? 'C3 H7 N O2 S'   121.158 
GLN 'L-peptide linking' y GLUTAMINE                 ? 'C5 H10 N2 O3'   146.144 
GLU 'L-peptide linking' y 'GLUTAMIC ACID'           ? 'C5 H9 N O4'     147.129 
GLY 'peptide linking'   y GLYCINE                   ? 'C2 H5 N O2'     75.067  
HIS 'L-peptide linking' y HISTIDINE                 ? 'C6 H10 N3 O2 1' 156.162 
HOH non-polymer         . WATER                     ? 'H2 O'           18.015  
ILE 'L-peptide linking' y ISOLEUCINE                ? 'C6 H13 N O2'    131.173 
LEU 'L-peptide linking' y LEUCINE                   ? 'C6 H13 N O2'    131.173 
LYS 'L-peptide linking' y LYSINE                    ? 'C6 H15 N2 O2 1' 147.195 
MET 'L-peptide linking' y METHIONINE                ? 'C5 H11 N O2 S'  149.211 
NLE 'L-peptide linking' n NORLEUCINE                ? 'C6 H13 N O2'    131.173 
PHE 'L-peptide linking' y PHENYLALANINE             ? 'C9 H11 N O2'    165.189 
PRO 'L-peptide linking' y PROLINE                   ? 'C5 H9 N O2'     115.130 
SER 'L-peptide linking' y SERINE                    ? 'C3 H7 N O3'     105.093 
SO4 non-polymer         . 'SULFATE ION'             ? 'O4 S -2'        96.063  
THR 'L-peptide linking' y THREONINE                 ? 'C4 H9 N O3'     119.119 
TYR 'L-peptide linking' y TYROSINE                  ? 'C9 H11 N O3'    181.189 
VAL 'L-peptide linking' y VALINE                    ? 'C5 H11 N O2'    117.146 
# 
_exptl.entry_id          1Z3L 
_exptl.method            'X-RAY DIFFRACTION' 
_exptl.crystals_number   1 
# 
_exptl_crystal.id                    1 
_exptl_crystal.density_meas          ? 
_exptl_crystal.density_Matthews      2.10 
_exptl_crystal.density_percent_sol   41.48 
_exptl_crystal.description           ? 
_exptl_crystal.F_000                 ? 
_exptl_crystal.preparation           ? 
# 
_exptl_crystal_grow.crystal_id      1 
_exptl_crystal_grow.method          'Batch method' 
_exptl_crystal_grow.temp            293 
_exptl_crystal_grow.temp_details    ? 
_exptl_crystal_grow.pH              5.75 
_exptl_crystal_grow.pdbx_details    'ammonium sulfate, cesium chloride, sodium acetate, pH 5.75, Batch method, temperature 293K' 
_exptl_crystal_grow.pdbx_pH_range   . 
# 
_diffrn.id                     1 
_diffrn.ambient_temp           293 
_diffrn.ambient_temp_details   ? 
_diffrn.crystal_id             1 
# 
_diffrn_detector.diffrn_id              1 
_diffrn_detector.detector               'IMAGE PLATE' 
_diffrn_detector.type                   'MAR scanner 300 mm plate' 
_diffrn_detector.pdbx_collection_date   2003-12-05 
_diffrn_detector.details                ? 
# 
_diffrn_radiation.diffrn_id                        1 
_diffrn_radiation.wavelength_id                    1 
_diffrn_radiation.pdbx_monochromatic_or_laue_m_l   M 
_diffrn_radiation.monochromator                    ? 
_diffrn_radiation.pdbx_diffrn_protocol             'SINGLE WAVELENGTH' 
_diffrn_radiation.pdbx_scattering_type             x-ray 
# 
_diffrn_radiation_wavelength.id           1 
_diffrn_radiation_wavelength.wavelength   1.5418 
_diffrn_radiation_wavelength.wt           1.0 
# 
_diffrn_source.diffrn_id                   1 
_diffrn_source.source                      'ROTATING ANODE' 
_diffrn_source.type                        'RIGAKU RU200' 
_diffrn_source.pdbx_synchrotron_site       ? 
_diffrn_source.pdbx_synchrotron_beamline   ? 
_diffrn_source.pdbx_wavelength             ? 
_diffrn_source.pdbx_wavelength_list        1.5418 
# 
_reflns.entry_id                     1Z3L 
_reflns.observed_criterion_sigma_I   0.0 
_reflns.observed_criterion_sigma_F   0.0 
_reflns.d_resolution_low             20.0 
_reflns.d_resolution_high            1.8 
_reflns.number_obs                   10679 
_reflns.number_all                   10932 
_reflns.percent_possible_obs         97.8 
_reflns.pdbx_Rmerge_I_obs            0.071 
_reflns.pdbx_Rsym_value              ? 
_reflns.pdbx_netI_over_sigmaI        ? 
_reflns.B_iso_Wilson_estimate        22.0 
_reflns.pdbx_redundancy              3.4 
_reflns.R_free_details               ? 
_reflns.limit_h_max                  ? 
_reflns.limit_h_min                  ? 
_reflns.limit_k_max                  ? 
_reflns.limit_k_min                  ? 
_reflns.limit_l_max                  ? 
_reflns.limit_l_min                  ? 
_reflns.observed_criterion_F_max     ? 
_reflns.observed_criterion_F_min     ? 
_reflns.pdbx_chi_squared             ? 
_reflns.pdbx_scaling_rejects         ? 
_reflns.pdbx_diffrn_id               1 
_reflns.pdbx_ordinal                 1 
# 
_reflns_shell.d_res_high             1.80 
_reflns_shell.d_res_low              1.86 
_reflns_shell.percent_possible_all   97.0 
_reflns_shell.Rmerge_I_obs           0.208 
_reflns_shell.pdbx_Rsym_value        ? 
_reflns_shell.meanI_over_sigI_obs    ? 
_reflns_shell.pdbx_redundancy        ? 
_reflns_shell.percent_possible_obs   ? 
_reflns_shell.number_unique_all      ? 
_reflns_shell.number_measured_all    ? 
_reflns_shell.number_measured_obs    ? 
_reflns_shell.number_unique_obs      ? 
_reflns_shell.pdbx_chi_squared       ? 
_reflns_shell.pdbx_diffrn_id         ? 
_reflns_shell.pdbx_ordinal           1 
# 
_refine.entry_id                                 1Z3L 
_refine.ls_number_reflns_obs                     10661 
_refine.ls_number_reflns_all                     10867 
_refine.pdbx_ls_sigma_I                          ? 
_refine.pdbx_ls_sigma_F                          0.0 
_refine.pdbx_data_cutoff_high_absF               888102.91 
_refine.pdbx_data_cutoff_low_absF                0.000000 
_refine.pdbx_data_cutoff_high_rms_absF           ? 
_refine.ls_d_res_low                             14.97 
_refine.ls_d_res_high                            1.80 
_refine.ls_percent_reflns_obs                    98.0 
_refine.ls_R_factor_obs                          0.197 
_refine.ls_R_factor_all                          ? 
_refine.ls_R_factor_R_work                       0.197 
_refine.ls_R_factor_R_free                       0.226 
_refine.ls_R_factor_R_free_error                 0.010 
_refine.ls_R_factor_R_free_error_details         ? 
_refine.ls_percent_reflns_R_free                 4.8 
_refine.ls_number_reflns_R_free                  516 
_refine.ls_number_parameters                     ? 
_refine.ls_number_restraints                     ? 
_refine.occupancy_min                            ? 
_refine.occupancy_max                            ? 
_refine.correlation_coeff_Fo_to_Fc               ? 
_refine.correlation_coeff_Fo_to_Fc_free          ? 
_refine.B_iso_mean                               26.8 
_refine.aniso_B[1][1]                            ? 
_refine.aniso_B[2][2]                            ? 
_refine.aniso_B[3][3]                            ? 
_refine.aniso_B[1][2]                            ? 
_refine.aniso_B[1][3]                            ? 
_refine.aniso_B[2][3]                            ? 
_refine.solvent_model_details                    'FLAT MODEL' 
_refine.solvent_model_param_ksol                 0.389339 
_refine.solvent_model_param_bsol                 40.5132 
_refine.pdbx_solvent_vdw_probe_radii             ? 
_refine.pdbx_solvent_ion_probe_radii             ? 
_refine.pdbx_solvent_shrinkage_radii             ? 
_refine.pdbx_ls_cross_valid_method               THROUGHOUT 
_refine.details                                  ? 
_refine.pdbx_starting_model                      'PDB entry 2RLN' 
_refine.pdbx_method_to_determine_struct          'MOLECULAR REPLACEMENT' 
_refine.pdbx_isotropic_thermal_model             RESTRAINED 
_refine.pdbx_stereochemistry_target_values       'Engh & Huber' 
_refine.pdbx_stereochem_target_val_spec_case     ? 
_refine.pdbx_R_Free_selection_details            RANDOM 
_refine.pdbx_overall_ESU_R                       ? 
_refine.pdbx_overall_ESU_R_Free                  ? 
_refine.overall_SU_ML                            ? 
_refine.overall_SU_B                             ? 
_refine.ls_redundancy_reflns_obs                 ? 
_refine.B_iso_min                                ? 
_refine.B_iso_max                                ? 
_refine.overall_SU_R_Cruickshank_DPI             ? 
_refine.overall_SU_R_free                        ? 
_refine.ls_wR_factor_R_free                      ? 
_refine.ls_wR_factor_R_work                      ? 
_refine.overall_FOM_free_R_set                   ? 
_refine.overall_FOM_work_R_set                   ? 
_refine.pdbx_refine_id                           'X-RAY DIFFRACTION' 
_refine.pdbx_diffrn_id                           1 
_refine.pdbx_TLS_residual_ADP_flag               ? 
_refine.pdbx_overall_phase_error                 ? 
_refine.pdbx_overall_SU_R_free_Cruickshank_DPI   ? 
_refine.pdbx_overall_SU_R_Blow_DPI               ? 
_refine.pdbx_overall_SU_R_free_Blow_DPI          ? 
# 
_refine_analyze.entry_id                        1Z3L 
_refine_analyze.Luzzati_coordinate_error_obs    0.20 
_refine_analyze.Luzzati_sigma_a_obs             0.08 
_refine_analyze.Luzzati_d_res_low_obs           15.00 
_refine_analyze.Luzzati_coordinate_error_free   0.24 
_refine_analyze.Luzzati_sigma_a_free            0.13 
_refine_analyze.Luzzati_d_res_low_free          ? 
_refine_analyze.number_disordered_residues      ? 
_refine_analyze.occupancy_sum_hydrogen          ? 
_refine_analyze.occupancy_sum_non_hydrogen      ? 
_refine_analyze.pdbx_Luzzati_d_res_high_obs     ? 
_refine_analyze.pdbx_refine_id                  'X-RAY DIFFRACTION' 
# 
_refine_hist.pdbx_refine_id                   'X-RAY DIFFRACTION' 
_refine_hist.cycle_id                         LAST 
_refine_hist.pdbx_number_atoms_protein        918 
_refine_hist.pdbx_number_atoms_nucleic_acid   0 
_refine_hist.pdbx_number_atoms_ligand         10 
_refine_hist.number_atoms_solvent             63 
_refine_hist.number_atoms_total               991 
_refine_hist.d_res_high                       1.80 
_refine_hist.d_res_low                        14.97 
# 
loop_
_refine_ls_restr.type 
_refine_ls_restr.dev_ideal 
_refine_ls_restr.dev_ideal_target 
_refine_ls_restr.weight 
_refine_ls_restr.number 
_refine_ls_restr.pdbx_refine_id 
_refine_ls_restr.pdbx_restraint_function 
c_bond_d           0.004 ?    ? ? 'X-RAY DIFFRACTION' ? 
c_angle_deg        1.2   ?    ? ? 'X-RAY DIFFRACTION' ? 
c_dihedral_angle_d 24.0  ?    ? ? 'X-RAY DIFFRACTION' ? 
c_improper_angle_d 0.70  ?    ? ? 'X-RAY DIFFRACTION' ? 
c_mcbond_it        1.57  1.50 ? ? 'X-RAY DIFFRACTION' ? 
c_mcangle_it       2.59  2.00 ? ? 'X-RAY DIFFRACTION' ? 
c_scbond_it        2.46  2.00 ? ? 'X-RAY DIFFRACTION' ? 
c_scangle_it       3.82  2.50 ? ? 'X-RAY DIFFRACTION' ? 
# 
_refine_ls_shell.pdbx_total_number_of_bins_used   7 
_refine_ls_shell.d_res_high                       1.80 
_refine_ls_shell.d_res_low                        1.89 
_refine_ls_shell.number_reflns_R_work             1385 
_refine_ls_shell.R_factor_R_work                  0.225 
_refine_ls_shell.percent_reflns_obs               96.9 
_refine_ls_shell.R_factor_R_free                  0.251 
_refine_ls_shell.R_factor_R_free_error            0.029 
_refine_ls_shell.percent_reflns_R_free            5.1 
_refine_ls_shell.number_reflns_R_free             75 
_refine_ls_shell.number_reflns_obs                ? 
_refine_ls_shell.redundancy_reflns_obs            ? 
_refine_ls_shell.number_reflns_all                ? 
_refine_ls_shell.pdbx_refine_id                   'X-RAY DIFFRACTION' 
_refine_ls_shell.R_factor_all                     ? 
# 
loop_
_pdbx_xplor_file.serial_no 
_pdbx_xplor_file.param_file 
_pdbx_xplor_file.topol_file 
_pdbx_xplor_file.pdbx_refine_id 
1 PROT.PARAM        PROTEIN1.TOP 'X-RAY DIFFRACTION' 
2 DNA-RNA_REP.PARAM DNA-RNA.TOP  'X-RAY DIFFRACTION' 
3 WATER_REP.PARAM   WATER.TOP    'X-RAY DIFFRACTION' 
4 ION.PARAM         ION.TOP      'X-RAY DIFFRACTION' 
# 
_struct.entry_id                  1Z3L 
_struct.title                     'X-Ray Crystal Structure of a Mutant Ribonuclease S (F8Anb)' 
_struct.pdbx_model_details        ? 
_struct.pdbx_CASP_flag            ? 
_struct.pdbx_model_type_details   ? 
# 
_struct_keywords.entry_id        1Z3L 
_struct_keywords.pdbx_keywords   HYDROLASE 
_struct_keywords.text            'RNase-S mutant (F8Anb), S-Protein, S-Peptide, Cavity, Hydrolase' 
# 
loop_
_struct_asym.id 
_struct_asym.pdbx_blank_PDB_chainid_flag 
_struct_asym.pdbx_modified 
_struct_asym.entity_id 
_struct_asym.details 
A N N 1 ? 
B N N 2 ? 
C N N 3 ? 
D N N 3 ? 
E N N 4 ? 
F N N 4 ? 
# 
_struct_biol.id                    1 
_struct_biol.pdbx_parent_biol_id   ? 
_struct_biol.details               ? 
# 
loop_
_struct_conf.conf_type_id 
_struct_conf.id 
_struct_conf.pdbx_PDB_helix_id 
_struct_conf.beg_label_comp_id 
_struct_conf.beg_label_asym_id 
_struct_conf.beg_label_seq_id 
_struct_conf.pdbx_beg_PDB_ins_code 
_struct_conf.end_label_comp_id 
_struct_conf.end_label_asym_id 
_struct_conf.end_label_seq_id 
_struct_conf.pdbx_end_PDB_ins_code 
_struct_conf.beg_auth_comp_id 
_struct_conf.beg_auth_asym_id 
_struct_conf.beg_auth_seq_id 
_struct_conf.end_auth_comp_id 
_struct_conf.end_auth_asym_id 
_struct_conf.end_auth_seq_id 
_struct_conf.pdbx_PDB_helix_class 
_struct_conf.details 
_struct_conf.pdbx_PDB_helix_length 
HELX_P HELX_P1 1 THR A 3  ? NLE A 13 ? THR S 3  NLE S 13 1 ? 11 
HELX_P HELX_P2 2 ASN B 4  ? ARG B 13 ? ASN E 24 ARG E 33 1 ? 10 
HELX_P HELX_P3 3 SER B 30 ? ALA B 36 ? SER E 50 ALA E 56 1 ? 7  
HELX_P HELX_P4 4 VAL B 37 ? GLN B 40 ? VAL E 57 GLN E 60 5 ? 4  
# 
_struct_conf_type.id          HELX_P 
_struct_conf_type.criteria    ? 
_struct_conf_type.reference   ? 
# 
loop_
_struct_conn.id 
_struct_conn.conn_type_id 
_struct_conn.pdbx_leaving_atom_flag 
_struct_conn.pdbx_PDB_id 
_struct_conn.ptnr1_label_asym_id 
_struct_conn.ptnr1_label_comp_id 
_struct_conn.ptnr1_label_seq_id 
_struct_conn.ptnr1_label_atom_id 
_struct_conn.pdbx_ptnr1_label_alt_id 
_struct_conn.pdbx_ptnr1_PDB_ins_code 
_struct_conn.pdbx_ptnr1_standard_comp_id 
_struct_conn.ptnr1_symmetry 
_struct_conn.ptnr2_label_asym_id 
_struct_conn.ptnr2_label_comp_id 
_struct_conn.ptnr2_label_seq_id 
_struct_conn.ptnr2_label_atom_id 
_struct_conn.pdbx_ptnr2_label_alt_id 
_struct_conn.pdbx_ptnr2_PDB_ins_code 
_struct_conn.ptnr1_auth_asym_id 
_struct_conn.ptnr1_auth_comp_id 
_struct_conn.ptnr1_auth_seq_id 
_struct_conn.ptnr2_auth_asym_id 
_struct_conn.ptnr2_auth_comp_id 
_struct_conn.ptnr2_auth_seq_id 
_struct_conn.ptnr2_symmetry 
_struct_conn.pdbx_ptnr3_label_atom_id 
_struct_conn.pdbx_ptnr3_label_seq_id 
_struct_conn.pdbx_ptnr3_label_comp_id 
_struct_conn.pdbx_ptnr3_label_asym_id 
_struct_conn.pdbx_ptnr3_label_alt_id 
_struct_conn.pdbx_ptnr3_PDB_ins_code 
_struct_conn.details 
_struct_conn.pdbx_dist_value 
_struct_conn.pdbx_value_order 
_struct_conn.pdbx_role 
disulf1 disulf ?    ? B CYS 6  SG ? ? ? 1_555 B CYS 64 SG ? ? E CYS 26 E CYS 84  1_555 ? ? ? ? ? ? ? 2.026 ? ? 
disulf2 disulf ?    ? B CYS 20 SG ? ? ? 1_555 B CYS 75 SG ? ? E CYS 40 E CYS 95  1_555 ? ? ? ? ? ? ? 2.029 ? ? 
disulf3 disulf ?    ? B CYS 38 SG ? ? ? 1_555 B CYS 90 SG ? ? E CYS 58 E CYS 110 1_555 ? ? ? ? ? ? ? 2.029 ? ? 
disulf4 disulf ?    ? B CYS 45 SG ? ? ? 1_555 B CYS 52 SG ? ? E CYS 65 E CYS 72  1_555 ? ? ? ? ? ? ? 2.031 ? ? 
covale1 covale both ? A LYS 7  C  ? ? ? 1_555 A ABA 8  N  ? ? S LYS 7  S ABA 8   1_555 ? ? ? ? ? ? ? 1.330 ? ? 
covale2 covale both ? A ABA 8  C  ? ? ? 1_555 A GLU 9  N  ? ? S ABA 8  S GLU 9   1_555 ? ? ? ? ? ? ? 1.331 ? ? 
covale3 covale both ? A HIS 12 C  ? ? ? 1_555 A NLE 13 N  ? ? S HIS 12 S NLE 13  1_555 ? ? ? ? ? ? ? 1.325 ? ? 
covale4 covale both ? A NLE 13 C  ? ? ? 1_555 A ASP 14 N  ? ? S NLE 13 S ASP 14  1_555 ? ? ? ? ? ? ? 1.329 ? ? 
# 
loop_
_struct_conn_type.id 
_struct_conn_type.criteria 
_struct_conn_type.reference 
disulf ? ? 
covale ? ? 
# 
loop_
_struct_mon_prot_cis.pdbx_id 
_struct_mon_prot_cis.label_comp_id 
_struct_mon_prot_cis.label_seq_id 
_struct_mon_prot_cis.label_asym_id 
_struct_mon_prot_cis.label_alt_id 
_struct_mon_prot_cis.pdbx_PDB_ins_code 
_struct_mon_prot_cis.auth_comp_id 
_struct_mon_prot_cis.auth_seq_id 
_struct_mon_prot_cis.auth_asym_id 
_struct_mon_prot_cis.pdbx_label_comp_id_2 
_struct_mon_prot_cis.pdbx_label_seq_id_2 
_struct_mon_prot_cis.pdbx_label_asym_id_2 
_struct_mon_prot_cis.pdbx_PDB_ins_code_2 
_struct_mon_prot_cis.pdbx_auth_comp_id_2 
_struct_mon_prot_cis.pdbx_auth_seq_id_2 
_struct_mon_prot_cis.pdbx_auth_asym_id_2 
_struct_mon_prot_cis.pdbx_PDB_model_num 
_struct_mon_prot_cis.pdbx_omega_angle 
1 TYR 72 B . ? TYR 92  E PRO 73 B ? PRO 93  E 1 0.28 
2 ASN 93 B . ? ASN 113 E PRO 94 B ? PRO 114 E 1 0.13 
# 
loop_
_struct_sheet.id 
_struct_sheet.type 
_struct_sheet.number_strands 
_struct_sheet.details 
A ? 3 ? 
B ? 4 ? 
# 
loop_
_struct_sheet_order.sheet_id 
_struct_sheet_order.range_id_1 
_struct_sheet_order.range_id_2 
_struct_sheet_order.offset 
_struct_sheet_order.sense 
A 1 2 ? anti-parallel 
A 2 3 ? anti-parallel 
B 1 2 ? anti-parallel 
B 2 3 ? anti-parallel 
B 3 4 ? anti-parallel 
# 
loop_
_struct_sheet_range.sheet_id 
_struct_sheet_range.id 
_struct_sheet_range.beg_label_comp_id 
_struct_sheet_range.beg_label_asym_id 
_struct_sheet_range.beg_label_seq_id 
_struct_sheet_range.pdbx_beg_PDB_ins_code 
_struct_sheet_range.end_label_comp_id 
_struct_sheet_range.end_label_asym_id 
_struct_sheet_range.end_label_seq_id 
_struct_sheet_range.pdbx_end_PDB_ins_code 
_struct_sheet_range.beg_auth_comp_id 
_struct_sheet_range.beg_auth_asym_id 
_struct_sheet_range.beg_auth_seq_id 
_struct_sheet_range.end_auth_comp_id 
_struct_sheet_range.end_auth_asym_id 
_struct_sheet_range.end_auth_seq_id 
A 1 VAL B 23 ? VAL B 27  ? VAL E 43  VAL E 47  
A 2 MET B 59 ? GLU B 66  ? MET E 79  GLU E 86  
A 3 TYR B 77 ? LYS B 84  ? TYR E 97  LYS E 104 
B 1 LYS B 41 ? VAL B 43  ? LYS E 61  VAL E 63  
B 2 CYS B 52 ? GLN B 54  ? CYS E 72  GLN E 74  
B 3 ILE B 86 ? GLU B 91  ? ILE E 106 GLU E 111 
B 4 VAL B 96 ? SER B 103 ? VAL E 116 SER E 123 
# 
loop_
_pdbx_struct_sheet_hbond.sheet_id 
_pdbx_struct_sheet_hbond.range_id_1 
_pdbx_struct_sheet_hbond.range_id_2 
_pdbx_struct_sheet_hbond.range_1_label_atom_id 
_pdbx_struct_sheet_hbond.range_1_label_comp_id 
_pdbx_struct_sheet_hbond.range_1_label_asym_id 
_pdbx_struct_sheet_hbond.range_1_label_seq_id 
_pdbx_struct_sheet_hbond.range_1_PDB_ins_code 
_pdbx_struct_sheet_hbond.range_1_auth_atom_id 
_pdbx_struct_sheet_hbond.range_1_auth_comp_id 
_pdbx_struct_sheet_hbond.range_1_auth_asym_id 
_pdbx_struct_sheet_hbond.range_1_auth_seq_id 
_pdbx_struct_sheet_hbond.range_2_label_atom_id 
_pdbx_struct_sheet_hbond.range_2_label_comp_id 
_pdbx_struct_sheet_hbond.range_2_label_asym_id 
_pdbx_struct_sheet_hbond.range_2_label_seq_id 
_pdbx_struct_sheet_hbond.range_2_PDB_ins_code 
_pdbx_struct_sheet_hbond.range_2_auth_atom_id 
_pdbx_struct_sheet_hbond.range_2_auth_comp_id 
_pdbx_struct_sheet_hbond.range_2_auth_asym_id 
_pdbx_struct_sheet_hbond.range_2_auth_seq_id 
A 1 2 N ASN B 24 ? N ASN E 44  O CYS B 64 ? O CYS E 84  
A 2 3 N ASP B 63 ? N ASP E 83  O THR B 80 ? O THR E 100 
B 1 2 N LYS B 41 ? N LYS E 61  O GLN B 54 ? O GLN E 74  
B 2 3 N TYR B 53 ? N TYR E 73  O VAL B 88 ? O VAL E 108 
B 3 4 N ALA B 89 ? N ALA E 109 O VAL B 98 ? O VAL E 118 
# 
loop_
_struct_site.id 
_struct_site.pdbx_evidence_code 
_struct_site.pdbx_auth_asym_id 
_struct_site.pdbx_auth_comp_id 
_struct_site.pdbx_auth_seq_id 
_struct_site.pdbx_auth_ins_code 
_struct_site.pdbx_num_residues 
_struct_site.details 
AC1 Software E SO4 125 ? 4 'BINDING SITE FOR RESIDUE SO4 E 125' 
AC2 Software E SO4 126 ? 5 'BINDING SITE FOR RESIDUE SO4 E 126' 
# 
loop_
_struct_site_gen.id 
_struct_site_gen.site_id 
_struct_site_gen.pdbx_num_res 
_struct_site_gen.label_comp_id 
_struct_site_gen.label_asym_id 
_struct_site_gen.label_seq_id 
_struct_site_gen.pdbx_auth_ins_code 
_struct_site_gen.auth_comp_id 
_struct_site_gen.auth_asym_id 
_struct_site_gen.auth_seq_id 
_struct_site_gen.label_atom_id 
_struct_site_gen.label_alt_id 
_struct_site_gen.symmetry 
_struct_site_gen.details 
1 AC1 4 HIS B 99  ? HIS E 119 . ? 1_555 ? 
2 AC1 4 PHE B 100 ? PHE E 120 . ? 1_555 ? 
3 AC1 4 HOH F .   ? HOH E 263 . ? 1_555 ? 
4 AC1 4 HIS A 12  ? HIS S 12  . ? 1_555 ? 
5 AC2 5 SER B 30  ? SER E 50  . ? 1_555 ? 
6 AC2 5 LEU B 31  ? LEU E 51  . ? 1_555 ? 
7 AC2 5 LYS B 41  ? LYS E 61  . ? 6_455 ? 
8 AC2 5 HOH F .   ? HOH E 206 . ? 1_555 ? 
9 AC2 5 SER A 15  ? SER S 15  . ? 1_555 ? 
# 
_atom_sites.entry_id                    1Z3L 
_atom_sites.fract_transf_matrix[1][1]   -0.00682124 
_atom_sites.fract_transf_matrix[1][2]   -0.00395468 
_atom_sites.fract_transf_matrix[1][3]   0.02474351 
_atom_sites.fract_transf_matrix[2][1]   0.00359217 
_atom_sites.fract_transf_matrix[2][2]   0.01874140 
_atom_sites.fract_transf_matrix[2][3]   0.01761378 
_atom_sites.fract_transf_matrix[3][1]   -0.00937008 
_atom_sites.fract_transf_matrix[3][2]   0.00367209 
_atom_sites.fract_transf_matrix[3][3]   -0.00199623 
_atom_sites.fract_transf_vector[1]      -0.417723 
_atom_sites.fract_transf_vector[2]      -0.218189 
_atom_sites.fract_transf_vector[3]      0.076272 
# 
loop_
_atom_type.symbol 
C 
N 
O 
S 
# 
loop_
_atom_site.group_PDB 
_atom_site.id 
_atom_site.type_symbol 
_atom_site.label_atom_id 
_atom_site.label_alt_id 
_atom_site.label_comp_id 
_atom_site.label_asym_id 
_atom_site.label_entity_id 
_atom_site.label_seq_id 
_atom_site.pdbx_PDB_ins_code 
_atom_site.Cartn_x 
_atom_site.Cartn_y 
_atom_site.Cartn_z 
_atom_site.occupancy 
_atom_site.B_iso_or_equiv 
_atom_site.pdbx_formal_charge 
_atom_site.auth_seq_id 
_atom_site.auth_comp_id 
_atom_site.auth_asym_id 
_atom_site.auth_atom_id 
_atom_site.pdbx_PDB_model_num 
ATOM   1   N N   . LYS A 1 1   ? -10.108 16.524  8.746   1.00 43.48 ? 1   LYS S N   1 
ATOM   2   C CA  . LYS A 1 1   ? -8.744  16.000  8.454   1.00 43.17 ? 1   LYS S CA  1 
ATOM   3   C C   . LYS A 1 1   ? -8.826  14.930  7.366   1.00 40.89 ? 1   LYS S C   1 
ATOM   4   O O   . LYS A 1 1   ? -9.859  14.771  6.716   1.00 41.73 ? 1   LYS S O   1 
ATOM   5   C CB  . LYS A 1 1   ? -8.132  15.405  9.727   1.00 46.50 ? 1   LYS S CB  1 
ATOM   6   C CG  . LYS A 1 1   ? -6.635  15.128  9.641   1.00 50.08 ? 1   LYS S CG  1 
ATOM   7   C CD  . LYS A 1 1   ? -5.850  16.415  9.418   1.00 52.67 ? 1   LYS S CD  1 
ATOM   8   C CE  . LYS A 1 1   ? -4.354  16.150  9.329   1.00 54.10 ? 1   LYS S CE  1 
ATOM   9   N NZ  . LYS A 1 1   ? -4.009  15.251  8.191   1.00 54.97 ? 1   LYS S NZ  1 
ATOM   10  N N   . GLU A 1 2   ? -7.732  14.206  7.167   1.00 36.67 ? 2   GLU S N   1 
ATOM   11  C CA  . GLU A 1 2   ? -7.685  13.145  6.171   1.00 32.47 ? 2   GLU S CA  1 
ATOM   12  C C   . GLU A 1 2   ? -8.329  11.896  6.775   1.00 29.94 ? 2   GLU S C   1 
ATOM   13  O O   . GLU A 1 2   ? -7.989  11.495  7.888   1.00 29.73 ? 2   GLU S O   1 
ATOM   14  C CB  . GLU A 1 2   ? -6.228  12.865  5.794   1.00 31.60 ? 2   GLU S CB  1 
ATOM   15  C CG  . GLU A 1 2   ? -6.030  11.818  4.714   1.00 29.46 ? 2   GLU S CG  1 
ATOM   16  C CD  . GLU A 1 2   ? -4.559  11.585  4.408   1.00 26.01 ? 2   GLU S CD  1 
ATOM   17  O OE1 . GLU A 1 2   ? -3.792  11.315  5.353   1.00 26.60 ? 2   GLU S OE1 1 
ATOM   18  O OE2 . GLU A 1 2   ? -4.172  11.669  3.225   1.00 25.54 ? 2   GLU S OE2 1 
ATOM   19  N N   . THR A 1 3   ? -9.266  11.293  6.049   1.00 27.42 ? 3   THR S N   1 
ATOM   20  C CA  . THR A 1 3   ? -9.944  10.090  6.530   1.00 25.45 ? 3   THR S CA  1 
ATOM   21  C C   . THR A 1 3   ? -9.054  8.868   6.324   1.00 24.32 ? 3   THR S C   1 
ATOM   22  O O   . THR A 1 3   ? -8.089  8.924   5.564   1.00 22.01 ? 3   THR S O   1 
ATOM   23  C CB  . THR A 1 3   ? -11.269 9.845   5.779   1.00 27.36 ? 3   THR S CB  1 
ATOM   24  O OG1 . THR A 1 3   ? -10.991 9.442   4.432   1.00 25.09 ? 3   THR S OG1 1 
ATOM   25  C CG2 . THR A 1 3   ? -12.112 11.117  5.756   1.00 26.84 ? 3   THR S CG2 1 
ATOM   26  N N   . ALA A 1 4   ? -9.382  7.769   7.001   1.00 21.82 ? 4   ALA S N   1 
ATOM   27  C CA  . ALA A 1 4   ? -8.606  6.540   6.880   1.00 22.64 ? 4   ALA S CA  1 
ATOM   28  C C   . ALA A 1 4   ? -8.599  6.058   5.434   1.00 20.85 ? 4   ALA S C   1 
ATOM   29  O O   . ALA A 1 4   ? -7.574  5.592   4.931   1.00 21.73 ? 4   ALA S O   1 
ATOM   30  C CB  . ALA A 1 4   ? -9.182  5.463   7.790   1.00 22.74 ? 4   ALA S CB  1 
ATOM   31  N N   . ALA A 1 5   ? -9.745  6.170   4.767   1.00 20.80 ? 5   ALA S N   1 
ATOM   32  C CA  . ALA A 1 5   ? -9.859  5.746   3.371   1.00 20.11 ? 5   ALA S CA  1 
ATOM   33  C C   . ALA A 1 5   ? -8.972  6.605   2.466   1.00 20.06 ? 5   ALA S C   1 
ATOM   34  O O   . ALA A 1 5   ? -8.313  6.093   1.556   1.00 19.38 ? 5   ALA S O   1 
ATOM   35  C CB  . ALA A 1 5   ? -11.313 5.833   2.915   1.00 20.09 ? 5   ALA S CB  1 
ATOM   36  N N   . ALA A 1 6   ? -8.961  7.911   2.718   1.00 18.41 ? 6   ALA S N   1 
ATOM   37  C CA  . ALA A 1 6   ? -8.148  8.834   1.926   1.00 18.72 ? 6   ALA S CA  1 
ATOM   38  C C   . ALA A 1 6   ? -6.665  8.551   2.141   1.00 18.08 ? 6   ALA S C   1 
ATOM   39  O O   . ALA A 1 6   ? -5.872  8.584   1.195   1.00 18.26 ? 6   ALA S O   1 
ATOM   40  C CB  . ALA A 1 6   ? -8.461  10.278  2.315   1.00 18.91 ? 6   ALA S CB  1 
ATOM   41  N N   . LYS A 1 7   ? -6.297  8.287   3.390   1.00 17.94 ? 7   LYS S N   1 
ATOM   42  C CA  . LYS A 1 7   ? -4.910  7.997   3.731   1.00 17.73 ? 7   LYS S CA  1 
ATOM   43  C C   . LYS A 1 7   ? -4.440  6.741   3.010   1.00 17.51 ? 7   LYS S C   1 
ATOM   44  O O   . LYS A 1 7   ? -3.320  6.690   2.500   1.00 14.65 ? 7   LYS S O   1 
ATOM   45  C CB  . LYS A 1 7   ? -4.763  7.806   5.243   1.00 19.47 ? 7   LYS S CB  1 
ATOM   46  C CG  . LYS A 1 7   ? -3.345  7.507   5.693   1.00 24.22 ? 7   LYS S CG  1 
ATOM   47  C CD  . LYS A 1 7   ? -3.260  7.393   7.209   1.00 27.47 ? 7   LYS S CD  1 
ATOM   48  C CE  . LYS A 1 7   ? -1.835  7.102   7.654   1.00 31.97 ? 7   LYS S CE  1 
ATOM   49  N NZ  . LYS A 1 7   ? -1.728  6.971   9.135   1.00 34.51 ? 7   LYS S NZ  1 
HETATM 50  N N   . ABA A 1 8   ? -5.298  5.726   2.966   1.00 15.85 ? 8   ABA S N   1 
HETATM 51  C CA  . ABA A 1 8   ? -4.951  4.473   2.301   1.00 15.74 ? 8   ABA S CA  1 
HETATM 52  C C   . ABA A 1 8   ? -4.691  4.710   0.810   1.00 14.66 ? 8   ABA S C   1 
HETATM 53  O O   . ABA A 1 8   ? -3.766  4.137   0.235   1.00 16.07 ? 8   ABA S O   1 
HETATM 54  C CB  . ABA A 1 8   ? -6.078  3.449   2.485   1.00 17.05 ? 8   ABA S CB  1 
HETATM 55  C CG  . ABA A 1 8   ? -5.782  2.091   1.867   1.00 20.97 ? 8   ABA S CG  1 
ATOM   56  N N   . GLU A 1 9   ? -5.502  5.560   0.185   1.00 14.08 ? 9   GLU S N   1 
ATOM   57  C CA  . GLU A 1 9   ? -5.338  5.863   -1.234  1.00 15.05 ? 9   GLU S CA  1 
ATOM   58  C C   . GLU A 1 9   ? -4.027  6.606   -1.486  1.00 15.55 ? 9   GLU S C   1 
ATOM   59  O O   . GLU A 1 9   ? -3.271  6.277   -2.405  1.00 15.55 ? 9   GLU S O   1 
ATOM   60  C CB  . GLU A 1 9   ? -6.502  6.721   -1.732  1.00 16.16 ? 9   GLU S CB  1 
ATOM   61  C CG  . GLU A 1 9   ? -7.867  6.074   -1.560  1.00 20.84 ? 9   GLU S CG  1 
ATOM   62  C CD  . GLU A 1 9   ? -9.000  6.995   -1.980  1.00 26.26 ? 9   GLU S CD  1 
ATOM   63  O OE1 . GLU A 1 9   ? -8.929  8.204   -1.673  1.00 29.12 ? 9   GLU S OE1 1 
ATOM   64  O OE2 . GLU A 1 9   ? -9.964  6.509   -2.606  1.00 30.05 ? 9   GLU S OE2 1 
ATOM   65  N N   . ARG A 1 10  ? -3.762  7.617   -0.670  1.00 14.65 ? 10  ARG S N   1 
ATOM   66  C CA  . ARG A 1 10  ? -2.541  8.401   -0.815  1.00 13.39 ? 10  ARG S CA  1 
ATOM   67  C C   . ARG A 1 10  ? -1.269  7.572   -0.619  1.00 14.69 ? 10  ARG S C   1 
ATOM   68  O O   . ARG A 1 10  ? -0.297  7.718   -1.368  1.00 15.45 ? 10  ARG S O   1 
ATOM   69  C CB  . ARG A 1 10  ? -2.543  9.567   0.183   1.00 15.11 ? 10  ARG S CB  1 
ATOM   70  C CG  . ARG A 1 10  ? -1.215  10.321  0.259   1.00 17.60 ? 10  ARG S CG  1 
ATOM   71  C CD  . ARG A 1 10  ? -1.306  11.525  1.196   1.00 17.41 ? 10  ARG S CD  1 
ATOM   72  N NE  . ARG A 1 10  ? -1.624  11.163  2.579   1.00 18.42 ? 10  ARG S NE  1 
ATOM   73  C CZ  . ARG A 1 10  ? -0.762  10.660  3.456   1.00 20.86 ? 10  ARG S CZ  1 
ATOM   74  N NH1 . ARG A 1 10  ? 0.503   10.444  3.114   1.00 21.71 ? 10  ARG S NH1 1 
ATOM   75  N NH2 . ARG A 1 10  ? -1.167  10.377  4.687   1.00 22.42 ? 10  ARG S NH2 1 
ATOM   76  N N   . GLN A 1 11  ? -1.275  6.699   0.380   1.00 15.14 ? 11  GLN S N   1 
ATOM   77  C CA  . GLN A 1 11  ? -0.100  5.885   0.679   1.00 15.68 ? 11  GLN S CA  1 
ATOM   78  C C   . GLN A 1 11  ? 0.114   4.648   -0.179  1.00 16.35 ? 11  GLN S C   1 
ATOM   79  O O   . GLN A 1 11  ? 1.244   4.188   -0.312  1.00 16.95 ? 11  GLN S O   1 
ATOM   80  C CB  . GLN A 1 11  ? -0.130  5.405   2.133   1.00 16.66 ? 11  GLN S CB  1 
ATOM   81  C CG  . GLN A 1 11  ? -0.147  6.482   3.189   1.00 21.66 ? 11  GLN S CG  1 
ATOM   82  C CD  . GLN A 1 11  ? 0.065   5.904   4.575   1.00 26.22 ? 11  GLN S CD  1 
ATOM   83  O OE1 . GLN A 1 11  ? -0.645  4.989   4.994   1.00 29.80 ? 11  GLN S OE1 1 
ATOM   84  N NE2 . GLN A 1 11  ? 1.048   6.432   5.293   1.00 30.54 ? 11  GLN S NE2 1 
ATOM   85  N N   . HIS A 1 12  ? -0.947  4.106   -0.763  1.00 16.36 ? 12  HIS S N   1 
ATOM   86  C CA  . HIS A 1 12  ? -0.797  2.860   -1.505  1.00 17.43 ? 12  HIS S CA  1 
ATOM   87  C C   . HIS A 1 12  ? -1.265  2.760   -2.950  1.00 18.60 ? 12  HIS S C   1 
ATOM   88  O O   . HIS A 1 12  ? -0.924  1.793   -3.631  1.00 20.73 ? 12  HIS S O   1 
ATOM   89  C CB  . HIS A 1 12  ? -1.478  1.739   -0.716  1.00 17.26 ? 12  HIS S CB  1 
ATOM   90  C CG  . HIS A 1 12  ? -0.927  1.541   0.660   1.00 20.05 ? 12  HIS S CG  1 
ATOM   91  N ND1 . HIS A 1 12  ? 0.325   1.017   0.893   1.00 20.62 ? 12  HIS S ND1 1 
ATOM   92  C CD2 . HIS A 1 12  ? -1.458  1.805   1.879   1.00 20.20 ? 12  HIS S CD2 1 
ATOM   93  C CE1 . HIS A 1 12  ? 0.543   0.966   2.196   1.00 21.70 ? 12  HIS S CE1 1 
ATOM   94  N NE2 . HIS A 1 12  ? -0.524  1.438   2.816   1.00 21.09 ? 12  HIS S NE2 1 
HETATM 95  N N   . NLE A 1 13  ? -2.031  3.726   -3.435  1.00 17.67 ? 13  NLE S N   1 
HETATM 96  C CA  . NLE A 1 13  ? -2.537  3.613   -4.794  1.00 17.26 ? 13  NLE S CA  1 
HETATM 97  C C   . NLE A 1 13  ? -1.877  4.481   -5.856  1.00 18.01 ? 13  NLE S C   1 
HETATM 98  O O   . NLE A 1 13  ? -1.684  5.682   -5.679  1.00 17.39 ? 13  NLE S O   1 
HETATM 99  C CB  . NLE A 1 13  ? -4.050  3.849   -4.781  1.00 20.80 ? 13  NLE S CB  1 
HETATM 100 C CG  . NLE A 1 13  ? -4.774  2.889   -3.845  1.00 23.36 ? 13  NLE S CG  1 
HETATM 101 C CD  . NLE A 1 13  ? -6.270  3.142   -3.805  1.00 28.70 ? 13  NLE S CD  1 
HETATM 102 C CE  . NLE A 1 13  ? -6.999  2.276   -2.793  1.00 29.13 ? 13  NLE S CE  1 
ATOM   103 N N   . ASP A 1 14  ? -1.523  3.848   -6.970  1.00 17.80 ? 14  ASP S N   1 
ATOM   104 C CA  . ASP A 1 14  ? -0.904  4.551   -8.085  1.00 20.63 ? 14  ASP S CA  1 
ATOM   105 C C   . ASP A 1 14  ? -1.555  4.087   -9.379  1.00 25.05 ? 14  ASP S C   1 
ATOM   106 O O   . ASP A 1 14  ? -0.999  3.265   -10.104 1.00 27.04 ? 14  ASP S O   1 
ATOM   107 C CB  . ASP A 1 14  ? 0.604   4.283   -8.125  1.00 20.53 ? 14  ASP S CB  1 
ATOM   108 C CG  . ASP A 1 14  ? 1.308   5.070   -9.216  1.00 22.61 ? 14  ASP S CG  1 
ATOM   109 O OD1 . ASP A 1 14  ? 0.705   6.029   -9.742  1.00 22.78 ? 14  ASP S OD1 1 
ATOM   110 O OD2 . ASP A 1 14  ? 2.467   4.736   -9.540  1.00 24.00 ? 14  ASP S OD2 1 
ATOM   111 N N   . SER A 1 15  ? -2.742  4.622   -9.650  1.00 30.03 ? 15  SER S N   1 
ATOM   112 C CA  . SER A 1 15  ? -3.504  4.284   -10.847 1.00 36.22 ? 15  SER S CA  1 
ATOM   113 C C   . SER A 1 15  ? -2.922  4.971   -12.081 1.00 38.93 ? 15  SER S C   1 
ATOM   114 O O   . SER A 1 15  ? -3.652  5.771   -12.707 1.00 42.53 ? 15  SER S O   1 
ATOM   115 C CB  . SER A 1 15  ? -4.965  4.708   -10.667 1.00 36.72 ? 15  SER S CB  1 
ATOM   116 O OG  . SER A 1 15  ? -5.513  4.156   -9.483  1.00 40.99 ? 15  SER S OG  1 
ATOM   117 O OXT . SER A 1 15  ? -1.747  4.702   -12.407 1.00 40.93 ? 15  SER S OXT 1 
ATOM   118 N N   . SER B 2 1   ? 20.581  11.722  -3.386  1.00 63.23 ? 21  SER E N   1 
ATOM   119 C CA  . SER B 2 1   ? 19.859  10.419  -3.341  1.00 62.82 ? 21  SER E CA  1 
ATOM   120 C C   . SER B 2 1   ? 19.555  9.918   -4.750  1.00 61.81 ? 21  SER E C   1 
ATOM   121 O O   . SER B 2 1   ? 19.843  10.599  -5.735  1.00 62.27 ? 21  SER E O   1 
ATOM   122 C CB  . SER B 2 1   ? 18.552  10.568  -2.557  1.00 63.35 ? 21  SER E CB  1 
ATOM   123 O OG  . SER B 2 1   ? 18.800  10.980  -1.223  1.00 64.15 ? 21  SER E OG  1 
ATOM   124 N N   . SER B 2 2   ? 18.975  8.725   -4.838  1.00 59.87 ? 22  SER E N   1 
ATOM   125 C CA  . SER B 2 2   ? 18.628  8.132   -6.125  1.00 57.31 ? 22  SER E CA  1 
ATOM   126 C C   . SER B 2 2   ? 17.271  8.645   -6.601  1.00 54.38 ? 22  SER E C   1 
ATOM   127 O O   . SER B 2 2   ? 16.459  9.111   -5.800  1.00 54.65 ? 22  SER E O   1 
ATOM   128 C CB  . SER B 2 2   ? 18.594  6.604   -6.011  1.00 58.25 ? 22  SER E CB  1 
ATOM   129 O OG  . SER B 2 2   ? 18.278  6.005   -7.255  1.00 58.89 ? 22  SER E OG  1 
ATOM   130 N N   . SER B 2 3   ? 17.030  8.558   -7.905  1.00 50.31 ? 23  SER E N   1 
ATOM   131 C CA  . SER B 2 3   ? 15.771  9.021   -8.475  1.00 45.55 ? 23  SER E CA  1 
ATOM   132 C C   . SER B 2 3   ? 14.855  7.871   -8.880  1.00 40.06 ? 23  SER E C   1 
ATOM   133 O O   . SER B 2 3   ? 14.022  8.026   -9.774  1.00 39.46 ? 23  SER E O   1 
ATOM   134 C CB  . SER B 2 3   ? 16.034  9.907   -9.697  1.00 47.44 ? 23  SER E CB  1 
ATOM   135 O OG  . SER B 2 3   ? 16.793  11.054  -9.352  1.00 50.53 ? 23  SER E OG  1 
ATOM   136 N N   . ASN B 2 4   ? 15.004  6.718   -8.230  1.00 33.43 ? 24  ASN E N   1 
ATOM   137 C CA  . ASN B 2 4   ? 14.160  5.580   -8.566  1.00 26.97 ? 24  ASN E CA  1 
ATOM   138 C C   . ASN B 2 4   ? 12.717  5.864   -8.167  1.00 24.09 ? 24  ASN E C   1 
ATOM   139 O O   . ASN B 2 4   ? 12.440  6.777   -7.382  1.00 23.87 ? 24  ASN E O   1 
ATOM   140 C CB  . ASN B 2 4   ? 14.674  4.293   -7.893  1.00 27.91 ? 24  ASN E CB  1 
ATOM   141 C CG  . ASN B 2 4   ? 14.578  4.334   -6.378  1.00 28.55 ? 24  ASN E CG  1 
ATOM   142 O OD1 . ASN B 2 4   ? 13.490  4.285   -5.812  1.00 24.74 ? 24  ASN E OD1 1 
ATOM   143 N ND2 . ASN B 2 4   ? 15.725  4.421   -5.716  1.00 30.49 ? 24  ASN E ND2 1 
ATOM   144 N N   . TYR B 2 5   ? 11.803  5.085   -8.731  1.00 20.00 ? 25  TYR E N   1 
ATOM   145 C CA  . TYR B 2 5   ? 10.376  5.232   -8.478  1.00 19.56 ? 25  TYR E CA  1 
ATOM   146 C C   . TYR B 2 5   ? 10.029  5.312   -6.996  1.00 17.06 ? 25  TYR E C   1 
ATOM   147 O O   . TYR B 2 5   ? 9.253   6.173   -6.578  1.00 17.26 ? 25  TYR E O   1 
ATOM   148 C CB  . TYR B 2 5   ? 9.630   4.063   -9.119  1.00 17.86 ? 25  TYR E CB  1 
ATOM   149 C CG  . TYR B 2 5   ? 8.157   3.991   -8.774  1.00 18.93 ? 25  TYR E CG  1 
ATOM   150 C CD1 . TYR B 2 5   ? 7.209   4.702   -9.508  1.00 20.54 ? 25  TYR E CD1 1 
ATOM   151 C CD2 . TYR B 2 5   ? 7.715   3.207   -7.710  1.00 16.95 ? 25  TYR E CD2 1 
ATOM   152 C CE1 . TYR B 2 5   ? 5.852   4.628   -9.186  1.00 20.67 ? 25  TYR E CE1 1 
ATOM   153 C CE2 . TYR B 2 5   ? 6.365   3.129   -7.383  1.00 18.74 ? 25  TYR E CE2 1 
ATOM   154 C CZ  . TYR B 2 5   ? 5.442   3.840   -8.124  1.00 20.09 ? 25  TYR E CZ  1 
ATOM   155 O OH  . TYR B 2 5   ? 4.109   3.763   -7.795  1.00 22.42 ? 25  TYR E OH  1 
ATOM   156 N N   . CYS B 2 6   ? 10.588  4.411   -6.198  1.00 17.41 ? 26  CYS E N   1 
ATOM   157 C CA  . CYS B 2 6   ? 10.288  4.413   -4.772  1.00 17.79 ? 26  CYS E CA  1 
ATOM   158 C C   . CYS B 2 6   ? 10.718  5.705   -4.085  1.00 18.45 ? 26  CYS E C   1 
ATOM   159 O O   . CYS B 2 6   ? 9.923   6.330   -3.393  1.00 17.52 ? 26  CYS E O   1 
ATOM   160 C CB  . CYS B 2 6   ? 10.923  3.207   -4.086  1.00 17.00 ? 26  CYS E CB  1 
ATOM   161 S SG  . CYS B 2 6   ? 10.031  1.637   -4.362  1.00 18.28 ? 26  CYS E SG  1 
ATOM   162 N N   . ASN B 2 7   ? 11.968  6.113   -4.276  1.00 18.87 ? 27  ASN E N   1 
ATOM   163 C CA  . ASN B 2 7   ? 12.435  7.352   -3.657  1.00 20.26 ? 27  ASN E CA  1 
ATOM   164 C C   . ASN B 2 7   ? 11.502  8.510   -4.009  1.00 20.24 ? 27  ASN E C   1 
ATOM   165 O O   . ASN B 2 7   ? 11.117  9.297   -3.146  1.00 22.09 ? 27  ASN E O   1 
ATOM   166 C CB  . ASN B 2 7   ? 13.850  7.703   -4.134  1.00 22.26 ? 27  ASN E CB  1 
ATOM   167 C CG  . ASN B 2 7   ? 14.921  6.783   -3.567  1.00 25.29 ? 27  ASN E CG  1 
ATOM   168 O OD1 . ASN B 2 7   ? 16.113  7.003   -3.790  1.00 32.81 ? 27  ASN E OD1 1 
ATOM   169 N ND2 . ASN B 2 7   ? 14.510  5.757   -2.838  1.00 23.80 ? 27  ASN E ND2 1 
ATOM   170 N N   . GLN B 2 8   ? 11.137  8.604   -5.284  1.00 20.53 ? 28  GLN E N   1 
ATOM   171 C CA  . GLN B 2 8   ? 10.279  9.687   -5.758  1.00 22.03 ? 28  GLN E CA  1 
ATOM   172 C C   . GLN B 2 8   ? 8.832   9.640   -5.270  1.00 20.94 ? 28  GLN E C   1 
ATOM   173 O O   . GLN B 2 8   ? 8.289   10.652  -4.827  1.00 21.54 ? 28  GLN E O   1 
ATOM   174 C CB  . GLN B 2 8   ? 10.295  9.726   -7.283  1.00 25.64 ? 28  GLN E CB  1 
ATOM   175 C CG  . GLN B 2 8   ? 11.673  9.959   -7.870  1.00 34.84 ? 28  GLN E CG  1 
ATOM   176 C CD  . GLN B 2 8   ? 11.652  10.048  -9.383  1.00 38.92 ? 28  GLN E CD  1 
ATOM   177 O OE1 . GLN B 2 8   ? 11.336  9.074   -10.072 1.00 43.04 ? 28  GLN E OE1 1 
ATOM   178 N NE2 . GLN B 2 8   ? 11.987  11.222  -9.910  1.00 43.21 ? 28  GLN E NE2 1 
ATOM   179 N N   . MET B 2 9   ? 8.205   8.473   -5.357  1.00 18.89 ? 29  MET E N   1 
ATOM   180 C CA  . MET B 2 9   ? 6.817   8.337   -4.920  1.00 19.54 ? 29  MET E CA  1 
ATOM   181 C C   . MET B 2 9   ? 6.643   8.435   -3.411  1.00 18.97 ? 29  MET E C   1 
ATOM   182 O O   . MET B 2 9   ? 5.652   8.993   -2.931  1.00 16.67 ? 29  MET E O   1 
ATOM   183 C CB  . MET B 2 9   ? 6.228   7.015   -5.413  1.00 20.89 ? 29  MET E CB  1 
ATOM   184 C CG  . MET B 2 9   ? 5.797   7.039   -6.865  1.00 26.49 ? 29  MET E CG  1 
ATOM   185 S SD  . MET B 2 9   ? 4.468   8.236   -7.161  1.00 29.61 ? 29  MET E SD  1 
ATOM   186 C CE  . MET B 2 9   ? 3.040   7.293   -6.694  1.00 31.08 ? 29  MET E CE  1 
ATOM   187 N N   . MET B 2 10  ? 7.591   7.882   -2.662  1.00 18.40 ? 30  MET E N   1 
ATOM   188 C CA  . MET B 2 10  ? 7.511   7.931   -1.208  1.00 18.39 ? 30  MET E CA  1 
ATOM   189 C C   . MET B 2 10  ? 7.564   9.387   -0.755  1.00 19.73 ? 30  MET E C   1 
ATOM   190 O O   . MET B 2 10  ? 6.936   9.762   0.232   1.00 18.78 ? 30  MET E O   1 
ATOM   191 C CB  . MET B 2 10  ? 8.662   7.142   -0.577  1.00 19.25 ? 30  MET E CB  1 
ATOM   192 C CG  . MET B 2 10  ? 8.596   5.625   -0.784  1.00 20.84 ? 30  MET E CG  1 
ATOM   193 S SD  . MET B 2 10  ? 7.269   4.816   0.136   1.00 22.43 ? 30  MET E SD  1 
ATOM   194 C CE  . MET B 2 10  ? 8.035   4.685   1.789   1.00 19.33 ? 30  MET E CE  1 
ATOM   195 N N   . LYS B 2 11  ? 8.308   10.210  -1.488  1.00 19.90 ? 31  LYS E N   1 
ATOM   196 C CA  . LYS B 2 11  ? 8.424   11.619  -1.143  1.00 21.09 ? 31  LYS E CA  1 
ATOM   197 C C   . LYS B 2 11  ? 7.173   12.376  -1.597  1.00 20.33 ? 31  LYS E C   1 
ATOM   198 O O   . LYS B 2 11  ? 6.559   13.117  -0.820  1.00 20.62 ? 31  LYS E O   1 
ATOM   199 C CB  . LYS B 2 11  ? 9.671   12.214  -1.802  1.00 24.50 ? 31  LYS E CB  1 
ATOM   200 C CG  . LYS B 2 11  ? 10.232  13.419  -1.073  1.00 31.72 ? 31  LYS E CG  1 
ATOM   201 C CD  . LYS B 2 11  ? 11.539  13.882  -1.695  1.00 35.35 ? 31  LYS E CD  1 
ATOM   202 C CE  . LYS B 2 11  ? 12.179  14.986  -0.870  1.00 39.19 ? 31  LYS E CE  1 
ATOM   203 N NZ  . LYS B 2 11  ? 12.516  14.518  0.503   1.00 41.17 ? 31  LYS E NZ  1 
ATOM   204 N N   . SER B 2 12  ? 6.793   12.176  -2.855  1.00 19.27 ? 32  SER E N   1 
ATOM   205 C CA  . SER B 2 12  ? 5.619   12.837  -3.417  1.00 19.65 ? 32  SER E CA  1 
ATOM   206 C C   . SER B 2 12  ? 4.351   12.577  -2.612  1.00 18.52 ? 32  SER E C   1 
ATOM   207 O O   . SER B 2 12  ? 3.544   13.485  -2.407  1.00 19.43 ? 32  SER E O   1 
ATOM   208 C CB  . SER B 2 12  ? 5.395   12.376  -4.861  1.00 20.33 ? 32  SER E CB  1 
ATOM   209 O OG  . SER B 2 12  ? 4.146   12.844  -5.346  1.00 27.71 ? 32  SER E OG  1 
ATOM   210 N N   . ARG B 2 13  ? 4.175   11.340  -2.154  1.00 16.45 ? 33  ARG E N   1 
ATOM   211 C CA  . ARG B 2 13  ? 2.981   10.990  -1.395  1.00 15.91 ? 33  ARG E CA  1 
ATOM   212 C C   . ARG B 2 13  ? 3.046   11.312  0.098   1.00 17.56 ? 33  ARG E C   1 
ATOM   213 O O   . ARG B 2 13  ? 2.204   10.858  0.871   1.00 20.42 ? 33  ARG E O   1 
ATOM   214 C CB  . ARG B 2 13  ? 2.642   9.508   -1.598  1.00 16.13 ? 33  ARG E CB  1 
ATOM   215 C CG  . ARG B 2 13  ? 2.228   9.153   -3.019  1.00 15.52 ? 33  ARG E CG  1 
ATOM   216 C CD  . ARG B 2 13  ? 1.002   9.957   -3.481  1.00 15.16 ? 33  ARG E CD  1 
ATOM   217 N NE  . ARG B 2 13  ? 0.564   9.559   -4.818  1.00 16.33 ? 33  ARG E NE  1 
ATOM   218 C CZ  . ARG B 2 13  ? -0.183  8.490   -5.076  1.00 17.73 ? 33  ARG E CZ  1 
ATOM   219 N NH1 . ARG B 2 13  ? -0.591  7.703   -4.090  1.00 16.89 ? 33  ARG E NH1 1 
ATOM   220 N NH2 . ARG B 2 13  ? -0.504  8.196   -6.327  1.00 15.94 ? 33  ARG E NH2 1 
ATOM   221 N N   . ASN B 2 14  ? 4.041   12.097  0.502   1.00 19.04 ? 34  ASN E N   1 
ATOM   222 C CA  . ASN B 2 14  ? 4.185   12.510  1.900   1.00 20.46 ? 34  ASN E CA  1 
ATOM   223 C C   . ASN B 2 14  ? 4.444   11.357  2.872   1.00 21.14 ? 34  ASN E C   1 
ATOM   224 O O   . ASN B 2 14  ? 3.859   11.308  3.958   1.00 21.96 ? 34  ASN E O   1 
ATOM   225 C CB  . ASN B 2 14  ? 2.927   13.271  2.342   1.00 21.02 ? 34  ASN E CB  1 
ATOM   226 C CG  . ASN B 2 14  ? 3.110   14.005  3.663   1.00 23.88 ? 34  ASN E CG  1 
ATOM   227 O OD1 . ASN B 2 14  ? 2.131   14.386  4.309   1.00 26.75 ? 34  ASN E OD1 1 
ATOM   228 N ND2 . ASN B 2 14  ? 4.358   14.226  4.057   1.00 22.31 ? 34  ASN E ND2 1 
ATOM   229 N N   . LEU B 2 15  ? 5.314   10.430  2.484   1.00 20.09 ? 35  LEU E N   1 
ATOM   230 C CA  . LEU B 2 15  ? 5.648   9.306   3.350   1.00 20.42 ? 35  LEU E CA  1 
ATOM   231 C C   . LEU B 2 15  ? 7.051   9.491   3.926   1.00 21.20 ? 35  LEU E C   1 
ATOM   232 O O   . LEU B 2 15  ? 7.337   9.050   5.043   1.00 24.38 ? 35  LEU E O   1 
ATOM   233 C CB  . LEU B 2 15  ? 5.581   7.987   2.567   1.00 20.46 ? 35  LEU E CB  1 
ATOM   234 C CG  . LEU B 2 15  ? 4.220   7.642   1.953   1.00 22.87 ? 35  LEU E CG  1 
ATOM   235 C CD1 . LEU B 2 15  ? 4.295   6.310   1.229   1.00 24.41 ? 35  LEU E CD1 1 
ATOM   236 C CD2 . LEU B 2 15  ? 3.172   7.589   3.048   1.00 27.18 ? 35  LEU E CD2 1 
ATOM   237 N N   . THR B 2 16  ? 7.919   10.155  3.170   1.00 19.74 ? 36  THR E N   1 
ATOM   238 C CA  . THR B 2 16  ? 9.292   10.362  3.608   1.00 20.41 ? 36  THR E CA  1 
ATOM   239 C C   . THR B 2 16  ? 9.742   11.815  3.661   1.00 22.34 ? 36  THR E C   1 
ATOM   240 O O   . THR B 2 16  ? 10.939  12.101  3.631   1.00 22.91 ? 36  THR E O   1 
ATOM   241 C CB  . THR B 2 16  ? 10.279  9.569   2.722   1.00 23.39 ? 36  THR E CB  1 
ATOM   242 O OG1 . THR B 2 16  ? 10.083  9.917   1.348   1.00 23.46 ? 36  THR E OG1 1 
ATOM   243 C CG2 . THR B 2 16  ? 10.060  8.076   2.897   1.00 22.55 ? 36  THR E CG2 1 
ATOM   244 N N   . LYS B 2 17  ? 8.792   12.739  3.742   1.00 21.85 ? 37  LYS E N   1 
ATOM   245 C CA  . LYS B 2 17  ? 9.151   14.149  3.817   1.00 23.34 ? 37  LYS E CA  1 
ATOM   246 C C   . LYS B 2 17  ? 9.609   14.524  5.221   1.00 23.85 ? 37  LYS E C   1 
ATOM   247 O O   . LYS B 2 17  ? 10.399  15.456  5.394   1.00 27.31 ? 37  LYS E O   1 
ATOM   248 C CB  . LYS B 2 17  ? 7.970   15.029  3.397   1.00 24.19 ? 37  LYS E CB  1 
ATOM   249 C CG  . LYS B 2 17  ? 7.753   15.064  1.893   1.00 26.63 ? 37  LYS E CG  1 
ATOM   250 C CD  . LYS B 2 17  ? 6.761   16.145  1.482   1.00 28.07 ? 37  LYS E CD  1 
ATOM   251 C CE  . LYS B 2 17  ? 6.724   16.289  -0.033  1.00 28.60 ? 37  LYS E CE  1 
ATOM   252 N NZ  . LYS B 2 17  ? 5.774   17.348  -0.483  1.00 30.04 ? 37  LYS E NZ  1 
ATOM   253 N N   . ASP B 2 18  ? 9.125   13.797  6.222   1.00 23.74 ? 38  ASP E N   1 
ATOM   254 C CA  . ASP B 2 18  ? 9.497   14.077  7.605   1.00 25.27 ? 38  ASP E CA  1 
ATOM   255 C C   . ASP B 2 18  ? 10.015  12.860  8.370   1.00 24.60 ? 38  ASP E C   1 
ATOM   256 O O   . ASP B 2 18  ? 10.092  12.880  9.597   1.00 22.21 ? 38  ASP E O   1 
ATOM   257 C CB  . ASP B 2 18  ? 8.312   14.687  8.358   1.00 27.41 ? 38  ASP E CB  1 
ATOM   258 C CG  . ASP B 2 18  ? 7.077   13.806  8.323   1.00 30.40 ? 38  ASP E CG  1 
ATOM   259 O OD1 . ASP B 2 18  ? 7.194   12.603  8.010   1.00 29.19 ? 38  ASP E OD1 1 
ATOM   260 O OD2 . ASP B 2 18  ? 5.981   14.323  8.622   1.00 32.75 ? 38  ASP E OD2 1 
ATOM   261 N N   . ARG B 2 19  ? 10.373  11.806  7.640   1.00 23.71 ? 39  ARG E N   1 
ATOM   262 C CA  . ARG B 2 19  ? 10.894  10.577  8.241   1.00 23.98 ? 39  ARG E CA  1 
ATOM   263 C C   . ARG B 2 19  ? 11.132  9.563   7.133   1.00 23.67 ? 39  ARG E C   1 
ATOM   264 O O   . ARG B 2 19  ? 10.754  9.796   5.990   1.00 23.17 ? 39  ARG E O   1 
ATOM   265 C CB  . ARG B 2 19  ? 9.882   9.981   9.219   1.00 27.92 ? 39  ARG E CB  1 
ATOM   266 C CG  . ARG B 2 19  ? 8.552   9.628   8.562   1.00 32.35 ? 39  ARG E CG  1 
ATOM   267 C CD  . ARG B 2 19  ? 7.688   8.748   9.447   1.00 38.34 ? 39  ARG E CD  1 
ATOM   268 N NE  . ARG B 2 19  ? 8.276   7.424   9.628   1.00 44.80 ? 39  ARG E NE  1 
ATOM   269 C CZ  . ARG B 2 19  ? 7.658   6.401   10.214  1.00 47.56 ? 39  ARG E CZ  1 
ATOM   270 N NH1 . ARG B 2 19  ? 6.423   6.547   10.682  1.00 49.07 ? 39  ARG E NH1 1 
ATOM   271 N NH2 . ARG B 2 19  ? 8.273   5.231   10.329  1.00 47.20 ? 39  ARG E NH2 1 
ATOM   272 N N   . CYS B 2 20  ? 11.773  8.446   7.464   1.00 21.74 ? 40  CYS E N   1 
ATOM   273 C CA  . CYS B 2 20  ? 11.982  7.390   6.478   1.00 21.69 ? 40  CYS E CA  1 
ATOM   274 C C   . CYS B 2 20  ? 11.134  6.211   6.925   1.00 23.51 ? 40  CYS E C   1 
ATOM   275 O O   . CYS B 2 20  ? 11.365  5.642   7.990   1.00 26.20 ? 40  CYS E O   1 
ATOM   276 C CB  . CYS B 2 20  ? 13.443  6.938   6.411   1.00 22.82 ? 40  CYS E CB  1 
ATOM   277 S SG  . CYS B 2 20  ? 14.664  8.189   5.906   1.00 22.10 ? 40  CYS E SG  1 
ATOM   278 N N   . LYS B 2 21  ? 10.137  5.865   6.123   1.00 23.32 ? 41  LYS E N   1 
ATOM   279 C CA  . LYS B 2 21  ? 9.264   4.744   6.431   1.00 23.66 ? 41  LYS E CA  1 
ATOM   280 C C   . LYS B 2 21  ? 9.984   3.504   5.907   1.00 22.33 ? 41  LYS E C   1 
ATOM   281 O O   . LYS B 2 21  ? 10.397  3.468   4.749   1.00 22.50 ? 41  LYS E O   1 
ATOM   282 C CB  . LYS B 2 21  ? 7.916   4.928   5.730   1.00 24.72 ? 41  LYS E CB  1 
ATOM   283 C CG  . LYS B 2 21  ? 6.903   3.850   6.044   1.00 29.61 ? 41  LYS E CG  1 
ATOM   284 C CD  . LYS B 2 21  ? 5.555   4.154   5.409   1.00 32.44 ? 41  LYS E CD  1 
ATOM   285 C CE  . LYS B 2 21  ? 4.575   3.016   5.650   1.00 35.51 ? 41  LYS E CE  1 
ATOM   286 N NZ  . LYS B 2 21  ? 3.243   3.279   5.037   1.00 38.04 ? 41  LYS E NZ  1 
ATOM   287 N N   . PRO B 2 22  ? 10.149  2.476   6.754   1.00 22.00 ? 42  PRO E N   1 
ATOM   288 C CA  . PRO B 2 22  ? 10.831  1.227   6.393   1.00 21.31 ? 42  PRO E CA  1 
ATOM   289 C C   . PRO B 2 22  ? 10.325  0.517   5.143   1.00 19.84 ? 42  PRO E C   1 
ATOM   290 O O   . PRO B 2 22  ? 11.114  0.121   4.288   1.00 20.47 ? 42  PRO E O   1 
ATOM   291 C CB  . PRO B 2 22  ? 10.656  0.368   7.643   1.00 22.66 ? 42  PRO E CB  1 
ATOM   292 C CG  . PRO B 2 22  ? 10.625  1.384   8.739   1.00 24.59 ? 42  PRO E CG  1 
ATOM   293 C CD  . PRO B 2 22  ? 9.717   2.437   8.161   1.00 22.90 ? 42  PRO E CD  1 
ATOM   294 N N   . VAL B 2 23  ? 9.012   0.344   5.043   1.00 18.16 ? 43  VAL E N   1 
ATOM   295 C CA  . VAL B 2 23  ? 8.437   -0.352  3.901   1.00 18.44 ? 43  VAL E CA  1 
ATOM   296 C C   . VAL B 2 23  ? 7.090   0.219   3.484   1.00 17.54 ? 43  VAL E C   1 
ATOM   297 O O   . VAL B 2 23  ? 6.368   0.791   4.296   1.00 18.28 ? 43  VAL E O   1 
ATOM   298 C CB  . VAL B 2 23  ? 8.235   -1.855  4.219   1.00 22.08 ? 43  VAL E CB  1 
ATOM   299 C CG1 . VAL B 2 23  ? 9.567   -2.504  4.568   1.00 25.75 ? 43  VAL E CG1 1 
ATOM   300 C CG2 . VAL B 2 23  ? 7.267   -2.011  5.374   1.00 25.51 ? 43  VAL E CG2 1 
ATOM   301 N N   . ASN B 2 24  ? 6.770   0.078   2.203   1.00 16.15 ? 44  ASN E N   1 
ATOM   302 C CA  . ASN B 2 24  ? 5.488   0.536   1.682   1.00 17.61 ? 44  ASN E CA  1 
ATOM   303 C C   . ASN B 2 24  ? 5.229   -0.143  0.350   1.00 17.86 ? 44  ASN E C   1 
ATOM   304 O O   . ASN B 2 24  ? 6.163   -0.456  -0.388  1.00 19.67 ? 44  ASN E O   1 
ATOM   305 C CB  . ASN B 2 24  ? 5.456   2.054   1.488   1.00 18.86 ? 44  ASN E CB  1 
ATOM   306 C CG  . ASN B 2 24  ? 4.056   2.563   1.173   1.00 19.27 ? 44  ASN E CG  1 
ATOM   307 O OD1 . ASN B 2 24  ? 3.134   2.404   1.979   1.00 22.93 ? 44  ASN E OD1 1 
ATOM   308 N ND2 . ASN B 2 24  ? 3.885   3.166   0.002   1.00 18.86 ? 44  ASN E ND2 1 
ATOM   309 N N   . THR B 2 25  ? 3.959   -0.368  0.050   1.00 15.32 ? 45  THR E N   1 
ATOM   310 C CA  . THR B 2 25  ? 3.577   -1.012  -1.196  1.00 17.54 ? 45  THR E CA  1 
ATOM   311 C C   . THR B 2 25  ? 2.660   -0.100  -1.996  1.00 17.62 ? 45  THR E C   1 
ATOM   312 O O   . THR B 2 25  ? 1.776   0.548   -1.437  1.00 18.85 ? 45  THR E O   1 
ATOM   313 C CB  . THR B 2 25  ? 2.838   -2.343  -0.924  1.00 20.22 ? 45  THR E CB  1 
ATOM   314 O OG1 . THR B 2 25  ? 3.706   -3.232  -0.212  1.00 22.37 ? 45  THR E OG1 1 
ATOM   315 C CG2 . THR B 2 25  ? 2.421   -3.006  -2.230  1.00 22.81 ? 45  THR E CG2 1 
ATOM   316 N N   . PHE B 2 26  ? 2.897   -0.029  -3.303  1.00 15.80 ? 46  PHE E N   1 
ATOM   317 C CA  . PHE B 2 26  ? 2.070   0.776   -4.195  1.00 15.72 ? 46  PHE E CA  1 
ATOM   318 C C   . PHE B 2 26  ? 1.389   -0.186  -5.162  1.00 16.52 ? 46  PHE E C   1 
ATOM   319 O O   . PHE B 2 26  ? 2.041   -1.069  -5.721  1.00 16.71 ? 46  PHE E O   1 
ATOM   320 C CB  . PHE B 2 26  ? 2.927   1.767   -4.987  1.00 17.35 ? 46  PHE E CB  1 
ATOM   321 C CG  . PHE B 2 26  ? 3.407   2.935   -4.178  1.00 17.86 ? 46  PHE E CG  1 
ATOM   322 C CD1 . PHE B 2 26  ? 2.530   3.954   -3.823  1.00 17.76 ? 46  PHE E CD1 1 
ATOM   323 C CD2 . PHE B 2 26  ? 4.739   3.023   -3.779  1.00 18.39 ? 46  PHE E CD2 1 
ATOM   324 C CE1 . PHE B 2 26  ? 2.969   5.047   -3.081  1.00 17.21 ? 46  PHE E CE1 1 
ATOM   325 C CE2 . PHE B 2 26  ? 5.189   4.110   -3.037  1.00 19.53 ? 46  PHE E CE2 1 
ATOM   326 C CZ  . PHE B 2 26  ? 4.304   5.123   -2.688  1.00 18.05 ? 46  PHE E CZ  1 
ATOM   327 N N   . VAL B 2 27  ? 0.085   -0.016  -5.349  1.00 15.32 ? 47  VAL E N   1 
ATOM   328 C CA  . VAL B 2 27  ? -0.683  -0.874  -6.256  1.00 16.04 ? 47  VAL E CA  1 
ATOM   329 C C   . VAL B 2 27  ? -0.980  -0.132  -7.555  1.00 15.98 ? 47  VAL E C   1 
ATOM   330 O O   . VAL B 2 27  ? -1.521  0.978   -7.542  1.00 16.35 ? 47  VAL E O   1 
ATOM   331 C CB  . VAL B 2 27  ? -2.014  -1.303  -5.609  1.00 16.59 ? 47  VAL E CB  1 
ATOM   332 C CG1 . VAL B 2 27  ? -2.757  -2.265  -6.527  1.00 17.80 ? 47  VAL E CG1 1 
ATOM   333 C CG2 . VAL B 2 27  ? -1.747  -1.930  -4.257  1.00 19.90 ? 47  VAL E CG2 1 
ATOM   334 N N   . HIS B 2 28  ? -0.634  -0.755  -8.678  1.00 15.90 ? 48  HIS E N   1 
ATOM   335 C CA  . HIS B 2 28  ? -0.843  -0.144  -9.988  1.00 17.84 ? 48  HIS E CA  1 
ATOM   336 C C   . HIS B 2 28  ? -2.101  -0.676  -10.657 1.00 19.09 ? 48  HIS E C   1 
ATOM   337 O O   . HIS B 2 28  ? -2.024  -1.385  -11.662 1.00 20.98 ? 48  HIS E O   1 
ATOM   338 C CB  . HIS B 2 28  ? 0.358   -0.421  -10.890 1.00 18.26 ? 48  HIS E CB  1 
ATOM   339 C CG  . HIS B 2 28  ? 1.666   -0.011  -10.290 1.00 19.59 ? 48  HIS E CG  1 
ATOM   340 N ND1 . HIS B 2 28  ? 2.028   1.309   -10.123 1.00 21.68 ? 48  HIS E ND1 1 
ATOM   341 C CD2 . HIS B 2 28  ? 2.692   -0.748  -9.804  1.00 19.68 ? 48  HIS E CD2 1 
ATOM   342 C CE1 . HIS B 2 28  ? 3.221   1.366   -9.559  1.00 21.52 ? 48  HIS E CE1 1 
ATOM   343 N NE2 . HIS B 2 28  ? 3.647   0.132   -9.355  1.00 19.59 ? 48  HIS E NE2 1 
ATOM   344 N N   . GLU B 2 29  ? -3.251  -0.357  -10.080 1.00 18.97 ? 49  GLU E N   1 
ATOM   345 C CA  . GLU B 2 29  ? -4.533  -0.782  -10.629 1.00 19.98 ? 49  GLU E CA  1 
ATOM   346 C C   . GLU B 2 29  ? -5.490  0.385   -10.445 1.00 20.28 ? 49  GLU E C   1 
ATOM   347 O O   . GLU B 2 29  ? -5.216  1.301   -9.665  1.00 18.82 ? 49  GLU E O   1 
ATOM   348 C CB  . GLU B 2 29  ? -5.082  -2.004  -9.880  1.00 20.32 ? 49  GLU E CB  1 
ATOM   349 C CG  . GLU B 2 29  ? -4.213  -3.268  -9.921  1.00 23.23 ? 49  GLU E CG  1 
ATOM   350 C CD  . GLU B 2 29  ? -4.016  -3.830  -11.320 1.00 25.86 ? 49  GLU E CD  1 
ATOM   351 O OE1 . GLU B 2 29  ? -4.869  -3.585  -12.203 1.00 25.05 ? 49  GLU E OE1 1 
ATOM   352 O OE2 . GLU B 2 29  ? -3.005  -4.538  -11.533 1.00 24.55 ? 49  GLU E OE2 1 
ATOM   353 N N   . SER B 2 30  ? -6.613  0.356   -11.155 1.00 20.10 ? 50  SER E N   1 
ATOM   354 C CA  . SER B 2 30  ? -7.596  1.425   -11.041 1.00 21.36 ? 50  SER E CA  1 
ATOM   355 C C   . SER B 2 30  ? -8.103  1.464   -9.605  1.00 20.71 ? 50  SER E C   1 
ATOM   356 O O   . SER B 2 30  ? -8.235  0.423   -8.957  1.00 22.17 ? 50  SER E O   1 
ATOM   357 C CB  . SER B 2 30  ? -8.767  1.179   -11.990 1.00 22.81 ? 50  SER E CB  1 
ATOM   358 O OG  . SER B 2 30  ? -9.687  0.267   -11.417 1.00 27.06 ? 50  SER E OG  1 
ATOM   359 N N   . LEU B 2 31  ? -8.399  2.659   -9.107  1.00 19.85 ? 51  LEU E N   1 
ATOM   360 C CA  . LEU B 2 31  ? -8.878  2.806   -7.742  1.00 20.54 ? 51  LEU E CA  1 
ATOM   361 C C   . LEU B 2 31  ? -10.123 1.952   -7.493  1.00 18.98 ? 51  LEU E C   1 
ATOM   362 O O   . LEU B 2 31  ? -10.223 1.265   -6.475  1.00 18.84 ? 51  LEU E O   1 
ATOM   363 C CB  . LEU B 2 31  ? -9.198  4.275   -7.450  1.00 24.53 ? 51  LEU E CB  1 
ATOM   364 C CG  . LEU B 2 31  ? -9.046  4.752   -6.001  1.00 30.61 ? 51  LEU E CG  1 
ATOM   365 C CD1 . LEU B 2 31  ? -9.482  6.210   -5.908  1.00 33.01 ? 51  LEU E CD1 1 
ATOM   366 C CD2 . LEU B 2 31  ? -9.873  3.893   -5.064  1.00 33.28 ? 51  LEU E CD2 1 
ATOM   367 N N   . ALA B 2 32  ? -11.066 1.998   -8.428  1.00 18.00 ? 52  ALA E N   1 
ATOM   368 C CA  . ALA B 2 32  ? -12.304 1.246   -8.285  1.00 17.92 ? 52  ALA E CA  1 
ATOM   369 C C   . ALA B 2 32  ? -12.064 -0.263  -8.241  1.00 16.98 ? 52  ALA E C   1 
ATOM   370 O O   . ALA B 2 32  ? -12.764 -0.975  -7.524  1.00 17.94 ? 52  ALA E O   1 
ATOM   371 C CB  . ALA B 2 32  ? -13.267 1.600   -9.416  1.00 20.80 ? 52  ALA E CB  1 
ATOM   372 N N   . ASP B 2 33  ? -11.082 -0.749  -8.996  1.00 17.23 ? 53  ASP E N   1 
ATOM   373 C CA  . ASP B 2 33  ? -10.777 -2.180  -8.999  1.00 18.89 ? 53  ASP E CA  1 
ATOM   374 C C   . ASP B 2 33  ? -10.204 -2.627  -7.655  1.00 17.86 ? 53  ASP E C   1 
ATOM   375 O O   . ASP B 2 33  ? -10.402 -3.764  -7.237  1.00 18.50 ? 53  ASP E O   1 
ATOM   376 C CB  . ASP B 2 33  ? -9.795  -2.530  -10.122 1.00 19.99 ? 53  ASP E CB  1 
ATOM   377 C CG  . ASP B 2 33  ? -10.448 -2.528  -11.491 1.00 20.83 ? 53  ASP E CG  1 
ATOM   378 O OD1 . ASP B 2 33  ? -11.684 -2.333  -11.571 1.00 22.93 ? 53  ASP E OD1 1 
ATOM   379 O OD2 . ASP B 2 33  ? -9.724  -2.727  -12.488 1.00 26.50 ? 53  ASP E OD2 1 
ATOM   380 N N   . VAL B 2 34  ? -9.481  -1.737  -6.980  1.00 17.85 ? 54  VAL E N   1 
ATOM   381 C CA  . VAL B 2 34  ? -8.929  -2.071  -5.671  1.00 16.26 ? 54  VAL E CA  1 
ATOM   382 C C   . VAL B 2 34  ? -10.063 -2.022  -4.646  1.00 16.18 ? 54  VAL E C   1 
ATOM   383 O O   . VAL B 2 34  ? -10.151 -2.870  -3.759  1.00 17.00 ? 54  VAL E O   1 
ATOM   384 C CB  . VAL B 2 34  ? -7.812  -1.088  -5.252  1.00 18.18 ? 54  VAL E CB  1 
ATOM   385 C CG1 . VAL B 2 34  ? -7.329  -1.423  -3.841  1.00 18.75 ? 54  VAL E CG1 1 
ATOM   386 C CG2 . VAL B 2 34  ? -6.659  -1.167  -6.239  1.00 18.90 ? 54  VAL E CG2 1 
ATOM   387 N N   . GLN B 2 35  ? -10.944 -1.035  -4.771  1.00 16.68 ? 55  GLN E N   1 
ATOM   388 C CA  . GLN B 2 35  ? -12.067 -0.928  -3.845  1.00 14.68 ? 55  GLN E CA  1 
ATOM   389 C C   . GLN B 2 35  ? -12.975 -2.152  -3.952  1.00 15.54 ? 55  GLN E C   1 
ATOM   390 O O   . GLN B 2 35  ? -13.615 -2.550  -2.975  1.00 16.11 ? 55  GLN E O   1 
ATOM   391 C CB  . GLN B 2 35  ? -12.884 0.326   -4.145  1.00 17.00 ? 55  GLN E CB  1 
ATOM   392 C CG  . GLN B 2 35  ? -12.105 1.607   -3.935  1.00 19.41 ? 55  GLN E CG  1 
ATOM   393 C CD  . GLN B 2 35  ? -12.932 2.822   -4.248  1.00 23.56 ? 55  GLN E CD  1 
ATOM   394 O OE1 . GLN B 2 35  ? -13.541 2.910   -5.314  1.00 25.66 ? 55  GLN E OE1 1 
ATOM   395 N NE2 . GLN B 2 35  ? -12.959 3.776   -3.325  1.00 25.98 ? 55  GLN E NE2 1 
ATOM   396 N N   . ALA B 2 36  ? -13.022 -2.745  -5.141  1.00 15.32 ? 56  ALA E N   1 
ATOM   397 C CA  . ALA B 2 36  ? -13.856 -3.920  -5.387  1.00 15.64 ? 56  ALA E CA  1 
ATOM   398 C C   . ALA B 2 36  ? -13.414 -5.142  -4.585  1.00 17.20 ? 56  ALA E C   1 
ATOM   399 O O   . ALA B 2 36  ? -14.176 -6.096  -4.421  1.00 15.04 ? 56  ALA E O   1 
ATOM   400 C CB  . ALA B 2 36  ? -13.858 -4.254  -6.874  1.00 16.73 ? 56  ALA E CB  1 
ATOM   401 N N   . VAL B 2 37  ? -12.184 -5.118  -4.084  1.00 16.25 ? 57  VAL E N   1 
ATOM   402 C CA  . VAL B 2 37  ? -11.682 -6.242  -3.306  1.00 16.10 ? 57  VAL E CA  1 
ATOM   403 C C   . VAL B 2 37  ? -12.461 -6.408  -1.998  1.00 16.62 ? 57  VAL E C   1 
ATOM   404 O O   . VAL B 2 37  ? -12.519 -7.506  -1.442  1.00 16.44 ? 57  VAL E O   1 
ATOM   405 C CB  . VAL B 2 37  ? -10.168 -6.078  -3.011  1.00 13.97 ? 57  VAL E CB  1 
ATOM   406 C CG1 . VAL B 2 37  ? -9.677  -7.221  -2.144  1.00 15.80 ? 57  VAL E CG1 1 
ATOM   407 C CG2 . VAL B 2 37  ? -9.386  -6.047  -4.330  1.00 14.52 ? 57  VAL E CG2 1 
ATOM   408 N N   . CYS B 2 38  ? -13.089 -5.333  -1.522  1.00 15.86 ? 58  CYS E N   1 
ATOM   409 C CA  . CYS B 2 38  ? -13.851 -5.397  -0.280  1.00 17.15 ? 58  CYS E CA  1 
ATOM   410 C C   . CYS B 2 38  ? -15.085 -6.296  -0.348  1.00 16.20 ? 58  CYS E C   1 
ATOM   411 O O   . CYS B 2 38  ? -15.721 -6.546  0.672   1.00 16.93 ? 58  CYS E O   1 
ATOM   412 C CB  . CYS B 2 38  ? -14.263 -3.998  0.178   1.00 19.06 ? 58  CYS E CB  1 
ATOM   413 S SG  . CYS B 2 38  ? -12.863 -2.978  0.744   1.00 18.57 ? 58  CYS E SG  1 
ATOM   414 N N   . SER B 2 39  ? -15.431 -6.767  -1.542  1.00 15.43 ? 59  SER E N   1 
ATOM   415 C CA  . SER B 2 39  ? -16.571 -7.670  -1.677  1.00 17.20 ? 59  SER E CA  1 
ATOM   416 C C   . SER B 2 39  ? -16.109 -8.984  -2.299  1.00 17.32 ? 59  SER E C   1 
ATOM   417 O O   . SER B 2 39  ? -16.918 -9.755  -2.820  1.00 17.67 ? 59  SER E O   1 
ATOM   418 C CB  . SER B 2 39  ? -17.686 -7.039  -2.528  1.00 17.06 ? 59  SER E CB  1 
ATOM   419 O OG  . SER B 2 39  ? -17.253 -6.756  -3.847  1.00 18.38 ? 59  SER E OG  1 
ATOM   420 N N   . GLN B 2 40  ? -14.806 -9.241  -2.232  1.00 16.89 ? 60  GLN E N   1 
ATOM   421 C CA  . GLN B 2 40  ? -14.257 -10.472 -2.783  1.00 18.41 ? 60  GLN E CA  1 
ATOM   422 C C   . GLN B 2 40  ? -14.064 -11.562 -1.713  1.00 20.47 ? 60  GLN E C   1 
ATOM   423 O O   . GLN B 2 40  ? -14.985 -11.799 -0.930  1.00 18.92 ? 60  GLN E O   1 
ATOM   424 C CB  . GLN B 2 40  ? -12.986 -10.156 -3.595  1.00 19.05 ? 60  GLN E CB  1 
ATOM   425 C CG  . GLN B 2 40  ? -13.395 -9.525  -4.951  1.00 18.34 ? 60  GLN E CG  1 
ATOM   426 C CD  . GLN B 2 40  ? -12.262 -9.012  -5.821  1.00 18.80 ? 60  GLN E CD  1 
ATOM   427 O OE1 . GLN B 2 40  ? -11.168 -9.569  -5.852  1.00 17.92 ? 60  GLN E OE1 1 
ATOM   428 N NE2 . GLN B 2 40  ? -12.543 -7.950  -6.571  1.00 15.64 ? 60  GLN E NE2 1 
ATOM   429 N N   . LYS B 2 41  ? -12.909 -12.221 -1.654  1.00 19.03 ? 61  LYS E N   1 
ATOM   430 C CA  . LYS B 2 41  ? -12.724 -13.306 -0.681  1.00 20.82 ? 61  LYS E CA  1 
ATOM   431 C C   . LYS B 2 41  ? -12.463 -12.879 0.765   1.00 20.42 ? 61  LYS E C   1 
ATOM   432 O O   . LYS B 2 41  ? -11.421 -12.310 1.074   1.00 19.36 ? 61  LYS E O   1 
ATOM   433 C CB  . LYS B 2 41  ? -11.600 -14.239 -1.151  1.00 23.26 ? 61  LYS E CB  1 
ATOM   434 C CG  . LYS B 2 41  ? -11.410 -15.483 -0.281  1.00 28.35 ? 61  LYS E CG  1 
ATOM   435 C CD  . LYS B 2 41  ? -12.671 -16.340 -0.246  1.00 32.04 ? 61  LYS E CD  1 
ATOM   436 C CE  . LYS B 2 41  ? -12.464 -17.602 0.586   1.00 36.35 ? 61  LYS E CE  1 
ATOM   437 N NZ  . LYS B 2 41  ? -13.682 -18.462 0.607   1.00 39.20 ? 61  LYS E NZ  1 
ATOM   438 N N   . ASN B 2 42  ? -13.411 -13.179 1.650   1.00 21.27 ? 62  ASN E N   1 
ATOM   439 C CA  . ASN B 2 42  ? -13.284 -12.826 3.064   1.00 21.66 ? 62  ASN E CA  1 
ATOM   440 C C   . ASN B 2 42  ? -12.270 -13.732 3.761   1.00 21.98 ? 62  ASN E C   1 
ATOM   441 O O   . ASN B 2 42  ? -12.373 -14.957 3.697   1.00 22.75 ? 62  ASN E O   1 
ATOM   442 C CB  . ASN B 2 42  ? -14.640 -12.955 3.768   1.00 23.49 ? 62  ASN E CB  1 
ATOM   443 C CG  . ASN B 2 42  ? -14.600 -12.478 5.213   1.00 26.29 ? 62  ASN E CG  1 
ATOM   444 O OD1 . ASN B 2 42  ? -15.243 -13.062 6.086   1.00 27.67 ? 62  ASN E OD1 1 
ATOM   445 N ND2 . ASN B 2 42  ? -13.858 -11.404 5.468   1.00 25.62 ? 62  ASN E ND2 1 
ATOM   446 N N   . VAL B 2 43  ? -11.291 -13.124 4.420   1.00 20.35 ? 63  VAL E N   1 
ATOM   447 C CA  . VAL B 2 43  ? -10.270 -13.876 5.136   1.00 22.13 ? 63  VAL E CA  1 
ATOM   448 C C   . VAL B 2 43  ? -9.967  -13.200 6.467   1.00 22.78 ? 63  VAL E C   1 
ATOM   449 O O   . VAL B 2 43  ? -10.341 -12.047 6.691   1.00 22.15 ? 63  VAL E O   1 
ATOM   450 C CB  . VAL B 2 43  ? -8.964  -13.978 4.314   1.00 21.74 ? 63  VAL E CB  1 
ATOM   451 C CG1 . VAL B 2 43  ? -9.201  -14.806 3.059   1.00 25.81 ? 63  VAL E CG1 1 
ATOM   452 C CG2 . VAL B 2 43  ? -8.474  -12.583 3.941   1.00 24.35 ? 63  VAL E CG2 1 
ATOM   453 N N   . ALA B 2 44  ? -9.295  -13.916 7.359   1.00 24.49 ? 64  ALA E N   1 
ATOM   454 C CA  . ALA B 2 44  ? -8.954  -13.345 8.652   1.00 25.71 ? 64  ALA E CA  1 
ATOM   455 C C   . ALA B 2 44  ? -7.798  -12.370 8.470   1.00 25.86 ? 64  ALA E C   1 
ATOM   456 O O   . ALA B 2 44  ? -6.951  -12.552 7.595   1.00 26.93 ? 64  ALA E O   1 
ATOM   457 C CB  . ALA B 2 44  ? -8.554  -14.450 9.629   1.00 26.19 ? 64  ALA E CB  1 
ATOM   458 N N   . CYS B 2 45  ? -7.777  -11.317 9.277   1.00 25.69 ? 65  CYS E N   1 
ATOM   459 C CA  . CYS B 2 45  ? -6.690  -10.354 9.209   1.00 26.22 ? 65  CYS E CA  1 
ATOM   460 C C   . CYS B 2 45  ? -5.604  -10.907 10.125  1.00 28.57 ? 65  CYS E C   1 
ATOM   461 O O   . CYS B 2 45  ? -5.878  -11.773 10.959  1.00 27.34 ? 65  CYS E O   1 
ATOM   462 C CB  . CYS B 2 45  ? -7.118  -8.994  9.746   1.00 24.93 ? 65  CYS E CB  1 
ATOM   463 S SG  . CYS B 2 45  ? -8.494  -8.121  8.937   1.00 25.21 ? 65  CYS E SG  1 
ATOM   464 N N   . LYS B 2 46  ? -4.383  -10.406 9.986   1.00 29.84 ? 66  LYS E N   1 
ATOM   465 C CA  . LYS B 2 46  ? -3.286  -10.870 10.825  1.00 33.23 ? 66  LYS E CA  1 
ATOM   466 C C   . LYS B 2 46  ? -3.601  -10.675 12.306  1.00 34.30 ? 66  LYS E C   1 
ATOM   467 O O   . LYS B 2 46  ? -3.154  -11.453 13.146  1.00 34.61 ? 66  LYS E O   1 
ATOM   468 C CB  . LYS B 2 46  ? -1.990  -10.129 10.480  1.00 34.98 ? 66  LYS E CB  1 
ATOM   469 C CG  . LYS B 2 46  ? -1.490  -10.358 9.066   1.00 39.87 ? 66  LYS E CG  1 
ATOM   470 C CD  . LYS B 2 46  ? -0.159  -9.654  8.836   1.00 43.10 ? 66  LYS E CD  1 
ATOM   471 C CE  . LYS B 2 46  ? 0.316   -9.792  7.392   1.00 45.90 ? 66  LYS E CE  1 
ATOM   472 N NZ  . LYS B 2 46  ? 0.577   -11.203 6.991   1.00 47.09 ? 66  LYS E NZ  1 
ATOM   473 N N   . ASN B 2 47  ? -4.379  -9.641  12.621  1.00 35.10 ? 67  ASN E N   1 
ATOM   474 C CA  . ASN B 2 47  ? -4.737  -9.357  14.008  1.00 36.20 ? 67  ASN E CA  1 
ATOM   475 C C   . ASN B 2 47  ? -5.892  -10.200 14.542  1.00 36.60 ? 67  ASN E C   1 
ATOM   476 O O   . ASN B 2 47  ? -6.252  -10.092 15.713  1.00 37.21 ? 67  ASN E O   1 
ATOM   477 C CB  . ASN B 2 47  ? -5.075  -7.872  14.188  1.00 36.67 ? 67  ASN E CB  1 
ATOM   478 C CG  . ASN B 2 47  ? -6.217  -7.417  13.299  1.00 37.29 ? 67  ASN E CG  1 
ATOM   479 O OD1 . ASN B 2 47  ? -7.203  -8.128  13.114  1.00 37.71 ? 67  ASN E OD1 1 
ATOM   480 N ND2 . ASN B 2 47  ? -6.096  -6.210  12.759  1.00 40.22 ? 67  ASN E ND2 1 
ATOM   481 N N   . GLY B 2 48  ? -6.479  -11.032 13.689  1.00 35.98 ? 68  GLY E N   1 
ATOM   482 C CA  . GLY B 2 48  ? -7.573  -11.875 14.136  1.00 35.79 ? 68  GLY E CA  1 
ATOM   483 C C   . GLY B 2 48  ? -8.955  -11.407 13.725  1.00 35.23 ? 68  GLY E C   1 
ATOM   484 O O   . GLY B 2 48  ? -9.905  -12.192 13.733  1.00 34.54 ? 68  GLY E O   1 
ATOM   485 N N   . GLN B 2 49  ? -9.083  -10.130 13.377  1.00 35.37 ? 69  GLN E N   1 
ATOM   486 C CA  . GLN B 2 49  ? -10.372 -9.603  12.952  1.00 35.55 ? 69  GLN E CA  1 
ATOM   487 C C   . GLN B 2 49  ? -10.730 -10.254 11.621  1.00 33.23 ? 69  GLN E C   1 
ATOM   488 O O   . GLN B 2 49  ? -9.858  -10.782 10.933  1.00 31.71 ? 69  GLN E O   1 
ATOM   489 C CB  . GLN B 2 49  ? -10.305 -8.082  12.801  1.00 39.25 ? 69  GLN E CB  1 
ATOM   490 C CG  . GLN B 2 49  ? -10.141 -7.342  14.121  1.00 43.94 ? 69  GLN E CG  1 
ATOM   491 C CD  . GLN B 2 49  ? -10.060 -5.838  13.940  1.00 47.28 ? 69  GLN E CD  1 
ATOM   492 O OE1 . GLN B 2 49  ? -9.118  -5.324  13.336  1.00 50.64 ? 69  GLN E OE1 1 
ATOM   493 N NE2 . GLN B 2 49  ? -11.053 -5.125  14.461  1.00 49.43 ? 69  GLN E NE2 1 
ATOM   494 N N   . THR B 2 50  ? -12.006 -10.225 11.259  1.00 31.08 ? 70  THR E N   1 
ATOM   495 C CA  . THR B 2 50  ? -12.433 -10.844 10.012  1.00 30.91 ? 70  THR E CA  1 
ATOM   496 C C   . THR B 2 50  ? -12.956 -9.865  8.972   1.00 28.23 ? 70  THR E C   1 
ATOM   497 O O   . THR B 2 50  ? -13.805 -10.225 8.158   1.00 28.42 ? 70  THR E O   1 
ATOM   498 C CB  . THR B 2 50  ? -13.516 -11.924 10.264  1.00 33.01 ? 70  THR E CB  1 
ATOM   499 O OG1 . THR B 2 50  ? -14.637 -11.339 10.939  1.00 35.95 ? 70  THR E OG1 1 
ATOM   500 C CG2 . THR B 2 50  ? -12.950 -13.049 11.114  1.00 34.10 ? 70  THR E CG2 1 
ATOM   501 N N   . ASN B 2 51  ? -12.457 -8.631  8.995   1.00 25.81 ? 71  ASN E N   1 
ATOM   502 C CA  . ASN B 2 51  ? -12.895 -7.645  8.016   1.00 24.15 ? 71  ASN E CA  1 
ATOM   503 C C   . ASN B 2 51  ? -11.859 -7.470  6.908   1.00 21.63 ? 71  ASN E C   1 
ATOM   504 O O   . ASN B 2 51  ? -11.743 -6.397  6.318   1.00 21.32 ? 71  ASN E O   1 
ATOM   505 C CB  . ASN B 2 51  ? -13.195 -6.297  8.689   1.00 24.23 ? 71  ASN E CB  1 
ATOM   506 C CG  . ASN B 2 51  ? -11.962 -5.649  9.292   1.00 25.26 ? 71  ASN E CG  1 
ATOM   507 O OD1 . ASN B 2 51  ? -11.180 -6.300  9.982   1.00 26.46 ? 71  ASN E OD1 1 
ATOM   508 N ND2 . ASN B 2 51  ? -11.797 -4.351  9.048   1.00 26.58 ? 71  ASN E ND2 1 
ATOM   509 N N   . CYS B 2 52  ? -11.104 -8.531  6.632   1.00 20.45 ? 72  CYS E N   1 
ATOM   510 C CA  . CYS B 2 52  ? -10.102 -8.493  5.572   1.00 19.77 ? 72  CYS E CA  1 
ATOM   511 C C   . CYS B 2 52  ? -10.594 -9.269  4.368   1.00 19.70 ? 72  CYS E C   1 
ATOM   512 O O   . CYS B 2 52  ? -11.413 -10.179 4.498   1.00 19.14 ? 72  CYS E O   1 
ATOM   513 C CB  . CYS B 2 52  ? -8.756  -9.049  6.062   1.00 20.58 ? 72  CYS E CB  1 
ATOM   514 S SG  . CYS B 2 52  ? -7.871  -7.792  7.032   1.00 24.41 ? 72  CYS E SG  1 
ATOM   515 N N   . TYR B 2 53  ? -10.110 -8.884  3.193   1.00 18.61 ? 73  TYR E N   1 
ATOM   516 C CA  . TYR B 2 53  ? -10.502 -9.532  1.954   1.00 19.77 ? 73  TYR E CA  1 
ATOM   517 C C   . TYR B 2 53  ? -9.308  -9.679  1.033   1.00 19.62 ? 73  TYR E C   1 
ATOM   518 O O   . TYR B 2 53  ? -8.473  -8.784  0.929   1.00 19.34 ? 73  TYR E O   1 
ATOM   519 C CB  . TYR B 2 53  ? -11.598 -8.729  1.248   1.00 19.87 ? 73  TYR E CB  1 
ATOM   520 C CG  . TYR B 2 53  ? -12.848 -8.561  2.082   1.00 21.82 ? 73  TYR E CG  1 
ATOM   521 C CD1 . TYR B 2 53  ? -12.913 -7.598  3.086   1.00 24.47 ? 73  TYR E CD1 1 
ATOM   522 C CD2 . TYR B 2 53  ? -13.943 -9.407  1.907   1.00 22.30 ? 73  TYR E CD2 1 
ATOM   523 C CE1 . TYR B 2 53  ? -14.033 -7.481  3.903   1.00 25.50 ? 73  TYR E CE1 1 
ATOM   524 C CE2 . TYR B 2 53  ? -15.072 -9.300  2.721   1.00 25.00 ? 73  TYR E CE2 1 
ATOM   525 C CZ  . TYR B 2 53  ? -15.105 -8.337  3.717   1.00 24.77 ? 73  TYR E CZ  1 
ATOM   526 O OH  . TYR B 2 53  ? -16.201 -8.236  4.544   1.00 29.11 ? 73  TYR E OH  1 
ATOM   527 N N   . GLN B 2 54  ? -9.235  -10.825 0.368   1.00 19.84 ? 74  GLN E N   1 
ATOM   528 C CA  . GLN B 2 54  ? -8.151  -11.105 -0.557  1.00 17.84 ? 74  GLN E CA  1 
ATOM   529 C C   . GLN B 2 54  ? -8.674  -11.052 -1.992  1.00 18.48 ? 74  GLN E C   1 
ATOM   530 O O   . GLN B 2 54  ? -9.733  -11.605 -2.297  1.00 19.40 ? 74  GLN E O   1 
ATOM   531 C CB  . GLN B 2 54  ? -7.561  -12.485 -0.249  1.00 21.56 ? 74  GLN E CB  1 
ATOM   532 C CG  . GLN B 2 54  ? -6.557  -12.977 -1.270  1.00 23.58 ? 74  GLN E CG  1 
ATOM   533 C CD  . GLN B 2 54  ? -5.826  -14.224 -0.809  1.00 28.59 ? 74  GLN E CD  1 
ATOM   534 O OE1 . GLN B 2 54  ? -5.387  -15.033 -1.623  1.00 32.82 ? 74  GLN E OE1 1 
ATOM   535 N NE2 . GLN B 2 54  ? -5.677  -14.376 0.501   1.00 28.83 ? 74  GLN E NE2 1 
ATOM   536 N N   . SER B 2 55  ? -7.935  -10.377 -2.865  1.00 15.40 ? 75  SER E N   1 
ATOM   537 C CA  . SER B 2 55  ? -8.330  -10.243 -4.261  1.00 16.08 ? 75  SER E CA  1 
ATOM   538 C C   . SER B 2 55  ? -8.366  -11.603 -4.956  1.00 16.41 ? 75  SER E C   1 
ATOM   539 O O   . SER B 2 55  ? -7.545  -12.480 -4.672  1.00 17.11 ? 75  SER E O   1 
ATOM   540 C CB  . SER B 2 55  ? -7.360  -9.312  -4.999  1.00 16.63 ? 75  SER E CB  1 
ATOM   541 O OG  . SER B 2 55  ? -6.030  -9.808  -4.954  1.00 17.01 ? 75  SER E OG  1 
ATOM   542 N N   . TYR B 2 56  ? -9.329  -11.780 -5.854  1.00 16.52 ? 76  TYR E N   1 
ATOM   543 C CA  . TYR B 2 56  ? -9.446  -13.036 -6.583  1.00 17.92 ? 76  TYR E CA  1 
ATOM   544 C C   . TYR B 2 56  ? -8.245  -13.233 -7.484  1.00 19.62 ? 76  TYR E C   1 
ATOM   545 O O   . TYR B 2 56  ? -7.756  -14.350 -7.656  1.00 19.07 ? 76  TYR E O   1 
ATOM   546 C CB  . TYR B 2 56  ? -10.703 -13.054 -7.453  1.00 18.70 ? 76  TYR E CB  1 
ATOM   547 C CG  . TYR B 2 56  ? -12.001 -13.108 -6.688  1.00 18.22 ? 76  TYR E CG  1 
ATOM   548 C CD1 . TYR B 2 56  ? -12.116 -13.864 -5.518  1.00 21.77 ? 76  TYR E CD1 1 
ATOM   549 C CD2 . TYR B 2 56  ? -13.131 -12.446 -7.157  1.00 18.61 ? 76  TYR E CD2 1 
ATOM   550 C CE1 . TYR B 2 56  ? -13.329 -13.958 -4.838  1.00 21.59 ? 76  TYR E CE1 1 
ATOM   551 C CE2 . TYR B 2 56  ? -14.350 -12.536 -6.484  1.00 19.14 ? 76  TYR E CE2 1 
ATOM   552 C CZ  . TYR B 2 56  ? -14.440 -13.291 -5.330  1.00 20.36 ? 76  TYR E CZ  1 
ATOM   553 O OH  . TYR B 2 56  ? -15.642 -13.376 -4.668  1.00 21.23 ? 76  TYR E OH  1 
ATOM   554 N N   . SER B 2 57  ? -7.780  -12.139 -8.075  1.00 18.15 ? 77  SER E N   1 
ATOM   555 C CA  . SER B 2 57  ? -6.645  -12.203 -8.979  1.00 20.31 ? 77  SER E CA  1 
ATOM   556 C C   . SER B 2 57  ? -5.435  -11.441 -8.456  1.00 19.02 ? 77  SER E C   1 
ATOM   557 O O   . SER B 2 57  ? -5.520  -10.694 -7.485  1.00 17.99 ? 77  SER E O   1 
ATOM   558 C CB  . SER B 2 57  ? -7.038  -11.639 -10.344 1.00 23.80 ? 77  SER E CB  1 
ATOM   559 O OG  . SER B 2 57  ? -7.379  -10.265 -10.240 1.00 30.88 ? 77  SER E OG  1 
ATOM   560 N N   . THR B 2 58  ? -4.302  -11.648 -9.110  1.00 18.74 ? 78  THR E N   1 
ATOM   561 C CA  . THR B 2 58  ? -3.084  -10.958 -8.727  1.00 19.39 ? 78  THR E CA  1 
ATOM   562 C C   . THR B 2 58  ? -3.157  -9.548  -9.304  1.00 19.21 ? 78  THR E C   1 
ATOM   563 O O   . THR B 2 58  ? -3.879  -9.297  -10.270 1.00 19.73 ? 78  THR E O   1 
ATOM   564 C CB  . THR B 2 58  ? -1.850  -11.671 -9.298  1.00 21.37 ? 78  THR E CB  1 
ATOM   565 O OG1 . THR B 2 58  ? -1.976  -11.769 -10.721 1.00 22.84 ? 78  THR E OG1 1 
ATOM   566 C CG2 . THR B 2 58  ? -1.729  -13.071 -8.713  1.00 23.49 ? 78  THR E CG2 1 
ATOM   567 N N   . MET B 2 59  ? -2.419  -8.627  -8.701  1.00 18.98 ? 79  MET E N   1 
ATOM   568 C CA  . MET B 2 59  ? -2.401  -7.250  -9.169  1.00 18.56 ? 79  MET E CA  1 
ATOM   569 C C   . MET B 2 59  ? -0.962  -6.770  -9.254  1.00 17.77 ? 79  MET E C   1 
ATOM   570 O O   . MET B 2 59  ? -0.090  -7.281  -8.556  1.00 17.53 ? 79  MET E O   1 
ATOM   571 C CB  . MET B 2 59  ? -3.189  -6.347  -8.216  1.00 19.71 ? 79  MET E CB  1 
ATOM   572 C CG  . MET B 2 59  ? -4.678  -6.679  -8.126  1.00 20.56 ? 79  MET E CG  1 
ATOM   573 S SD  . MET B 2 59  ? -5.579  -5.505  -7.084  1.00 23.56 ? 79  MET E SD  1 
ATOM   574 C CE  . MET B 2 59  ? -7.259  -5.829  -7.585  1.00 23.93 ? 79  MET E CE  1 
ATOM   575 N N   . SER B 2 60  ? -0.723  -5.795  -10.123 1.00 17.15 ? 80  SER E N   1 
ATOM   576 C CA  . SER B 2 60  ? 0.609   -5.232  -10.305 1.00 16.46 ? 80  SER E CA  1 
ATOM   577 C C   . SER B 2 60  ? 0.974   -4.379  -9.090  1.00 17.86 ? 80  SER E C   1 
ATOM   578 O O   . SER B 2 60  ? 0.258   -3.436  -8.755  1.00 17.16 ? 80  SER E O   1 
ATOM   579 C CB  . SER B 2 60  ? 0.633   -4.369  -11.567 1.00 20.89 ? 80  SER E CB  1 
ATOM   580 O OG  . SER B 2 60  ? 1.868   -3.686  -11.703 1.00 23.31 ? 80  SER E OG  1 
ATOM   581 N N   . ILE B 2 61  ? 2.075   -4.707  -8.424  1.00 16.84 ? 81  ILE E N   1 
ATOM   582 C CA  . ILE B 2 61  ? 2.472   -3.927  -7.258  1.00 19.18 ? 81  ILE E CA  1 
ATOM   583 C C   . ILE B 2 61  ? 3.965   -3.657  -7.219  1.00 18.40 ? 81  ILE E C   1 
ATOM   584 O O   . ILE B 2 61  ? 4.763   -4.427  -7.749  1.00 19.99 ? 81  ILE E O   1 
ATOM   585 C CB  . ILE B 2 61  ? 2.071   -4.629  -5.924  1.00 21.76 ? 81  ILE E CB  1 
ATOM   586 C CG1 . ILE B 2 61  ? 2.895   -5.901  -5.715  1.00 24.19 ? 81  ILE E CG1 1 
ATOM   587 C CG2 . ILE B 2 61  ? 0.592   -4.979  -5.932  1.00 23.54 ? 81  ILE E CG2 1 
ATOM   588 C CD1 . ILE B 2 61  ? 4.197   -5.682  -4.958  1.00 29.16 ? 81  ILE E CD1 1 
ATOM   589 N N   . THR B 2 62  ? 4.331   -2.542  -6.597  1.00 17.12 ? 82  THR E N   1 
ATOM   590 C CA  . THR B 2 62  ? 5.730   -2.187  -6.436  1.00 16.63 ? 82  THR E CA  1 
ATOM   591 C C   . THR B 2 62  ? 6.001   -2.153  -4.947  1.00 17.98 ? 82  THR E C   1 
ATOM   592 O O   . THR B 2 62  ? 5.300   -1.478  -4.189  1.00 18.58 ? 82  THR E O   1 
ATOM   593 C CB  . THR B 2 62  ? 6.058   -0.801  -7.015  1.00 17.90 ? 82  THR E CB  1 
ATOM   594 O OG1 . THR B 2 62  ? 5.841   -0.812  -8.427  1.00 18.55 ? 82  THR E OG1 1 
ATOM   595 C CG2 . THR B 2 62  ? 7.524   -0.440  -6.726  1.00 18.53 ? 82  THR E CG2 1 
ATOM   596 N N   . ASP B 2 63  ? 7.012   -2.901  -4.529  1.00 16.26 ? 83  ASP E N   1 
ATOM   597 C CA  . ASP B 2 63  ? 7.389   -2.943  -3.130  1.00 18.30 ? 83  ASP E CA  1 
ATOM   598 C C   . ASP B 2 63  ? 8.571   -2.020  -2.910  1.00 18.52 ? 83  ASP E C   1 
ATOM   599 O O   . ASP B 2 63  ? 9.552   -2.074  -3.644  1.00 19.02 ? 83  ASP E O   1 
ATOM   600 C CB  . ASP B 2 63  ? 7.771   -4.363  -2.728  1.00 22.61 ? 83  ASP E CB  1 
ATOM   601 C CG  . ASP B 2 63  ? 6.794   -4.965  -1.753  1.00 30.63 ? 83  ASP E CG  1 
ATOM   602 O OD1 . ASP B 2 63  ? 5.615   -5.149  -2.127  1.00 31.72 ? 83  ASP E OD1 1 
ATOM   603 O OD2 . ASP B 2 63  ? 7.208   -5.244  -0.606  1.00 34.58 ? 83  ASP E OD2 1 
ATOM   604 N N   . CYS B 2 64  ? 8.458   -1.160  -1.906  1.00 16.40 ? 84  CYS E N   1 
ATOM   605 C CA  . CYS B 2 64  ? 9.527   -0.233  -1.575  1.00 16.36 ? 84  CYS E CA  1 
ATOM   606 C C   . CYS B 2 64  ? 10.064  -0.566  -0.194  1.00 17.49 ? 84  CYS E C   1 
ATOM   607 O O   . CYS B 2 64  ? 9.318   -0.550  0.782   1.00 18.39 ? 84  CYS E O   1 
ATOM   608 C CB  . CYS B 2 64  ? 9.003   1.200   -1.567  1.00 15.70 ? 84  CYS E CB  1 
ATOM   609 S SG  . CYS B 2 64  ? 8.397   1.790   -3.173  1.00 17.01 ? 84  CYS E SG  1 
ATOM   610 N N   . ARG B 2 65  ? 11.354  -0.873  -0.112  1.00 16.64 ? 85  ARG E N   1 
ATOM   611 C CA  . ARG B 2 65  ? 11.954  -1.186  1.176   1.00 18.81 ? 85  ARG E CA  1 
ATOM   612 C C   . ARG B 2 65  ? 13.254  -0.415  1.383   1.00 17.62 ? 85  ARG E C   1 
ATOM   613 O O   . ARG B 2 65  ? 14.105  -0.366  0.499   1.00 17.99 ? 85  ARG E O   1 
ATOM   614 C CB  . ARG B 2 65  ? 12.212  -2.689  1.298   1.00 20.59 ? 85  ARG E CB  1 
ATOM   615 C CG  . ARG B 2 65  ? 12.790  -3.086  2.650   1.00 23.45 ? 85  ARG E CG  1 
ATOM   616 C CD  . ARG B 2 65  ? 12.806  -4.585  2.825   1.00 27.27 ? 85  ARG E CD  1 
ATOM   617 N NE  . ARG B 2 65  ? 11.463  -5.148  2.950   1.00 26.62 ? 85  ARG E NE  1 
ATOM   618 C CZ  . ARG B 2 65  ? 10.910  -5.534  4.097   1.00 27.32 ? 85  ARG E CZ  1 
ATOM   619 N NH1 . ARG B 2 65  ? 11.575  -5.419  5.239   1.00 26.20 ? 85  ARG E NH1 1 
ATOM   620 N NH2 . ARG B 2 65  ? 9.694   -6.063  4.095   1.00 25.90 ? 85  ARG E NH2 1 
ATOM   621 N N   . GLU B 2 66  ? 13.389  0.198   2.553   1.00 18.22 ? 86  GLU E N   1 
ATOM   622 C CA  . GLU B 2 66  ? 14.583  0.964   2.880   1.00 18.52 ? 86  GLU E CA  1 
ATOM   623 C C   . GLU B 2 66  ? 15.827  0.096   2.789   1.00 20.43 ? 86  GLU E C   1 
ATOM   624 O O   . GLU B 2 66  ? 15.805  -1.070  3.177   1.00 20.05 ? 86  GLU E O   1 
ATOM   625 C CB  . GLU B 2 66  ? 14.502  1.498   4.303   1.00 21.28 ? 86  GLU E CB  1 
ATOM   626 C CG  . GLU B 2 66  ? 14.269  2.977   4.439   1.00 23.51 ? 86  GLU E CG  1 
ATOM   627 C CD  . GLU B 2 66  ? 14.437  3.423   5.876   1.00 23.85 ? 86  GLU E CD  1 
ATOM   628 O OE1 . GLU B 2 66  ? 13.760  2.847   6.751   1.00 25.47 ? 86  GLU E OE1 1 
ATOM   629 O OE2 . GLU B 2 66  ? 15.247  4.334   6.128   1.00 25.07 ? 86  GLU E OE2 1 
ATOM   630 N N   . THR B 2 67  ? 16.915  0.674   2.292   1.00 21.79 ? 87  THR E N   1 
ATOM   631 C CA  . THR B 2 67  ? 18.174  -0.051  2.201   1.00 24.79 ? 87  THR E CA  1 
ATOM   632 C C   . THR B 2 67  ? 18.781  -0.025  3.602   1.00 26.94 ? 87  THR E C   1 
ATOM   633 O O   . THR B 2 67  ? 18.291  0.688   4.481   1.00 26.36 ? 87  THR E O   1 
ATOM   634 C CB  . THR B 2 67  ? 19.146  0.624   1.216   1.00 25.35 ? 87  THR E CB  1 
ATOM   635 O OG1 . THR B 2 67  ? 19.505  1.922   1.705   1.00 26.69 ? 87  THR E OG1 1 
ATOM   636 C CG2 . THR B 2 67  ? 18.502  0.770   -0.143  1.00 29.13 ? 87  THR E CG2 1 
ATOM   637 N N   . GLY B 2 68  ? 19.844  -0.795  3.809   1.00 28.46 ? 88  GLY E N   1 
ATOM   638 C CA  . GLY B 2 68  ? 20.476  -0.843  5.116   1.00 30.97 ? 88  GLY E CA  1 
ATOM   639 C C   . GLY B 2 68  ? 21.217  0.422   5.505   1.00 32.35 ? 88  GLY E C   1 
ATOM   640 O O   . GLY B 2 68  ? 21.459  0.662   6.688   1.00 33.71 ? 88  GLY E O   1 
ATOM   641 N N   . SER B 2 69  ? 21.575  1.233   4.515   1.00 32.74 ? 89  SER E N   1 
ATOM   642 C CA  . SER B 2 69  ? 22.306  2.472   4.765   1.00 34.28 ? 89  SER E CA  1 
ATOM   643 C C   . SER B 2 69  ? 21.421  3.712   4.677   1.00 34.29 ? 89  SER E C   1 
ATOM   644 O O   . SER B 2 69  ? 21.916  4.840   4.656   1.00 36.65 ? 89  SER E O   1 
ATOM   645 C CB  . SER B 2 69  ? 23.458  2.602   3.769   1.00 35.83 ? 89  SER E CB  1 
ATOM   646 O OG  . SER B 2 69  ? 22.972  2.591   2.439   1.00 38.92 ? 89  SER E OG  1 
ATOM   647 N N   . SER B 2 70  ? 20.113  3.500   4.623   1.00 31.60 ? 90  SER E N   1 
ATOM   648 C CA  . SER B 2 70  ? 19.164  4.604   4.543   1.00 29.60 ? 90  SER E CA  1 
ATOM   649 C C   . SER B 2 70  ? 19.074  5.317   5.891   1.00 27.88 ? 90  SER E C   1 
ATOM   650 O O   . SER B 2 70  ? 18.980  4.671   6.936   1.00 28.89 ? 90  SER E O   1 
ATOM   651 C CB  . SER B 2 70  ? 17.784  4.072   4.143   1.00 25.48 ? 90  SER E CB  1 
ATOM   652 O OG  . SER B 2 70  ? 16.815  5.107   4.132   1.00 25.45 ? 90  SER E OG  1 
ATOM   653 N N   . LYS B 2 71  ? 19.109  6.645   5.865   1.00 28.17 ? 91  LYS E N   1 
ATOM   654 C CA  . LYS B 2 71  ? 19.021  7.433   7.093   1.00 28.16 ? 91  LYS E CA  1 
ATOM   655 C C   . LYS B 2 71  ? 18.484  8.832   6.811   1.00 26.80 ? 91  LYS E C   1 
ATOM   656 O O   . LYS B 2 71  ? 18.992  9.530   5.938   1.00 26.67 ? 91  LYS E O   1 
ATOM   657 C CB  . LYS B 2 71  ? 20.400  7.527   7.752   1.00 31.37 ? 91  LYS E CB  1 
ATOM   658 C CG  . LYS B 2 71  ? 20.390  8.225   9.098   1.00 34.34 ? 91  LYS E CG  1 
ATOM   659 C CD  . LYS B 2 71  ? 21.732  8.094   9.796   1.00 38.28 ? 91  LYS E CD  1 
ATOM   660 C CE  . LYS B 2 71  ? 21.703  8.748   11.167  1.00 40.09 ? 91  LYS E CE  1 
ATOM   661 N NZ  . LYS B 2 71  ? 22.995  8.578   11.886  1.00 42.80 ? 91  LYS E NZ  1 
ATOM   662 N N   . TYR B 2 72  ? 17.457  9.240   7.554   1.00 26.45 ? 92  TYR E N   1 
ATOM   663 C CA  . TYR B 2 72  ? 16.860  10.560  7.367   1.00 26.89 ? 92  TYR E CA  1 
ATOM   664 C C   . TYR B 2 72  ? 17.956  11.620  7.464   1.00 27.30 ? 92  TYR E C   1 
ATOM   665 O O   . TYR B 2 72  ? 18.854  11.510  8.298   1.00 27.94 ? 92  TYR E O   1 
ATOM   666 C CB  . TYR B 2 72  ? 15.794  10.831  8.437   1.00 26.44 ? 92  TYR E CB  1 
ATOM   667 C CG  . TYR B 2 72  ? 14.963  12.066  8.157   1.00 26.22 ? 92  TYR E CG  1 
ATOM   668 C CD1 . TYR B 2 72  ? 13.955  12.046  7.191   1.00 26.47 ? 92  TYR E CD1 1 
ATOM   669 C CD2 . TYR B 2 72  ? 15.226  13.272  8.807   1.00 27.54 ? 92  TYR E CD2 1 
ATOM   670 C CE1 . TYR B 2 72  ? 13.236  13.193  6.873   1.00 27.48 ? 92  TYR E CE1 1 
ATOM   671 C CE2 . TYR B 2 72  ? 14.511  14.430  8.497   1.00 25.58 ? 92  TYR E CE2 1 
ATOM   672 C CZ  . TYR B 2 72  ? 13.520  14.384  7.527   1.00 29.06 ? 92  TYR E CZ  1 
ATOM   673 O OH  . TYR B 2 72  ? 12.830  15.528  7.195   1.00 30.23 ? 92  TYR E OH  1 
ATOM   674 N N   . PRO B 2 73  ? 17.881  12.675  6.635   1.00 26.38 ? 93  PRO E N   1 
ATOM   675 C CA  . PRO B 2 73  ? 16.870  12.981  5.617   1.00 26.88 ? 93  PRO E CA  1 
ATOM   676 C C   . PRO B 2 73  ? 17.049  12.286  4.269   1.00 26.33 ? 93  PRO E C   1 
ATOM   677 O O   . PRO B 2 73  ? 16.194  12.401  3.395   1.00 28.12 ? 93  PRO E O   1 
ATOM   678 C CB  . PRO B 2 73  ? 16.981  14.491  5.488   1.00 26.98 ? 93  PRO E CB  1 
ATOM   679 C CG  . PRO B 2 73  ? 18.454  14.695  5.602   1.00 27.23 ? 93  PRO E CG  1 
ATOM   680 C CD  . PRO B 2 73  ? 18.831  13.798  6.769   1.00 28.28 ? 93  PRO E CD  1 
ATOM   681 N N   . ASN B 2 74  ? 18.153  11.568  4.104   1.00 24.70 ? 94  ASN E N   1 
ATOM   682 C CA  . ASN B 2 74  ? 18.429  10.885  2.846   1.00 26.00 ? 94  ASN E CA  1 
ATOM   683 C C   . ASN B 2 74  ? 17.921  9.450   2.816   1.00 24.12 ? 94  ASN E C   1 
ATOM   684 O O   . ASN B 2 74  ? 18.707  8.506   2.835   1.00 23.96 ? 94  ASN E O   1 
ATOM   685 C CB  . ASN B 2 74  ? 19.933  10.904  2.572   1.00 29.00 ? 94  ASN E CB  1 
ATOM   686 C CG  . ASN B 2 74  ? 20.504  12.308  2.573   1.00 33.64 ? 94  ASN E CG  1 
ATOM   687 O OD1 . ASN B 2 74  ? 20.062  13.169  1.812   1.00 36.82 ? 94  ASN E OD1 1 
ATOM   688 N ND2 . ASN B 2 74  ? 21.487  12.547  3.434   1.00 36.99 ? 94  ASN E ND2 1 
ATOM   689 N N   . CYS B 2 75  ? 16.602  9.288   2.769   1.00 21.98 ? 95  CYS E N   1 
ATOM   690 C CA  . CYS B 2 75  ? 16.013  7.956   2.725   1.00 22.58 ? 95  CYS E CA  1 
ATOM   691 C C   . CYS B 2 75  ? 16.364  7.322   1.382   1.00 22.65 ? 95  CYS E C   1 
ATOM   692 O O   . CYS B 2 75  ? 16.411  8.006   0.359   1.00 25.03 ? 95  CYS E O   1 
ATOM   693 C CB  . CYS B 2 75  ? 14.491  8.036   2.867   1.00 20.85 ? 95  CYS E CB  1 
ATOM   694 S SG  . CYS B 2 75  ? 13.894  9.067   4.246   1.00 21.33 ? 95  CYS E SG  1 
ATOM   695 N N   . ALA B 2 76  ? 16.611  6.018   1.389   1.00 22.32 ? 96  ALA E N   1 
ATOM   696 C CA  . ALA B 2 76  ? 16.962  5.298   0.172   1.00 21.92 ? 96  ALA E CA  1 
ATOM   697 C C   . ALA B 2 76  ? 16.168  4.003   0.116   1.00 20.77 ? 96  ALA E C   1 
ATOM   698 O O   . ALA B 2 76  ? 16.083  3.287   1.109   1.00 19.53 ? 96  ALA E O   1 
ATOM   699 C CB  . ALA B 2 76  ? 18.447  4.997   0.156   1.00 23.68 ? 96  ALA E CB  1 
ATOM   700 N N   . TYR B 2 77  ? 15.611  3.696   -1.051  1.00 20.30 ? 97  TYR E N   1 
ATOM   701 C CA  . TYR B 2 77  ? 14.805  2.493   -1.205  1.00 18.75 ? 97  TYR E CA  1 
ATOM   702 C C   . TYR B 2 77  ? 15.202  1.557   -2.321  1.00 19.09 ? 97  TYR E C   1 
ATOM   703 O O   . TYR B 2 77  ? 15.752  1.974   -3.340  1.00 19.33 ? 97  TYR E O   1 
ATOM   704 C CB  . TYR B 2 77  ? 13.338  2.864   -1.422  1.00 19.57 ? 97  TYR E CB  1 
ATOM   705 C CG  . TYR B 2 77  ? 12.721  3.538   -0.232  1.00 18.63 ? 97  TYR E CG  1 
ATOM   706 C CD1 . TYR B 2 77  ? 12.889  4.906   -0.017  1.00 19.87 ? 97  TYR E CD1 1 
ATOM   707 C CD2 . TYR B 2 77  ? 12.050  2.792   0.733   1.00 18.66 ? 97  TYR E CD2 1 
ATOM   708 C CE1 . TYR B 2 77  ? 12.407  5.513   1.142   1.00 19.69 ? 97  TYR E CE1 1 
ATOM   709 C CE2 . TYR B 2 77  ? 11.569  3.385   1.890   1.00 20.31 ? 97  TYR E CE2 1 
ATOM   710 C CZ  . TYR B 2 77  ? 11.755  4.742   2.092   1.00 20.36 ? 97  TYR E CZ  1 
ATOM   711 O OH  . TYR B 2 77  ? 11.329  5.311   3.269   1.00 19.23 ? 97  TYR E OH  1 
ATOM   712 N N   . LYS B 2 78  ? 14.908  0.280   -2.100  1.00 18.13 ? 98  LYS E N   1 
ATOM   713 C CA  . LYS B 2 78  ? 15.134  -0.754  -3.092  1.00 19.37 ? 98  LYS E CA  1 
ATOM   714 C C   . LYS B 2 78  ? 13.738  -0.958  -3.673  1.00 19.65 ? 98  LYS E C   1 
ATOM   715 O O   . LYS B 2 78  ? 12.766  -1.105  -2.925  1.00 19.63 ? 98  LYS E O   1 
ATOM   716 C CB  . LYS B 2 78  ? 15.619  -2.049  -2.445  1.00 22.18 ? 98  LYS E CB  1 
ATOM   717 C CG  . LYS B 2 78  ? 15.846  -3.161  -3.454  1.00 26.89 ? 98  LYS E CG  1 
ATOM   718 C CD  . LYS B 2 78  ? 16.269  -4.453  -2.789  1.00 31.39 ? 98  LYS E CD  1 
ATOM   719 C CE  . LYS B 2 78  ? 16.588  -5.510  -3.833  1.00 33.77 ? 98  LYS E CE  1 
ATOM   720 N NZ  . LYS B 2 78  ? 15.433  -5.746  -4.742  1.00 36.29 ? 98  LYS E NZ  1 
ATOM   721 N N   . THR B 2 79  ? 13.647  -0.947  -4.999  1.00 17.39 ? 99  THR E N   1 
ATOM   722 C CA  . THR B 2 79  ? 12.380  -1.099  -5.708  1.00 17.81 ? 99  THR E CA  1 
ATOM   723 C C   . THR B 2 79  ? 12.219  -2.508  -6.269  1.00 19.42 ? 99  THR E C   1 
ATOM   724 O O   . THR B 2 79  ? 13.054  -2.971  -7.044  1.00 20.68 ? 99  THR E O   1 
ATOM   725 C CB  . THR B 2 79  ? 12.305  -0.089  -6.883  1.00 17.86 ? 99  THR E CB  1 
ATOM   726 O OG1 . THR B 2 79  ? 12.442  1.242   -6.374  1.00 19.84 ? 99  THR E OG1 1 
ATOM   727 C CG2 . THR B 2 79  ? 10.986  -0.212  -7.630  1.00 16.61 ? 99  THR E CG2 1 
ATOM   728 N N   . THR B 2 80  ? 11.142  -3.188  -5.886  1.00 18.53 ? 100 THR E N   1 
ATOM   729 C CA  . THR B 2 80  ? 10.893  -4.539  -6.386  1.00 19.93 ? 100 THR E CA  1 
ATOM   730 C C   . THR B 2 80  ? 9.484   -4.631  -6.965  1.00 21.29 ? 100 THR E C   1 
ATOM   731 O O   . THR B 2 80  ? 8.509   -4.360  -6.272  1.00 21.37 ? 100 THR E O   1 
ATOM   732 C CB  . THR B 2 80  ? 11.040  -5.595  -5.267  1.00 20.14 ? 100 THR E CB  1 
ATOM   733 O OG1 . THR B 2 80  ? 12.347  -5.504  -4.687  1.00 24.03 ? 100 THR E OG1 1 
ATOM   734 C CG2 . THR B 2 80  ? 10.850  -6.996  -5.836  1.00 23.23 ? 100 THR E CG2 1 
ATOM   735 N N   . GLN B 2 81  ? 9.388   -5.014  -8.236  1.00 21.36 ? 101 GLN E N   1 
ATOM   736 C CA  . GLN B 2 81  ? 8.097   -5.139  -8.907  1.00 24.25 ? 101 GLN E CA  1 
ATOM   737 C C   . GLN B 2 81  ? 7.597   -6.578  -8.796  1.00 26.28 ? 101 GLN E C   1 
ATOM   738 O O   . GLN B 2 81  ? 8.393   -7.520  -8.796  1.00 28.09 ? 101 GLN E O   1 
ATOM   739 C CB  . GLN B 2 81  ? 8.230   -4.743  -10.383 1.00 27.43 ? 101 GLN E CB  1 
ATOM   740 C CG  . GLN B 2 81  ? 6.941   -4.866  -11.178 1.00 32.55 ? 101 GLN E CG  1 
ATOM   741 C CD  . GLN B 2 81  ? 5.896   -3.842  -10.776 1.00 34.64 ? 101 GLN E CD  1 
ATOM   742 O OE1 . GLN B 2 81  ? 4.708   -4.012  -11.056 1.00 36.75 ? 101 GLN E OE1 1 
ATOM   743 N NE2 . GLN B 2 81  ? 6.333   -2.767  -10.127 1.00 36.41 ? 101 GLN E NE2 1 
ATOM   744 N N   . ALA B 2 82  ? 6.281   -6.746  -8.705  1.00 23.98 ? 102 ALA E N   1 
ATOM   745 C CA  . ALA B 2 82  ? 5.701   -8.077  -8.584  1.00 25.50 ? 102 ALA E CA  1 
ATOM   746 C C   . ALA B 2 82  ? 4.207   -8.094  -8.875  1.00 25.11 ? 102 ALA E C   1 
ATOM   747 O O   . ALA B 2 82  ? 3.565   -7.052  -8.956  1.00 23.73 ? 102 ALA E O   1 
ATOM   748 C CB  . ALA B 2 82  ? 5.954   -8.622  -7.187  1.00 26.08 ? 102 ALA E CB  1 
ATOM   749 N N   . ASN B 2 83  ? 3.669   -9.297  -9.044  1.00 26.73 ? 103 ASN E N   1 
ATOM   750 C CA  . ASN B 2 83  ? 2.246   -9.492  -9.291  1.00 26.63 ? 103 ASN E CA  1 
ATOM   751 C C   . ASN B 2 83  ? 1.774   -10.425 -8.194  1.00 26.62 ? 103 ASN E C   1 
ATOM   752 O O   . ASN B 2 83  ? 2.191   -11.578 -8.137  1.00 28.66 ? 103 ASN E O   1 
ATOM   753 C CB  . ASN B 2 83  ? 2.016   -10.141 -10.656 1.00 29.34 ? 103 ASN E CB  1 
ATOM   754 C CG  . ASN B 2 83  ? 2.351   -9.216  -11.801 1.00 30.41 ? 103 ASN E CG  1 
ATOM   755 O OD1 . ASN B 2 83  ? 1.677   -8.212  -12.020 1.00 31.31 ? 103 ASN E OD1 1 
ATOM   756 N ND2 . ASN B 2 83  ? 3.402   -9.548  -12.538 1.00 32.55 ? 103 ASN E ND2 1 
ATOM   757 N N   . LYS B 2 84  ? 0.911   -9.930  -7.317  1.00 23.88 ? 104 LYS E N   1 
ATOM   758 C CA  . LYS B 2 84  ? 0.429   -10.747 -6.216  1.00 25.26 ? 104 LYS E CA  1 
ATOM   759 C C   . LYS B 2 84  ? -0.967  -10.356 -5.762  1.00 22.24 ? 104 LYS E C   1 
ATOM   760 O O   . LYS B 2 84  ? -1.463  -9.282  -6.101  1.00 19.97 ? 104 LYS E O   1 
ATOM   761 C CB  . LYS B 2 84  ? 1.401   -10.629 -5.046  1.00 30.24 ? 104 LYS E CB  1 
ATOM   762 C CG  . LYS B 2 84  ? 1.580   -9.205  -4.555  1.00 34.44 ? 104 LYS E CG  1 
ATOM   763 C CD  . LYS B 2 84  ? 2.979   -8.960  -4.002  1.00 38.68 ? 104 LYS E CD  1 
ATOM   764 C CE  . LYS B 2 84  ? 3.295   -9.859  -2.823  1.00 40.12 ? 104 LYS E CE  1 
ATOM   765 N NZ  . LYS B 2 84  ? 4.553   -9.433  -2.155  1.00 43.38 ? 104 LYS E NZ  1 
ATOM   766 N N   . HIS B 2 85  ? -1.598  -11.247 -5.000  1.00 22.76 ? 105 HIS E N   1 
ATOM   767 C CA  . HIS B 2 85  ? -2.934  -11.001 -4.469  1.00 21.97 ? 105 HIS E CA  1 
ATOM   768 C C   . HIS B 2 85  ? -2.767  -10.008 -3.330  1.00 21.62 ? 105 HIS E C   1 
ATOM   769 O O   . HIS B 2 85  ? -1.802  -10.091 -2.571  1.00 24.50 ? 105 HIS E O   1 
ATOM   770 C CB  . HIS B 2 85  ? -3.534  -12.290 -3.897  1.00 22.34 ? 105 HIS E CB  1 
ATOM   771 C CG  . HIS B 2 85  ? -3.722  -13.381 -4.903  1.00 24.76 ? 105 HIS E CG  1 
ATOM   772 N ND1 . HIS B 2 85  ? -4.849  -13.485 -5.690  1.00 26.78 ? 105 HIS E ND1 1 
ATOM   773 C CD2 . HIS B 2 85  ? -2.924  -14.419 -5.251  1.00 25.13 ? 105 HIS E CD2 1 
ATOM   774 C CE1 . HIS B 2 85  ? -4.738  -14.539 -6.478  1.00 24.38 ? 105 HIS E CE1 1 
ATOM   775 N NE2 . HIS B 2 85  ? -3.579  -15.123 -6.232  1.00 25.98 ? 105 HIS E NE2 1 
ATOM   776 N N   . ILE B 2 86  ? -3.689  -9.063  -3.204  1.00 20.37 ? 106 ILE E N   1 
ATOM   777 C CA  . ILE B 2 86  ? -3.601  -8.111  -2.109  1.00 18.92 ? 106 ILE E CA  1 
ATOM   778 C C   . ILE B 2 86  ? -4.660  -8.448  -1.068  1.00 19.67 ? 106 ILE E C   1 
ATOM   779 O O   . ILE B 2 86  ? -5.710  -9.005  -1.394  1.00 17.08 ? 106 ILE E O   1 
ATOM   780 C CB  . ILE B 2 86  ? -3.821  -6.651  -2.581  1.00 20.33 ? 106 ILE E CB  1 
ATOM   781 C CG1 . ILE B 2 86  ? -5.234  -6.475  -3.139  1.00 20.33 ? 106 ILE E CG1 1 
ATOM   782 C CG2 . ILE B 2 86  ? -2.780  -6.283  -3.630  1.00 22.66 ? 106 ILE E CG2 1 
ATOM   783 C CD1 . ILE B 2 86  ? -5.600  -5.022  -3.398  1.00 21.90 ? 106 ILE E CD1 1 
ATOM   784 N N   . ILE B 2 87  ? -4.368  -8.144  0.192   1.00 19.10 ? 107 ILE E N   1 
ATOM   785 C CA  . ILE B 2 87  ? -5.325  -8.380  1.262   1.00 19.64 ? 107 ILE E CA  1 
ATOM   786 C C   . ILE B 2 87  ? -5.526  -7.022  1.910   1.00 19.95 ? 107 ILE E C   1 
ATOM   787 O O   . ILE B 2 87  ? -4.567  -6.391  2.360   1.00 19.70 ? 107 ILE E O   1 
ATOM   788 C CB  . ILE B 2 87  ? -4.806  -9.383  2.327   1.00 20.47 ? 107 ILE E CB  1 
ATOM   789 C CG1 . ILE B 2 87  ? -4.630  -10.779 1.716   1.00 21.49 ? 107 ILE E CG1 1 
ATOM   790 C CG2 . ILE B 2 87  ? -5.799  -9.471  3.480   1.00 21.44 ? 107 ILE E CG2 1 
ATOM   791 C CD1 . ILE B 2 87  ? -3.437  -10.905 0.798   1.00 25.13 ? 107 ILE E CD1 1 
ATOM   792 N N   . VAL B 2 88  ? -6.769  -6.561  1.930   1.00 20.52 ? 108 VAL E N   1 
ATOM   793 C CA  . VAL B 2 88  ? -7.087  -5.268  2.513   1.00 20.43 ? 108 VAL E CA  1 
ATOM   794 C C   . VAL B 2 88  ? -8.147  -5.389  3.590   1.00 20.52 ? 108 VAL E C   1 
ATOM   795 O O   . VAL B 2 88  ? -9.001  -6.275  3.538   1.00 21.74 ? 108 VAL E O   1 
ATOM   796 C CB  . VAL B 2 88  ? -7.609  -4.272  1.446   1.00 20.26 ? 108 VAL E CB  1 
ATOM   797 C CG1 . VAL B 2 88  ? -6.524  -3.988  0.416   1.00 22.31 ? 108 VAL E CG1 1 
ATOM   798 C CG2 . VAL B 2 88  ? -8.859  -4.837  0.765   1.00 20.73 ? 108 VAL E CG2 1 
ATOM   799 N N   . ALA B 2 89  ? -8.070  -4.504  4.579   1.00 18.99 ? 109 ALA E N   1 
ATOM   800 C CA  . ALA B 2 89  ? -9.051  -4.461  5.656   1.00 19.45 ? 109 ALA E CA  1 
ATOM   801 C C   . ALA B 2 89  ? -10.010 -3.356  5.234   1.00 20.36 ? 109 ALA E C   1 
ATOM   802 O O   . ALA B 2 89  ? -9.572  -2.263  4.869   1.00 20.23 ? 109 ALA E O   1 
ATOM   803 C CB  . ALA B 2 89  ? -8.384  -4.107  6.973   1.00 19.64 ? 109 ALA E CB  1 
ATOM   804 N N   . CYS B 2 90  ? -11.307 -3.636  5.283   1.00 20.41 ? 110 CYS E N   1 
ATOM   805 C CA  . CYS B 2 90  ? -12.318 -2.670  4.863   1.00 19.96 ? 110 CYS E CA  1 
ATOM   806 C C   . CYS B 2 90  ? -13.237 -2.218  5.992   1.00 22.77 ? 110 CYS E C   1 
ATOM   807 O O   . CYS B 2 90  ? -13.521 -2.973  6.926   1.00 21.72 ? 110 CYS E O   1 
ATOM   808 C CB  . CYS B 2 90  ? -13.155 -3.274  3.741   1.00 20.73 ? 110 CYS E CB  1 
ATOM   809 S SG  . CYS B 2 90  ? -12.158 -3.956  2.375   1.00 19.47 ? 110 CYS E SG  1 
ATOM   810 N N   . GLU B 2 91  ? -13.706 -0.978  5.887   1.00 23.79 ? 111 GLU E N   1 
ATOM   811 C CA  . GLU B 2 91  ? -14.590 -0.401  6.891   1.00 28.24 ? 111 GLU E CA  1 
ATOM   812 C C   . GLU B 2 91  ? -15.438 0.726   6.317   1.00 29.98 ? 111 GLU E C   1 
ATOM   813 O O   . GLU B 2 91  ? -15.146 1.258   5.243   1.00 29.78 ? 111 GLU E O   1 
ATOM   814 C CB  . GLU B 2 91  ? -13.772 0.163   8.058   1.00 30.15 ? 111 GLU E CB  1 
ATOM   815 C CG  . GLU B 2 91  ? -13.147 -0.874  8.975   1.00 36.55 ? 111 GLU E CG  1 
ATOM   816 C CD  . GLU B 2 91  ? -12.254 -0.244  10.032  1.00 40.17 ? 111 GLU E CD  1 
ATOM   817 O OE1 . GLU B 2 91  ? -12.694 0.730   10.677  1.00 42.02 ? 111 GLU E OE1 1 
ATOM   818 O OE2 . GLU B 2 91  ? -11.115 -0.726  10.221  1.00 42.95 ? 111 GLU E OE2 1 
ATOM   819 N N   . GLY B 2 92  ? -16.489 1.077   7.052   1.00 31.73 ? 112 GLY E N   1 
ATOM   820 C CA  . GLY B 2 92  ? -17.367 2.162   6.660   1.00 33.99 ? 112 GLY E CA  1 
ATOM   821 C C   . GLY B 2 92  ? -18.386 1.918   5.568   1.00 35.22 ? 112 GLY E C   1 
ATOM   822 O O   . GLY B 2 92  ? -18.622 0.787   5.134   1.00 35.57 ? 112 GLY E O   1 
ATOM   823 N N   . ASN B 2 93  ? -19.003 3.014   5.142   1.00 36.57 ? 113 ASN E N   1 
ATOM   824 C CA  . ASN B 2 93  ? -20.005 3.011   4.087   1.00 38.20 ? 113 ASN E CA  1 
ATOM   825 C C   . ASN B 2 93  ? -19.802 4.278   3.263   1.00 37.46 ? 113 ASN E C   1 
ATOM   826 O O   . ASN B 2 93  ? -19.999 5.388   3.760   1.00 38.56 ? 113 ASN E O   1 
ATOM   827 C CB  . ASN B 2 93  ? -21.414 3.001   4.684   1.00 41.35 ? 113 ASN E CB  1 
ATOM   828 C CG  . ASN B 2 93  ? -22.488 3.206   3.634   1.00 43.86 ? 113 ASN E CG  1 
ATOM   829 O OD1 . ASN B 2 93  ? -22.658 2.386   2.731   1.00 44.16 ? 113 ASN E OD1 1 
ATOM   830 N ND2 . ASN B 2 93  ? -23.218 4.313   3.745   1.00 46.67 ? 113 ASN E ND2 1 
ATOM   831 N N   . PRO B 2 94  ? -19.411 4.129   1.986   1.00 35.91 ? 114 PRO E N   1 
ATOM   832 C CA  . PRO B 2 94  ? -19.162 2.853   1.307   1.00 33.43 ? 114 PRO E CA  1 
ATOM   833 C C   . PRO B 2 94  ? -18.094 1.998   1.989   1.00 31.03 ? 114 PRO E C   1 
ATOM   834 O O   . PRO B 2 94  ? -17.201 2.516   2.656   1.00 29.33 ? 114 PRO E O   1 
ATOM   835 C CB  . PRO B 2 94  ? -18.752 3.290   -0.096  1.00 35.21 ? 114 PRO E CB  1 
ATOM   836 C CG  . PRO B 2 94  ? -18.045 4.579   0.160   1.00 35.87 ? 114 PRO E CG  1 
ATOM   837 C CD  . PRO B 2 94  ? -18.970 5.256   1.146   1.00 36.28 ? 114 PRO E CD  1 
ATOM   838 N N   . TYR B 2 95  ? -18.210 0.687   1.818   1.00 28.42 ? 115 TYR E N   1 
ATOM   839 C CA  . TYR B 2 95  ? -17.279 -0.273  2.401   1.00 25.59 ? 115 TYR E CA  1 
ATOM   840 C C   . TYR B 2 95  ? -16.005 -0.246  1.556   1.00 23.07 ? 115 TYR E C   1 
ATOM   841 O O   . TYR B 2 95  ? -15.949 -0.853  0.487   1.00 22.49 ? 115 TYR E O   1 
ATOM   842 C CB  . TYR B 2 95  ? -17.921 -1.661  2.367   1.00 25.71 ? 115 TYR E CB  1 
ATOM   843 C CG  . TYR B 2 95  ? -17.342 -2.670  3.322   1.00 23.66 ? 115 TYR E CG  1 
ATOM   844 C CD1 . TYR B 2 95  ? -17.273 -2.411  4.692   1.00 26.03 ? 115 TYR E CD1 1 
ATOM   845 C CD2 . TYR B 2 95  ? -16.915 -3.915  2.866   1.00 25.09 ? 115 TYR E CD2 1 
ATOM   846 C CE1 . TYR B 2 95  ? -16.798 -3.373  5.581   1.00 24.87 ? 115 TYR E CE1 1 
ATOM   847 C CE2 . TYR B 2 95  ? -16.443 -4.877  3.741   1.00 24.17 ? 115 TYR E CE2 1 
ATOM   848 C CZ  . TYR B 2 95  ? -16.387 -4.605  5.095   1.00 25.23 ? 115 TYR E CZ  1 
ATOM   849 O OH  . TYR B 2 95  ? -15.936 -5.572  5.960   1.00 26.13 ? 115 TYR E OH  1 
ATOM   850 N N   . VAL B 2 96  ? -14.983 0.451   2.040   1.00 21.49 ? 116 VAL E N   1 
ATOM   851 C CA  . VAL B 2 96  ? -13.736 0.584   1.294   1.00 19.61 ? 116 VAL E CA  1 
ATOM   852 C C   . VAL B 2 96  ? -12.479 0.211   2.074   1.00 19.21 ? 116 VAL E C   1 
ATOM   853 O O   . VAL B 2 96  ? -12.503 0.100   3.299   1.00 18.26 ? 116 VAL E O   1 
ATOM   854 C CB  . VAL B 2 96  ? -13.581 2.034   0.786   1.00 21.71 ? 116 VAL E CB  1 
ATOM   855 C CG1 . VAL B 2 96  ? -14.751 2.390   -0.125  1.00 21.91 ? 116 VAL E CG1 1 
ATOM   856 C CG2 . VAL B 2 96  ? -13.525 2.990   1.968   1.00 23.07 ? 116 VAL E CG2 1 
ATOM   857 N N   . PRO B 2 97  ? -11.353 0.029   1.364   1.00 19.50 ? 117 PRO E N   1 
ATOM   858 C CA  . PRO B 2 97  ? -10.083 -0.331  2.003   1.00 20.32 ? 117 PRO E CA  1 
ATOM   859 C C   . PRO B 2 97  ? -9.553  0.791   2.899   1.00 20.23 ? 117 PRO E C   1 
ATOM   860 O O   . PRO B 2 97  ? -9.548  1.958   2.501   1.00 20.65 ? 117 PRO E O   1 
ATOM   861 C CB  . PRO B 2 97  ? -9.149  -0.578  0.815   1.00 20.78 ? 117 PRO E CB  1 
ATOM   862 C CG  . PRO B 2 97  ? -10.072 -0.917  -0.313  1.00 21.88 ? 117 PRO E CG  1 
ATOM   863 C CD  . PRO B 2 97  ? -11.217 0.036   -0.102  1.00 19.86 ? 117 PRO E CD  1 
ATOM   864 N N   . VAL B 2 98  ? -9.118  0.437   4.105   1.00 20.29 ? 118 VAL E N   1 
ATOM   865 C CA  . VAL B 2 98  ? -8.555  1.419   5.031   1.00 21.54 ? 118 VAL E CA  1 
ATOM   866 C C   . VAL B 2 98  ? -7.165  0.976   5.479   1.00 23.06 ? 118 VAL E C   1 
ATOM   867 O O   . VAL B 2 98  ? -6.418  1.745   6.088   1.00 23.37 ? 118 VAL E O   1 
ATOM   868 C CB  . VAL B 2 98  ? -9.452  1.620   6.273   1.00 21.27 ? 118 VAL E CB  1 
ATOM   869 C CG1 . VAL B 2 98  ? -10.771 2.252   5.857   1.00 22.29 ? 118 VAL E CG1 1 
ATOM   870 C CG2 . VAL B 2 98  ? -9.693  0.290   6.972   1.00 23.50 ? 118 VAL E CG2 1 
ATOM   871 N N   . HIS B 2 99  ? -6.820  -0.272  5.173   1.00 22.64 ? 119 HIS E N   1 
ATOM   872 C CA  . HIS B 2 99  ? -5.512  -0.812  5.530   1.00 24.72 ? 119 HIS E CA  1 
ATOM   873 C C   . HIS B 2 99  ? -5.128  -1.959  4.611   1.00 26.02 ? 119 HIS E C   1 
ATOM   874 O O   . HIS B 2 99  ? -5.989  -2.706  4.148   1.00 23.29 ? 119 HIS E O   1 
ATOM   875 C CB  . HIS B 2 99  ? -5.507  -1.354  6.967   1.00 27.22 ? 119 HIS E CB  1 
ATOM   876 C CG  . HIS B 2 99  ? -5.622  -0.301  8.023   1.00 32.29 ? 119 HIS E CG  1 
ATOM   877 N ND1 . HIS B 2 99  ? -4.672  0.680   8.205   1.00 34.16 ? 119 HIS E ND1 1 
ATOM   878 C CD2 . HIS B 2 99  ? -6.571  -0.087  8.966   1.00 34.59 ? 119 HIS E CD2 1 
ATOM   879 C CE1 . HIS B 2 99  ? -5.030  1.454   9.215   1.00 35.32 ? 119 HIS E CE1 1 
ATOM   880 N NE2 . HIS B 2 99  ? -6.178  1.010   9.693   1.00 35.96 ? 119 HIS E NE2 1 
ATOM   881 N N   . PHE B 2 100 ? -3.831  -2.084  4.347   1.00 26.31 ? 120 PHE E N   1 
ATOM   882 C CA  . PHE B 2 100 ? -3.311  -3.182  3.547   1.00 29.41 ? 120 PHE E CA  1 
ATOM   883 C C   . PHE B 2 100 ? -2.729  -4.146  4.574   1.00 31.36 ? 120 PHE E C   1 
ATOM   884 O O   . PHE B 2 100 ? -1.828  -3.783  5.334   1.00 32.03 ? 120 PHE E O   1 
ATOM   885 C CB  . PHE B 2 100 ? -2.225  -2.697  2.586   1.00 30.00 ? 120 PHE E CB  1 
ATOM   886 C CG  . PHE B 2 100 ? -2.762  -2.198  1.277   1.00 32.58 ? 120 PHE E CG  1 
ATOM   887 C CD1 . PHE B 2 100 ? -3.637  -1.116  1.235   1.00 33.12 ? 120 PHE E CD1 1 
ATOM   888 C CD2 . PHE B 2 100 ? -2.417  -2.829  0.087   1.00 33.44 ? 120 PHE E CD2 1 
ATOM   889 C CE1 . PHE B 2 100 ? -4.164  -0.671  0.022   1.00 34.03 ? 120 PHE E CE1 1 
ATOM   890 C CE2 . PHE B 2 100 ? -2.936  -2.392  -1.129  1.00 33.34 ? 120 PHE E CE2 1 
ATOM   891 C CZ  . PHE B 2 100 ? -3.812  -1.311  -1.161  1.00 33.49 ? 120 PHE E CZ  1 
ATOM   892 N N   . ASP B 2 101 ? -3.256  -5.365  4.614   1.00 31.34 ? 121 ASP E N   1 
ATOM   893 C CA  . ASP B 2 101 ? -2.802  -6.352  5.583   1.00 34.23 ? 121 ASP E CA  1 
ATOM   894 C C   . ASP B 2 101 ? -1.604  -7.136  5.076   1.00 37.24 ? 121 ASP E C   1 
ATOM   895 O O   . ASP B 2 101 ? -0.739  -7.535  5.856   1.00 37.69 ? 121 ASP E O   1 
ATOM   896 C CB  . ASP B 2 101 ? -3.946  -7.309  5.929   1.00 32.71 ? 121 ASP E CB  1 
ATOM   897 C CG  . ASP B 2 101 ? -3.751  -7.988  7.268   1.00 33.04 ? 121 ASP E CG  1 
ATOM   898 O OD1 . ASP B 2 101 ? -3.507  -7.274  8.264   1.00 31.73 ? 121 ASP E OD1 1 
ATOM   899 O OD2 . ASP B 2 101 ? -3.850  -9.231  7.330   1.00 31.59 ? 121 ASP E OD2 1 
ATOM   900 N N   . ALA B 2 102 ? -1.554  -7.350  3.766   1.00 39.14 ? 122 ALA E N   1 
ATOM   901 C CA  . ALA B 2 102 ? -0.457  -8.091  3.164   1.00 42.49 ? 122 ALA E CA  1 
ATOM   902 C C   . ALA B 2 102 ? -0.620  -8.226  1.656   1.00 44.32 ? 122 ALA E C   1 
ATOM   903 O O   . ALA B 2 102 ? -1.548  -7.677  1.055   1.00 41.76 ? 122 ALA E O   1 
ATOM   904 C CB  . ALA B 2 102 ? -0.351  -9.478  3.797   1.00 43.15 ? 122 ALA E CB  1 
ATOM   905 N N   . SER B 2 103 ? 0.303   -8.969  1.059   1.00 47.22 ? 123 SER E N   1 
ATOM   906 C CA  . SER B 2 103 ? 0.306   -9.222  -0.373  1.00 49.47 ? 123 SER E CA  1 
ATOM   907 C C   . SER B 2 103 ? 0.843   -10.637 -0.578  1.00 50.94 ? 123 SER E C   1 
ATOM   908 O O   . SER B 2 103 ? 1.955   -10.953 -0.151  1.00 51.76 ? 123 SER E O   1 
ATOM   909 C CB  . SER B 2 103 ? 1.208   -8.209  -1.082  1.00 50.79 ? 123 SER E CB  1 
ATOM   910 O OG  . SER B 2 103 ? 0.806   -6.878  -0.805  1.00 52.74 ? 123 SER E OG  1 
ATOM   911 N N   . VAL B 2 104 ? 0.048   -11.488 -1.221  1.00 51.56 ? 124 VAL E N   1 
ATOM   912 C CA  . VAL B 2 104 ? 0.454   -12.866 -1.466  1.00 52.33 ? 124 VAL E CA  1 
ATOM   913 C C   . VAL B 2 104 ? 0.912   -13.074 -2.905  1.00 52.38 ? 124 VAL E C   1 
ATOM   914 O O   . VAL B 2 104 ? 2.134   -13.223 -3.112  1.00 53.13 ? 124 VAL E O   1 
ATOM   915 C CB  . VAL B 2 104 ? -0.704  -13.846 -1.176  1.00 52.57 ? 124 VAL E CB  1 
ATOM   916 C CG1 . VAL B 2 104 ? -0.246  -15.274 -1.417  1.00 52.64 ? 124 VAL E CG1 1 
ATOM   917 C CG2 . VAL B 2 104 ? -1.186  -13.671 0.255   1.00 53.26 ? 124 VAL E CG2 1 
ATOM   918 O OXT . VAL B 2 104 ? 0.047   -13.082 -3.805  1.00 51.91 ? 124 VAL E OXT 1 
HETATM 919 S S   . SO4 C 3 .   ? -1.564  0.622   6.098   1.00 64.15 ? 125 SO4 E S   1 
HETATM 920 O O1  . SO4 C 3 .   ? -2.266  1.502   7.052   1.00 64.66 ? 125 SO4 E O1  1 
HETATM 921 O O2  . SO4 C 3 .   ? -2.402  0.435   4.898   1.00 64.75 ? 125 SO4 E O2  1 
HETATM 922 O O3  . SO4 C 3 .   ? -1.312  -0.688  6.728   1.00 64.84 ? 125 SO4 E O3  1 
HETATM 923 O O4  . SO4 C 3 .   ? -0.281  1.241   5.712   1.00 64.55 ? 125 SO4 E O4  1 
HETATM 924 S S   . SO4 D 3 .   ? -8.730  5.327   -12.101 1.00 69.44 ? 126 SO4 E S   1 
HETATM 925 O O1  . SO4 D 3 .   ? -9.378  6.648   -12.211 1.00 69.73 ? 126 SO4 E O1  1 
HETATM 926 O O2  . SO4 D 3 .   ? -9.616  4.301   -12.684 1.00 69.96 ? 126 SO4 E O2  1 
HETATM 927 O O3  . SO4 D 3 .   ? -8.481  5.020   -10.681 1.00 68.37 ? 126 SO4 E O3  1 
HETATM 928 O O4  . SO4 D 3 .   ? -7.450  5.339   -12.836 1.00 69.56 ? 126 SO4 E O4  1 
HETATM 929 O O   . HOH E 4 .   ? -5.080  13.077  1.289   1.00 30.59 ? 212 HOH S O   1 
HETATM 930 O O   . HOH E 4 .   ? -9.957  12.977  3.516   1.00 29.87 ? 219 HOH S O   1 
HETATM 931 O O   . HOH E 4 .   ? -12.246 6.363   6.169   1.00 30.79 ? 223 HOH S O   1 
HETATM 932 O O   . HOH E 4 .   ? -13.165 9.346   2.623   1.00 43.53 ? 233 HOH S O   1 
HETATM 933 O O   . HOH E 4 .   ? -11.975 7.951   8.900   1.00 39.61 ? 237 HOH S O   1 
HETATM 934 O O   . HOH E 4 .   ? 1.586   9.373   5.853   1.00 42.71 ? 239 HOH S O   1 
HETATM 935 O O   . HOH E 4 .   ? -7.405  14.356  2.204   1.00 39.67 ? 244 HOH S O   1 
HETATM 936 O O   . HOH E 4 .   ? -11.817 8.710   -0.022  1.00 43.68 ? 248 HOH S O   1 
HETATM 937 O O   . HOH E 4 .   ? 1.491   6.246   8.880   1.00 56.55 ? 262 HOH S O   1 
HETATM 938 O O   . HOH F 4 .   ? -10.869 -6.349  -8.384  1.00 20.35 ? 201 HOH E O   1 
HETATM 939 O O   . HOH F 4 .   ? -9.225  -9.461  -8.087  1.00 20.89 ? 202 HOH E O   1 
HETATM 940 O O   . HOH F 4 .   ? 3.718   15.610  -0.519  1.00 23.64 ? 203 HOH E O   1 
HETATM 941 O O   . HOH F 4 .   ? 11.851  -3.783  -2.417  1.00 22.96 ? 204 HOH E O   1 
HETATM 942 O O   . HOH F 4 .   ? -5.692  4.311   6.452   1.00 26.19 ? 205 HOH E O   1 
HETATM 943 O O   . HOH F 4 .   ? -11.215 4.103   -10.587 1.00 27.32 ? 206 HOH E O   1 
HETATM 944 O O   . HOH F 4 .   ? -6.974  -1.926  -12.863 1.00 28.56 ? 207 HOH E O   1 
HETATM 945 O O   . HOH F 4 .   ? -9.495  3.616   0.469   1.00 24.15 ? 208 HOH E O   1 
HETATM 946 O O   . HOH F 4 .   ? 15.992  7.571   9.690   1.00 28.23 ? 209 HOH E O   1 
HETATM 947 O O   . HOH F 4 .   ? -18.323 -7.007  1.358   1.00 33.79 ? 210 HOH E O   1 
HETATM 948 O O   . HOH F 4 .   ? -16.154 5.028   3.668   1.00 30.44 ? 211 HOH E O   1 
HETATM 949 O O   . HOH F 4 .   ? -4.412  -7.128  10.825  1.00 33.49 ? 213 HOH E O   1 
HETATM 950 O O   . HOH F 4 .   ? 13.688  3.506   9.224   1.00 31.94 ? 214 HOH E O   1 
HETATM 951 O O   . HOH F 4 .   ? 6.308   12.502  5.271   1.00 25.16 ? 215 HOH E O   1 
HETATM 952 O O   . HOH F 4 .   ? -14.005 4.188   5.403   1.00 36.40 ? 216 HOH E O   1 
HETATM 953 O O   . HOH F 4 .   ? -16.002 -14.489 1.028   1.00 34.34 ? 217 HOH E O   1 
HETATM 954 O O   . HOH F 4 .   ? 12.050  9.152   -0.458  1.00 29.13 ? 218 HOH E O   1 
HETATM 955 O O   . HOH F 4 .   ? 5.158   16.237  5.854   1.00 32.14 ? 220 HOH E O   1 
HETATM 956 O O   . HOH F 4 .   ? 16.337  5.161   8.669   1.00 34.36 ? 221 HOH E O   1 
HETATM 957 O O   . HOH F 4 .   ? 2.772   -1.280  2.558   1.00 33.05 ? 222 HOH E O   1 
HETATM 958 O O   . HOH F 4 .   ? 13.125  8.162   9.899   1.00 32.22 ? 224 HOH E O   1 
HETATM 959 O O   . HOH F 4 .   ? 11.722  -5.806  -9.686  1.00 30.60 ? 225 HOH E O   1 
HETATM 960 O O   . HOH F 4 .   ? -3.101  -6.880  -12.952 1.00 37.51 ? 226 HOH E O   1 
HETATM 961 O O   . HOH F 4 .   ? -11.157 -1.902  -14.636 1.00 42.87 ? 227 HOH E O   1 
HETATM 962 O O   . HOH F 4 .   ? -8.930  -5.015  10.832  1.00 47.31 ? 228 HOH E O   1 
HETATM 963 O O   . HOH F 4 .   ? 15.888  -0.262  -6.837  1.00 43.73 ? 229 HOH E O   1 
HETATM 964 O O   . HOH F 4 .   ? -7.957  -16.588 -5.952  1.00 41.20 ? 230 HOH E O   1 
HETATM 965 O O   . HOH F 4 .   ? -4.336  -14.381 -10.736 1.00 40.61 ? 231 HOH E O   1 
HETATM 966 O O   . HOH F 4 .   ? 8.316   9.090   -10.031 1.00 48.39 ? 232 HOH E O   1 
HETATM 967 O O   . HOH F 4 .   ? -21.042 -1.271  4.505   1.00 42.29 ? 234 HOH E O   1 
HETATM 968 O O   . HOH F 4 .   ? -11.570 4.004   -1.102  1.00 35.27 ? 235 HOH E O   1 
HETATM 969 O O   . HOH F 4 .   ? 21.583  4.961   1.327   1.00 57.28 ? 236 HOH E O   1 
HETATM 970 O O   . HOH F 4 .   ? 6.402   17.255  -3.800  1.00 44.89 ? 238 HOH E O   1 
HETATM 971 O O   . HOH F 4 .   ? 7.078   0.696   7.466   1.00 39.65 ? 240 HOH E O   1 
HETATM 972 O O   . HOH F 4 .   ? -17.714 -2.775  -1.212  1.00 41.19 ? 241 HOH E O   1 
HETATM 973 O O   . HOH F 4 .   ? -4.685  -4.490  7.928   1.00 46.36 ? 242 HOH E O   1 
HETATM 974 O O   . HOH F 4 .   ? -13.392 6.079   -0.433  1.00 33.42 ? 243 HOH E O   1 
HETATM 975 O O   . HOH F 4 .   ? -18.194 -0.652  8.270   1.00 47.22 ? 245 HOH E O   1 
HETATM 976 O O   . HOH F 4 .   ? -5.882  4.829   9.469   1.00 42.37 ? 246 HOH E O   1 
HETATM 977 O O   . HOH F 4 .   ? -6.361  -4.995  9.954   1.00 38.92 ? 247 HOH E O   1 
HETATM 978 O O   . HOH F 4 .   ? 16.731  8.559   12.077  1.00 40.88 ? 249 HOH E O   1 
HETATM 979 O O   . HOH F 4 .   ? -15.277 6.583   1.604   1.00 44.21 ? 250 HOH E O   1 
HETATM 980 O O   . HOH F 4 .   ? -7.312  -15.303 -3.771  1.00 47.58 ? 251 HOH E O   1 
HETATM 981 O O   . HOH F 4 .   ? -23.140 -3.824  4.791   1.00 44.73 ? 252 HOH E O   1 
HETATM 982 O O   . HOH F 4 .   ? 9.167   13.513  -5.487  1.00 44.93 ? 253 HOH E O   1 
HETATM 983 O O   . HOH F 4 .   ? -13.906 -17.174 4.299   1.00 45.66 ? 254 HOH E O   1 
HETATM 984 O O   . HOH F 4 .   ? 9.515   -5.565  1.212   1.00 44.49 ? 255 HOH E O   1 
HETATM 985 O O   . HOH F 4 .   ? 19.272  10.484  10.830  1.00 35.35 ? 256 HOH E O   1 
HETATM 986 O O   . HOH F 4 .   ? -20.678 -2.845  6.696   1.00 44.66 ? 257 HOH E O   1 
HETATM 987 O O   . HOH F 4 .   ? 11.636  13.005  -7.793  1.00 47.17 ? 258 HOH E O   1 
HETATM 988 O O   . HOH F 4 .   ? -14.328 4.738   -6.905  1.00 43.70 ? 259 HOH E O   1 
HETATM 989 O O   . HOH F 4 .   ? 18.919  7.350   11.560  1.00 78.49 ? 260 HOH E O   1 
HETATM 990 O O   . HOH F 4 .   ? -2.786  -3.201  -13.957 1.00 52.19 ? 261 HOH E O   1 
HETATM 991 O O   . HOH F 4 .   ? -3.177  3.268   4.953   1.00 39.40 ? 263 HOH E O   1 
# 
loop_
_pdbx_poly_seq_scheme.asym_id 
_pdbx_poly_seq_scheme.entity_id 
_pdbx_poly_seq_scheme.seq_id 
_pdbx_poly_seq_scheme.mon_id 
_pdbx_poly_seq_scheme.ndb_seq_num 
_pdbx_poly_seq_scheme.pdb_seq_num 
_pdbx_poly_seq_scheme.auth_seq_num 
_pdbx_poly_seq_scheme.pdb_mon_id 
_pdbx_poly_seq_scheme.auth_mon_id 
_pdbx_poly_seq_scheme.pdb_strand_id 
_pdbx_poly_seq_scheme.pdb_ins_code 
_pdbx_poly_seq_scheme.hetero 
A 1 1   LYS 1   1   1   LYS LYS S . n 
A 1 2   GLU 2   2   2   GLU GLU S . n 
A 1 3   THR 3   3   3   THR THR S . n 
A 1 4   ALA 4   4   4   ALA ALA S . n 
A 1 5   ALA 5   5   5   ALA ALA S . n 
A 1 6   ALA 6   6   6   ALA ALA S . n 
A 1 7   LYS 7   7   7   LYS LYS S . n 
A 1 8   ABA 8   8   8   ABA AA3 S . n 
A 1 9   GLU 9   9   9   GLU GLU S . n 
A 1 10  ARG 10  10  10  ARG ARG S . n 
A 1 11  GLN 11  11  11  GLN GLN S . n 
A 1 12  HIS 12  12  12  HIS HIS S . n 
A 1 13  NLE 13  13  13  NLE NLE S . n 
A 1 14  ASP 14  14  14  ASP ASP S . n 
A 1 15  SER 15  15  15  SER SER S . n 
B 2 1   SER 1   21  21  SER SER E . n 
B 2 2   SER 2   22  22  SER SER E . n 
B 2 3   SER 3   23  23  SER SER E . n 
B 2 4   ASN 4   24  24  ASN ASN E . n 
B 2 5   TYR 5   25  25  TYR TYR E . n 
B 2 6   CYS 6   26  26  CYS CYS E . n 
B 2 7   ASN 7   27  27  ASN ASN E . n 
B 2 8   GLN 8   28  28  GLN GLN E . n 
B 2 9   MET 9   29  29  MET MET E . n 
B 2 10  MET 10  30  30  MET MET E . n 
B 2 11  LYS 11  31  31  LYS LYS E . n 
B 2 12  SER 12  32  32  SER SER E . n 
B 2 13  ARG 13  33  33  ARG ARG E . n 
B 2 14  ASN 14  34  34  ASN ASN E . n 
B 2 15  LEU 15  35  35  LEU LEU E . n 
B 2 16  THR 16  36  36  THR THR E . n 
B 2 17  LYS 17  37  37  LYS LYS E . n 
B 2 18  ASP 18  38  38  ASP ASP E . n 
B 2 19  ARG 19  39  39  ARG ARG E . n 
B 2 20  CYS 20  40  40  CYS CYS E . n 
B 2 21  LYS 21  41  41  LYS LYS E . n 
B 2 22  PRO 22  42  42  PRO PRO E . n 
B 2 23  VAL 23  43  43  VAL VAL E . n 
B 2 24  ASN 24  44  44  ASN ASN E . n 
B 2 25  THR 25  45  45  THR THR E . n 
B 2 26  PHE 26  46  46  PHE PHE E . n 
B 2 27  VAL 27  47  47  VAL VAL E . n 
B 2 28  HIS 28  48  48  HIS HIS E . n 
B 2 29  GLU 29  49  49  GLU GLU E . n 
B 2 30  SER 30  50  50  SER SER E . n 
B 2 31  LEU 31  51  51  LEU LEU E . n 
B 2 32  ALA 32  52  52  ALA ALA E . n 
B 2 33  ASP 33  53  53  ASP ASP E . n 
B 2 34  VAL 34  54  54  VAL VAL E . n 
B 2 35  GLN 35  55  55  GLN GLN E . n 
B 2 36  ALA 36  56  56  ALA ALA E . n 
B 2 37  VAL 37  57  57  VAL VAL E . n 
B 2 38  CYS 38  58  58  CYS CYS E . n 
B 2 39  SER 39  59  59  SER SER E . n 
B 2 40  GLN 40  60  60  GLN GLN E . n 
B 2 41  LYS 41  61  61  LYS LYS E . n 
B 2 42  ASN 42  62  62  ASN ASN E . n 
B 2 43  VAL 43  63  63  VAL VAL E . n 
B 2 44  ALA 44  64  64  ALA ALA E . n 
B 2 45  CYS 45  65  65  CYS CYS E . n 
B 2 46  LYS 46  66  66  LYS LYS E . n 
B 2 47  ASN 47  67  67  ASN ASN E . n 
B 2 48  GLY 48  68  68  GLY GLY E . n 
B 2 49  GLN 49  69  69  GLN GLN E . n 
B 2 50  THR 50  70  70  THR THR E . n 
B 2 51  ASN 51  71  71  ASN ASN E . n 
B 2 52  CYS 52  72  72  CYS CYS E . n 
B 2 53  TYR 53  73  73  TYR TYR E . n 
B 2 54  GLN 54  74  74  GLN GLN E . n 
B 2 55  SER 55  75  75  SER SER E . n 
B 2 56  TYR 56  76  76  TYR TYR E . n 
B 2 57  SER 57  77  77  SER SER E . n 
B 2 58  THR 58  78  78  THR THR E . n 
B 2 59  MET 59  79  79  MET MET E . n 
B 2 60  SER 60  80  80  SER SER E . n 
B 2 61  ILE 61  81  81  ILE ILE E . n 
B 2 62  THR 62  82  82  THR THR E . n 
B 2 63  ASP 63  83  83  ASP ASP E . n 
B 2 64  CYS 64  84  84  CYS CYS E . n 
B 2 65  ARG 65  85  85  ARG ARG E . n 
B 2 66  GLU 66  86  86  GLU GLU E . n 
B 2 67  THR 67  87  87  THR THR E . n 
B 2 68  GLY 68  88  88  GLY GLY E . n 
B 2 69  SER 69  89  89  SER SER E . n 
B 2 70  SER 70  90  90  SER SER E . n 
B 2 71  LYS 71  91  91  LYS LYS E . n 
B 2 72  TYR 72  92  92  TYR TYR E . n 
B 2 73  PRO 73  93  93  PRO PRO E . n 
B 2 74  ASN 74  94  94  ASN ASN E . n 
B 2 75  CYS 75  95  95  CYS CYS E . n 
B 2 76  ALA 76  96  96  ALA ALA E . n 
B 2 77  TYR 77  97  97  TYR TYR E . n 
B 2 78  LYS 78  98  98  LYS LYS E . n 
B 2 79  THR 79  99  99  THR THR E . n 
B 2 80  THR 80  100 100 THR THR E . n 
B 2 81  GLN 81  101 101 GLN GLN E . n 
B 2 82  ALA 82  102 102 ALA ALA E . n 
B 2 83  ASN 83  103 103 ASN ASN E . n 
B 2 84  LYS 84  104 104 LYS LYS E . n 
B 2 85  HIS 85  105 105 HIS HIS E . n 
B 2 86  ILE 86  106 106 ILE ILE E . n 
B 2 87  ILE 87  107 107 ILE ILE E . n 
B 2 88  VAL 88  108 108 VAL VAL E . n 
B 2 89  ALA 89  109 109 ALA ALA E . n 
B 2 90  CYS 90  110 110 CYS CYS E . n 
B 2 91  GLU 91  111 111 GLU GLU E . n 
B 2 92  GLY 92  112 112 GLY GLY E . n 
B 2 93  ASN 93  113 113 ASN ASN E . n 
B 2 94  PRO 94  114 114 PRO PRO E . n 
B 2 95  TYR 95  115 115 TYR TYR E . n 
B 2 96  VAL 96  116 116 VAL VAL E . n 
B 2 97  PRO 97  117 117 PRO PRO E . n 
B 2 98  VAL 98  118 118 VAL VAL E . n 
B 2 99  HIS 99  119 119 HIS HIS E . n 
B 2 100 PHE 100 120 120 PHE PHE E . n 
B 2 101 ASP 101 121 121 ASP ASP E . n 
B 2 102 ALA 102 122 122 ALA ALA E . n 
B 2 103 SER 103 123 123 SER SER E . n 
B 2 104 VAL 104 124 124 VAL VAL E . n 
# 
loop_
_pdbx_nonpoly_scheme.asym_id 
_pdbx_nonpoly_scheme.entity_id 
_pdbx_nonpoly_scheme.mon_id 
_pdbx_nonpoly_scheme.ndb_seq_num 
_pdbx_nonpoly_scheme.pdb_seq_num 
_pdbx_nonpoly_scheme.auth_seq_num 
_pdbx_nonpoly_scheme.pdb_mon_id 
_pdbx_nonpoly_scheme.auth_mon_id 
_pdbx_nonpoly_scheme.pdb_strand_id 
_pdbx_nonpoly_scheme.pdb_ins_code 
C 3 SO4 1  125 125 SO4 SO4 E . 
D 3 SO4 1  126 126 SO4 SO4 E . 
E 4 HOH 1  212 212 HOH HOH S . 
E 4 HOH 2  219 219 HOH HOH S . 
E 4 HOH 3  223 223 HOH HOH S . 
E 4 HOH 4  233 233 HOH HOH S . 
E 4 HOH 5  237 237 HOH HOH S . 
E 4 HOH 6  239 239 HOH HOH S . 
E 4 HOH 7  244 244 HOH HOH S . 
E 4 HOH 8  248 248 HOH HOH S . 
E 4 HOH 9  262 262 HOH HOH S . 
F 4 HOH 1  201 201 HOH HOH E . 
F 4 HOH 2  202 202 HOH HOH E . 
F 4 HOH 3  203 203 HOH HOH E . 
F 4 HOH 4  204 204 HOH HOH E . 
F 4 HOH 5  205 205 HOH HOH E . 
F 4 HOH 6  206 206 HOH HOH E . 
F 4 HOH 7  207 207 HOH HOH E . 
F 4 HOH 8  208 208 HOH HOH E . 
F 4 HOH 9  209 209 HOH HOH E . 
F 4 HOH 10 210 210 HOH HOH E . 
F 4 HOH 11 211 211 HOH HOH E . 
F 4 HOH 12 213 213 HOH HOH E . 
F 4 HOH 13 214 214 HOH HOH E . 
F 4 HOH 14 215 215 HOH HOH E . 
F 4 HOH 15 216 216 HOH HOH E . 
F 4 HOH 16 217 217 HOH HOH E . 
F 4 HOH 17 218 218 HOH HOH E . 
F 4 HOH 18 220 220 HOH HOH E . 
F 4 HOH 19 221 221 HOH HOH E . 
F 4 HOH 20 222 222 HOH HOH E . 
F 4 HOH 21 224 224 HOH HOH E . 
F 4 HOH 22 225 225 HOH HOH E . 
F 4 HOH 23 226 226 HOH HOH E . 
F 4 HOH 24 227 227 HOH HOH E . 
F 4 HOH 25 228 228 HOH HOH E . 
F 4 HOH 26 229 229 HOH HOH E . 
F 4 HOH 27 230 230 HOH HOH E . 
F 4 HOH 28 231 231 HOH HOH E . 
F 4 HOH 29 232 232 HOH HOH E . 
F 4 HOH 30 234 234 HOH HOH E . 
F 4 HOH 31 235 235 HOH HOH E . 
F 4 HOH 32 236 236 HOH HOH E . 
F 4 HOH 33 238 238 HOH HOH E . 
F 4 HOH 34 240 240 HOH HOH E . 
F 4 HOH 35 241 241 HOH HOH E . 
F 4 HOH 36 242 242 HOH HOH E . 
F 4 HOH 37 243 243 HOH HOH E . 
F 4 HOH 38 245 245 HOH HOH E . 
F 4 HOH 39 246 246 HOH HOH E . 
F 4 HOH 40 247 247 HOH HOH E . 
F 4 HOH 41 249 249 HOH HOH E . 
F 4 HOH 42 250 250 HOH HOH E . 
F 4 HOH 43 251 251 HOH HOH E . 
F 4 HOH 44 252 252 HOH HOH E . 
F 4 HOH 45 253 253 HOH HOH E . 
F 4 HOH 46 254 254 HOH HOH E . 
F 4 HOH 47 255 255 HOH HOH E . 
F 4 HOH 48 256 256 HOH HOH E . 
F 4 HOH 49 257 257 HOH HOH E . 
F 4 HOH 50 258 258 HOH HOH E . 
F 4 HOH 51 259 259 HOH HOH E . 
F 4 HOH 52 260 260 HOH HOH E . 
F 4 HOH 53 261 261 HOH HOH E . 
F 4 HOH 54 263 263 HOH HOH E . 
# 
loop_
_pdbx_struct_mod_residue.id 
_pdbx_struct_mod_residue.label_asym_id 
_pdbx_struct_mod_residue.label_comp_id 
_pdbx_struct_mod_residue.label_seq_id 
_pdbx_struct_mod_residue.auth_asym_id 
_pdbx_struct_mod_residue.auth_comp_id 
_pdbx_struct_mod_residue.auth_seq_id 
_pdbx_struct_mod_residue.PDB_ins_code 
_pdbx_struct_mod_residue.parent_comp_id 
_pdbx_struct_mod_residue.details 
1 A ABA 8  S ABA 8  ? ALA 'ALPHA-AMINOBUTYRIC ACID' 
2 A NLE 13 S NLE 13 ? LEU NORLEUCINE                
# 
loop_
_pdbx_struct_assembly.id 
_pdbx_struct_assembly.details 
_pdbx_struct_assembly.method_details 
_pdbx_struct_assembly.oligomeric_details 
_pdbx_struct_assembly.oligomeric_count 
1 author_and_software_defined_assembly PISA dimeric    2 
2 software_defined_assembly            PISA tetrameric 4 
# 
loop_
_pdbx_struct_assembly_gen.assembly_id 
_pdbx_struct_assembly_gen.oper_expression 
_pdbx_struct_assembly_gen.asym_id_list 
1 1   A,B,C,D,E,F 
2 1,2 A,B,C,D,E,F 
# 
loop_
_pdbx_struct_assembly_prop.biol_id 
_pdbx_struct_assembly_prop.type 
_pdbx_struct_assembly_prop.value 
_pdbx_struct_assembly_prop.details 
1 'ABSA (A^2)' 1730  ? 
1 MORE         -34   ? 
1 'SSA (A^2)'  6760  ? 
2 'ABSA (A^2)' 5460  ? 
2 MORE         -73   ? 
2 'SSA (A^2)'  11510 ? 
# 
loop_
_pdbx_struct_oper_list.id 
_pdbx_struct_oper_list.type 
_pdbx_struct_oper_list.name 
_pdbx_struct_oper_list.symmetry_operation 
_pdbx_struct_oper_list.matrix[1][1] 
_pdbx_struct_oper_list.matrix[1][2] 
_pdbx_struct_oper_list.matrix[1][3] 
_pdbx_struct_oper_list.vector[1] 
_pdbx_struct_oper_list.matrix[2][1] 
_pdbx_struct_oper_list.matrix[2][2] 
_pdbx_struct_oper_list.matrix[2][3] 
_pdbx_struct_oper_list.vector[2] 
_pdbx_struct_oper_list.matrix[3][1] 
_pdbx_struct_oper_list.matrix[3][2] 
_pdbx_struct_oper_list.matrix[3][3] 
_pdbx_struct_oper_list.vector[3] 
1 'identity operation'         1_555 x,y,z  1.0000000000  0.0000000000  0.0000000000  0.0000000000 0.0000000000  1.0000000000  0.0000000000 0.0000000000   0.0000000000  0.0000000000 1.0000000000 0.0000000000 
2 'crystal symmetry operation' 4_555 y,x,-z -0.9896924918 -0.0471998345 -0.1352070536 7.4164322031 -0.0471998345 -0.7838639241 0.6191361112 -18.7512948332 -0.1352070536 0.6191361112 0.7735564158 7.1113371958 
# 
loop_
_pdbx_audit_revision_history.ordinal 
_pdbx_audit_revision_history.data_content_type 
_pdbx_audit_revision_history.major_revision 
_pdbx_audit_revision_history.minor_revision 
_pdbx_audit_revision_history.revision_date 
1 'Structure model' 1 0 2005-03-29 
2 'Structure model' 1 1 2008-04-30 
3 'Structure model' 1 2 2011-07-13 
4 'Structure model' 1 3 2021-11-10 
5 'Structure model' 1 4 2023-10-25 
6 'Structure model' 1 5 2023-11-15 
# 
_pdbx_audit_revision_details.ordinal             1 
_pdbx_audit_revision_details.revision_ordinal    1 
_pdbx_audit_revision_details.data_content_type   'Structure model' 
_pdbx_audit_revision_details.provider            repository 
_pdbx_audit_revision_details.type                'Initial release' 
_pdbx_audit_revision_details.description         ? 
_pdbx_audit_revision_details.details             ? 
# 
loop_
_pdbx_audit_revision_group.ordinal 
_pdbx_audit_revision_group.revision_ordinal 
_pdbx_audit_revision_group.data_content_type 
_pdbx_audit_revision_group.group 
1 2 'Structure model' 'Version format compliance' 
2 3 'Structure model' 'Version format compliance' 
3 4 'Structure model' 'Database references'       
4 4 'Structure model' 'Derived calculations'      
5 5 'Structure model' 'Data collection'           
6 5 'Structure model' 'Refinement description'    
7 6 'Structure model' 'Data collection'           
# 
loop_
_pdbx_audit_revision_category.ordinal 
_pdbx_audit_revision_category.revision_ordinal 
_pdbx_audit_revision_category.data_content_type 
_pdbx_audit_revision_category.category 
1 4 'Structure model' database_2                    
2 4 'Structure model' struct_conn                   
3 4 'Structure model' struct_ref_seq_dif            
4 4 'Structure model' struct_site                   
5 5 'Structure model' chem_comp_atom                
6 5 'Structure model' chem_comp_bond                
7 5 'Structure model' pdbx_initial_refinement_model 
8 6 'Structure model' chem_comp_atom                
9 6 'Structure model' chem_comp_bond                
# 
loop_
_pdbx_audit_revision_item.ordinal 
_pdbx_audit_revision_item.revision_ordinal 
_pdbx_audit_revision_item.data_content_type 
_pdbx_audit_revision_item.item 
1 4 'Structure model' '_database_2.pdbx_DOI'                
2 4 'Structure model' '_database_2.pdbx_database_accession' 
3 4 'Structure model' '_struct_conn.pdbx_leaving_atom_flag' 
4 4 'Structure model' '_struct_ref_seq_dif.details'         
5 4 'Structure model' '_struct_site.pdbx_auth_asym_id'      
6 4 'Structure model' '_struct_site.pdbx_auth_comp_id'      
7 4 'Structure model' '_struct_site.pdbx_auth_seq_id'       
8 6 'Structure model' '_chem_comp_atom.atom_id'             
9 6 'Structure model' '_chem_comp_bond.atom_id_2'           
# 
loop_
_software.name 
_software.classification 
_software.version 
_software.citation_id 
_software.pdbx_ordinal 
CNS       refinement       1.1 ? 1 
HKL-2000  'data reduction' .   ? 2 
SCALEPACK 'data scaling'   .   ? 3 
CNS       phasing          1.1 ? 4 
# 
loop_
_pdbx_validate_torsion.id 
_pdbx_validate_torsion.PDB_model_num 
_pdbx_validate_torsion.auth_comp_id 
_pdbx_validate_torsion.auth_asym_id 
_pdbx_validate_torsion.auth_seq_id 
_pdbx_validate_torsion.PDB_ins_code 
_pdbx_validate_torsion.label_alt_id 
_pdbx_validate_torsion.phi 
_pdbx_validate_torsion.psi 
1 1 ARG E 39  ? ? 177.13 171.29  
2 1 GLN E 60  ? ? -97.08 -132.25 
3 1 ALA E 122 ? ? 179.31 -175.63 
# 
loop_
_chem_comp_atom.comp_id 
_chem_comp_atom.atom_id 
_chem_comp_atom.type_symbol 
_chem_comp_atom.pdbx_aromatic_flag 
_chem_comp_atom.pdbx_stereo_config 
_chem_comp_atom.pdbx_ordinal 
ABA N    N N N 1   
ABA CA   C N S 2   
ABA C    C N N 3   
ABA O    O N N 4   
ABA CB   C N N 5   
ABA CG   C N N 6   
ABA OXT  O N N 7   
ABA H    H N N 8   
ABA H2   H N N 9   
ABA HA   H N N 10  
ABA HB3  H N N 11  
ABA HB2  H N N 12  
ABA HG1  H N N 13  
ABA HG3  H N N 14  
ABA HG2  H N N 15  
ABA HXT  H N N 16  
ALA N    N N N 17  
ALA CA   C N S 18  
ALA C    C N N 19  
ALA O    O N N 20  
ALA CB   C N N 21  
ALA OXT  O N N 22  
ALA H    H N N 23  
ALA H2   H N N 24  
ALA HA   H N N 25  
ALA HB1  H N N 26  
ALA HB2  H N N 27  
ALA HB3  H N N 28  
ALA HXT  H N N 29  
ARG N    N N N 30  
ARG CA   C N S 31  
ARG C    C N N 32  
ARG O    O N N 33  
ARG CB   C N N 34  
ARG CG   C N N 35  
ARG CD   C N N 36  
ARG NE   N N N 37  
ARG CZ   C N N 38  
ARG NH1  N N N 39  
ARG NH2  N N N 40  
ARG OXT  O N N 41  
ARG H    H N N 42  
ARG H2   H N N 43  
ARG HA   H N N 44  
ARG HB2  H N N 45  
ARG HB3  H N N 46  
ARG HG2  H N N 47  
ARG HG3  H N N 48  
ARG HD2  H N N 49  
ARG HD3  H N N 50  
ARG HE   H N N 51  
ARG HH11 H N N 52  
ARG HH12 H N N 53  
ARG HH21 H N N 54  
ARG HH22 H N N 55  
ARG HXT  H N N 56  
ASN N    N N N 57  
ASN CA   C N S 58  
ASN C    C N N 59  
ASN O    O N N 60  
ASN CB   C N N 61  
ASN CG   C N N 62  
ASN OD1  O N N 63  
ASN ND2  N N N 64  
ASN OXT  O N N 65  
ASN H    H N N 66  
ASN H2   H N N 67  
ASN HA   H N N 68  
ASN HB2  H N N 69  
ASN HB3  H N N 70  
ASN HD21 H N N 71  
ASN HD22 H N N 72  
ASN HXT  H N N 73  
ASP N    N N N 74  
ASP CA   C N S 75  
ASP C    C N N 76  
ASP O    O N N 77  
ASP CB   C N N 78  
ASP CG   C N N 79  
ASP OD1  O N N 80  
ASP OD2  O N N 81  
ASP OXT  O N N 82  
ASP H    H N N 83  
ASP H2   H N N 84  
ASP HA   H N N 85  
ASP HB2  H N N 86  
ASP HB3  H N N 87  
ASP HD2  H N N 88  
ASP HXT  H N N 89  
CYS N    N N N 90  
CYS CA   C N R 91  
CYS C    C N N 92  
CYS O    O N N 93  
CYS CB   C N N 94  
CYS SG   S N N 95  
CYS OXT  O N N 96  
CYS H    H N N 97  
CYS H2   H N N 98  
CYS HA   H N N 99  
CYS HB2  H N N 100 
CYS HB3  H N N 101 
CYS HG   H N N 102 
CYS HXT  H N N 103 
GLN N    N N N 104 
GLN CA   C N S 105 
GLN C    C N N 106 
GLN O    O N N 107 
GLN CB   C N N 108 
GLN CG   C N N 109 
GLN CD   C N N 110 
GLN OE1  O N N 111 
GLN NE2  N N N 112 
GLN OXT  O N N 113 
GLN H    H N N 114 
GLN H2   H N N 115 
GLN HA   H N N 116 
GLN HB2  H N N 117 
GLN HB3  H N N 118 
GLN HG2  H N N 119 
GLN HG3  H N N 120 
GLN HE21 H N N 121 
GLN HE22 H N N 122 
GLN HXT  H N N 123 
GLU N    N N N 124 
GLU CA   C N S 125 
GLU C    C N N 126 
GLU O    O N N 127 
GLU CB   C N N 128 
GLU CG   C N N 129 
GLU CD   C N N 130 
GLU OE1  O N N 131 
GLU OE2  O N N 132 
GLU OXT  O N N 133 
GLU H    H N N 134 
GLU H2   H N N 135 
GLU HA   H N N 136 
GLU HB2  H N N 137 
GLU HB3  H N N 138 
GLU HG2  H N N 139 
GLU HG3  H N N 140 
GLU HE2  H N N 141 
GLU HXT  H N N 142 
GLY N    N N N 143 
GLY CA   C N N 144 
GLY C    C N N 145 
GLY O    O N N 146 
GLY OXT  O N N 147 
GLY H    H N N 148 
GLY H2   H N N 149 
GLY HA2  H N N 150 
GLY HA3  H N N 151 
GLY HXT  H N N 152 
HIS N    N N N 153 
HIS CA   C N S 154 
HIS C    C N N 155 
HIS O    O N N 156 
HIS CB   C N N 157 
HIS CG   C Y N 158 
HIS ND1  N Y N 159 
HIS CD2  C Y N 160 
HIS CE1  C Y N 161 
HIS NE2  N Y N 162 
HIS OXT  O N N 163 
HIS H    H N N 164 
HIS H2   H N N 165 
HIS HA   H N N 166 
HIS HB2  H N N 167 
HIS HB3  H N N 168 
HIS HD1  H N N 169 
HIS HD2  H N N 170 
HIS HE1  H N N 171 
HIS HE2  H N N 172 
HIS HXT  H N N 173 
HOH O    O N N 174 
HOH H1   H N N 175 
HOH H2   H N N 176 
ILE N    N N N 177 
ILE CA   C N S 178 
ILE C    C N N 179 
ILE O    O N N 180 
ILE CB   C N S 181 
ILE CG1  C N N 182 
ILE CG2  C N N 183 
ILE CD1  C N N 184 
ILE OXT  O N N 185 
ILE H    H N N 186 
ILE H2   H N N 187 
ILE HA   H N N 188 
ILE HB   H N N 189 
ILE HG12 H N N 190 
ILE HG13 H N N 191 
ILE HG21 H N N 192 
ILE HG22 H N N 193 
ILE HG23 H N N 194 
ILE HD11 H N N 195 
ILE HD12 H N N 196 
ILE HD13 H N N 197 
ILE HXT  H N N 198 
LEU N    N N N 199 
LEU CA   C N S 200 
LEU C    C N N 201 
LEU O    O N N 202 
LEU CB   C N N 203 
LEU CG   C N N 204 
LEU CD1  C N N 205 
LEU CD2  C N N 206 
LEU OXT  O N N 207 
LEU H    H N N 208 
LEU H2   H N N 209 
LEU HA   H N N 210 
LEU HB2  H N N 211 
LEU HB3  H N N 212 
LEU HG   H N N 213 
LEU HD11 H N N 214 
LEU HD12 H N N 215 
LEU HD13 H N N 216 
LEU HD21 H N N 217 
LEU HD22 H N N 218 
LEU HD23 H N N 219 
LEU HXT  H N N 220 
LYS N    N N N 221 
LYS CA   C N S 222 
LYS C    C N N 223 
LYS O    O N N 224 
LYS CB   C N N 225 
LYS CG   C N N 226 
LYS CD   C N N 227 
LYS CE   C N N 228 
LYS NZ   N N N 229 
LYS OXT  O N N 230 
LYS H    H N N 231 
LYS H2   H N N 232 
LYS HA   H N N 233 
LYS HB2  H N N 234 
LYS HB3  H N N 235 
LYS HG2  H N N 236 
LYS HG3  H N N 237 
LYS HD2  H N N 238 
LYS HD3  H N N 239 
LYS HE2  H N N 240 
LYS HE3  H N N 241 
LYS HZ1  H N N 242 
LYS HZ2  H N N 243 
LYS HZ3  H N N 244 
LYS HXT  H N N 245 
MET N    N N N 246 
MET CA   C N S 247 
MET C    C N N 248 
MET O    O N N 249 
MET CB   C N N 250 
MET CG   C N N 251 
MET SD   S N N 252 
MET CE   C N N 253 
MET OXT  O N N 254 
MET H    H N N 255 
MET H2   H N N 256 
MET HA   H N N 257 
MET HB2  H N N 258 
MET HB3  H N N 259 
MET HG2  H N N 260 
MET HG3  H N N 261 
MET HE1  H N N 262 
MET HE2  H N N 263 
MET HE3  H N N 264 
MET HXT  H N N 265 
NLE N    N N N 266 
NLE CA   C N S 267 
NLE C    C N N 268 
NLE O    O N N 269 
NLE OXT  O N N 270 
NLE CB   C N N 271 
NLE CG   C N N 272 
NLE CD   C N N 273 
NLE CE   C N N 274 
NLE H    H N N 275 
NLE H2   H N N 276 
NLE HA   H N N 277 
NLE HXT  H N N 278 
NLE HB2  H N N 279 
NLE HB3  H N N 280 
NLE HG2  H N N 281 
NLE HG3  H N N 282 
NLE HD2  H N N 283 
NLE HD3  H N N 284 
NLE HE1  H N N 285 
NLE HE2  H N N 286 
NLE HE3  H N N 287 
PHE N    N N N 288 
PHE CA   C N S 289 
PHE C    C N N 290 
PHE O    O N N 291 
PHE CB   C N N 292 
PHE CG   C Y N 293 
PHE CD1  C Y N 294 
PHE CD2  C Y N 295 
PHE CE1  C Y N 296 
PHE CE2  C Y N 297 
PHE CZ   C Y N 298 
PHE OXT  O N N 299 
PHE H    H N N 300 
PHE H2   H N N 301 
PHE HA   H N N 302 
PHE HB2  H N N 303 
PHE HB3  H N N 304 
PHE HD1  H N N 305 
PHE HD2  H N N 306 
PHE HE1  H N N 307 
PHE HE2  H N N 308 
PHE HZ   H N N 309 
PHE HXT  H N N 310 
PRO N    N N N 311 
PRO CA   C N S 312 
PRO C    C N N 313 
PRO O    O N N 314 
PRO CB   C N N 315 
PRO CG   C N N 316 
PRO CD   C N N 317 
PRO OXT  O N N 318 
PRO H    H N N 319 
PRO HA   H N N 320 
PRO HB2  H N N 321 
PRO HB3  H N N 322 
PRO HG2  H N N 323 
PRO HG3  H N N 324 
PRO HD2  H N N 325 
PRO HD3  H N N 326 
PRO HXT  H N N 327 
SER N    N N N 328 
SER CA   C N S 329 
SER C    C N N 330 
SER O    O N N 331 
SER CB   C N N 332 
SER OG   O N N 333 
SER OXT  O N N 334 
SER H    H N N 335 
SER H2   H N N 336 
SER HA   H N N 337 
SER HB2  H N N 338 
SER HB3  H N N 339 
SER HG   H N N 340 
SER HXT  H N N 341 
SO4 S    S N N 342 
SO4 O1   O N N 343 
SO4 O2   O N N 344 
SO4 O3   O N N 345 
SO4 O4   O N N 346 
THR N    N N N 347 
THR CA   C N S 348 
THR C    C N N 349 
THR O    O N N 350 
THR CB   C N R 351 
THR OG1  O N N 352 
THR CG2  C N N 353 
THR OXT  O N N 354 
THR H    H N N 355 
THR H2   H N N 356 
THR HA   H N N 357 
THR HB   H N N 358 
THR HG1  H N N 359 
THR HG21 H N N 360 
THR HG22 H N N 361 
THR HG23 H N N 362 
THR HXT  H N N 363 
TYR N    N N N 364 
TYR CA   C N S 365 
TYR C    C N N 366 
TYR O    O N N 367 
TYR CB   C N N 368 
TYR CG   C Y N 369 
TYR CD1  C Y N 370 
TYR CD2  C Y N 371 
TYR CE1  C Y N 372 
TYR CE2  C Y N 373 
TYR CZ   C Y N 374 
TYR OH   O N N 375 
TYR OXT  O N N 376 
TYR H    H N N 377 
TYR H2   H N N 378 
TYR HA   H N N 379 
TYR HB2  H N N 380 
TYR HB3  H N N 381 
TYR HD1  H N N 382 
TYR HD2  H N N 383 
TYR HE1  H N N 384 
TYR HE2  H N N 385 
TYR HH   H N N 386 
TYR HXT  H N N 387 
VAL N    N N N 388 
VAL CA   C N S 389 
VAL C    C N N 390 
VAL O    O N N 391 
VAL CB   C N N 392 
VAL CG1  C N N 393 
VAL CG2  C N N 394 
VAL OXT  O N N 395 
VAL H    H N N 396 
VAL H2   H N N 397 
VAL HA   H N N 398 
VAL HB   H N N 399 
VAL HG11 H N N 400 
VAL HG12 H N N 401 
VAL HG13 H N N 402 
VAL HG21 H N N 403 
VAL HG22 H N N 404 
VAL HG23 H N N 405 
VAL HXT  H N N 406 
# 
loop_
_chem_comp_bond.comp_id 
_chem_comp_bond.atom_id_1 
_chem_comp_bond.atom_id_2 
_chem_comp_bond.value_order 
_chem_comp_bond.pdbx_aromatic_flag 
_chem_comp_bond.pdbx_stereo_config 
_chem_comp_bond.pdbx_ordinal 
ABA N   CA   sing N N 1   
ABA N   H    sing N N 2   
ABA N   H2   sing N N 3   
ABA CA  C    sing N N 4   
ABA CA  CB   sing N N 5   
ABA CA  HA   sing N N 6   
ABA C   O    doub N N 7   
ABA C   OXT  sing N N 8   
ABA CB  CG   sing N N 9   
ABA CB  HB3  sing N N 10  
ABA CB  HB2  sing N N 11  
ABA CG  HG1  sing N N 12  
ABA CG  HG3  sing N N 13  
ABA CG  HG2  sing N N 14  
ABA OXT HXT  sing N N 15  
ALA N   CA   sing N N 16  
ALA N   H    sing N N 17  
ALA N   H2   sing N N 18  
ALA CA  C    sing N N 19  
ALA CA  CB   sing N N 20  
ALA CA  HA   sing N N 21  
ALA C   O    doub N N 22  
ALA C   OXT  sing N N 23  
ALA CB  HB1  sing N N 24  
ALA CB  HB2  sing N N 25  
ALA CB  HB3  sing N N 26  
ALA OXT HXT  sing N N 27  
ARG N   CA   sing N N 28  
ARG N   H    sing N N 29  
ARG N   H2   sing N N 30  
ARG CA  C    sing N N 31  
ARG CA  CB   sing N N 32  
ARG CA  HA   sing N N 33  
ARG C   O    doub N N 34  
ARG C   OXT  sing N N 35  
ARG CB  CG   sing N N 36  
ARG CB  HB2  sing N N 37  
ARG CB  HB3  sing N N 38  
ARG CG  CD   sing N N 39  
ARG CG  HG2  sing N N 40  
ARG CG  HG3  sing N N 41  
ARG CD  NE   sing N N 42  
ARG CD  HD2  sing N N 43  
ARG CD  HD3  sing N N 44  
ARG NE  CZ   sing N N 45  
ARG NE  HE   sing N N 46  
ARG CZ  NH1  sing N N 47  
ARG CZ  NH2  doub N N 48  
ARG NH1 HH11 sing N N 49  
ARG NH1 HH12 sing N N 50  
ARG NH2 HH21 sing N N 51  
ARG NH2 HH22 sing N N 52  
ARG OXT HXT  sing N N 53  
ASN N   CA   sing N N 54  
ASN N   H    sing N N 55  
ASN N   H2   sing N N 56  
ASN CA  C    sing N N 57  
ASN CA  CB   sing N N 58  
ASN CA  HA   sing N N 59  
ASN C   O    doub N N 60  
ASN C   OXT  sing N N 61  
ASN CB  CG   sing N N 62  
ASN CB  HB2  sing N N 63  
ASN CB  HB3  sing N N 64  
ASN CG  OD1  doub N N 65  
ASN CG  ND2  sing N N 66  
ASN ND2 HD21 sing N N 67  
ASN ND2 HD22 sing N N 68  
ASN OXT HXT  sing N N 69  
ASP N   CA   sing N N 70  
ASP N   H    sing N N 71  
ASP N   H2   sing N N 72  
ASP CA  C    sing N N 73  
ASP CA  CB   sing N N 74  
ASP CA  HA   sing N N 75  
ASP C   O    doub N N 76  
ASP C   OXT  sing N N 77  
ASP CB  CG   sing N N 78  
ASP CB  HB2  sing N N 79  
ASP CB  HB3  sing N N 80  
ASP CG  OD1  doub N N 81  
ASP CG  OD2  sing N N 82  
ASP OD2 HD2  sing N N 83  
ASP OXT HXT  sing N N 84  
CYS N   CA   sing N N 85  
CYS N   H    sing N N 86  
CYS N   H2   sing N N 87  
CYS CA  C    sing N N 88  
CYS CA  CB   sing N N 89  
CYS CA  HA   sing N N 90  
CYS C   O    doub N N 91  
CYS C   OXT  sing N N 92  
CYS CB  SG   sing N N 93  
CYS CB  HB2  sing N N 94  
CYS CB  HB3  sing N N 95  
CYS SG  HG   sing N N 96  
CYS OXT HXT  sing N N 97  
GLN N   CA   sing N N 98  
GLN N   H    sing N N 99  
GLN N   H2   sing N N 100 
GLN CA  C    sing N N 101 
GLN CA  CB   sing N N 102 
GLN CA  HA   sing N N 103 
GLN C   O    doub N N 104 
GLN C   OXT  sing N N 105 
GLN CB  CG   sing N N 106 
GLN CB  HB2  sing N N 107 
GLN CB  HB3  sing N N 108 
GLN CG  CD   sing N N 109 
GLN CG  HG2  sing N N 110 
GLN CG  HG3  sing N N 111 
GLN CD  OE1  doub N N 112 
GLN CD  NE2  sing N N 113 
GLN NE2 HE21 sing N N 114 
GLN NE2 HE22 sing N N 115 
GLN OXT HXT  sing N N 116 
GLU N   CA   sing N N 117 
GLU N   H    sing N N 118 
GLU N   H2   sing N N 119 
GLU CA  C    sing N N 120 
GLU CA  CB   sing N N 121 
GLU CA  HA   sing N N 122 
GLU C   O    doub N N 123 
GLU C   OXT  sing N N 124 
GLU CB  CG   sing N N 125 
GLU CB  HB2  sing N N 126 
GLU CB  HB3  sing N N 127 
GLU CG  CD   sing N N 128 
GLU CG  HG2  sing N N 129 
GLU CG  HG3  sing N N 130 
GLU CD  OE1  doub N N 131 
GLU CD  OE2  sing N N 132 
GLU OE2 HE2  sing N N 133 
GLU OXT HXT  sing N N 134 
GLY N   CA   sing N N 135 
GLY N   H    sing N N 136 
GLY N   H2   sing N N 137 
GLY CA  C    sing N N 138 
GLY CA  HA2  sing N N 139 
GLY CA  HA3  sing N N 140 
GLY C   O    doub N N 141 
GLY C   OXT  sing N N 142 
GLY OXT HXT  sing N N 143 
HIS N   CA   sing N N 144 
HIS N   H    sing N N 145 
HIS N   H2   sing N N 146 
HIS CA  C    sing N N 147 
HIS CA  CB   sing N N 148 
HIS CA  HA   sing N N 149 
HIS C   O    doub N N 150 
HIS C   OXT  sing N N 151 
HIS CB  CG   sing N N 152 
HIS CB  HB2  sing N N 153 
HIS CB  HB3  sing N N 154 
HIS CG  ND1  sing Y N 155 
HIS CG  CD2  doub Y N 156 
HIS ND1 CE1  doub Y N 157 
HIS ND1 HD1  sing N N 158 
HIS CD2 NE2  sing Y N 159 
HIS CD2 HD2  sing N N 160 
HIS CE1 NE2  sing Y N 161 
HIS CE1 HE1  sing N N 162 
HIS NE2 HE2  sing N N 163 
HIS OXT HXT  sing N N 164 
HOH O   H1   sing N N 165 
HOH O   H2   sing N N 166 
ILE N   CA   sing N N 167 
ILE N   H    sing N N 168 
ILE N   H2   sing N N 169 
ILE CA  C    sing N N 170 
ILE CA  CB   sing N N 171 
ILE CA  HA   sing N N 172 
ILE C   O    doub N N 173 
ILE C   OXT  sing N N 174 
ILE CB  CG1  sing N N 175 
ILE CB  CG2  sing N N 176 
ILE CB  HB   sing N N 177 
ILE CG1 CD1  sing N N 178 
ILE CG1 HG12 sing N N 179 
ILE CG1 HG13 sing N N 180 
ILE CG2 HG21 sing N N 181 
ILE CG2 HG22 sing N N 182 
ILE CG2 HG23 sing N N 183 
ILE CD1 HD11 sing N N 184 
ILE CD1 HD12 sing N N 185 
ILE CD1 HD13 sing N N 186 
ILE OXT HXT  sing N N 187 
LEU N   CA   sing N N 188 
LEU N   H    sing N N 189 
LEU N   H2   sing N N 190 
LEU CA  C    sing N N 191 
LEU CA  CB   sing N N 192 
LEU CA  HA   sing N N 193 
LEU C   O    doub N N 194 
LEU C   OXT  sing N N 195 
LEU CB  CG   sing N N 196 
LEU CB  HB2  sing N N 197 
LEU CB  HB3  sing N N 198 
LEU CG  CD1  sing N N 199 
LEU CG  CD2  sing N N 200 
LEU CG  HG   sing N N 201 
LEU CD1 HD11 sing N N 202 
LEU CD1 HD12 sing N N 203 
LEU CD1 HD13 sing N N 204 
LEU CD2 HD21 sing N N 205 
LEU CD2 HD22 sing N N 206 
LEU CD2 HD23 sing N N 207 
LEU OXT HXT  sing N N 208 
LYS N   CA   sing N N 209 
LYS N   H    sing N N 210 
LYS N   H2   sing N N 211 
LYS CA  C    sing N N 212 
LYS CA  CB   sing N N 213 
LYS CA  HA   sing N N 214 
LYS C   O    doub N N 215 
LYS C   OXT  sing N N 216 
LYS CB  CG   sing N N 217 
LYS CB  HB2  sing N N 218 
LYS CB  HB3  sing N N 219 
LYS CG  CD   sing N N 220 
LYS CG  HG2  sing N N 221 
LYS CG  HG3  sing N N 222 
LYS CD  CE   sing N N 223 
LYS CD  HD2  sing N N 224 
LYS CD  HD3  sing N N 225 
LYS CE  NZ   sing N N 226 
LYS CE  HE2  sing N N 227 
LYS CE  HE3  sing N N 228 
LYS NZ  HZ1  sing N N 229 
LYS NZ  HZ2  sing N N 230 
LYS NZ  HZ3  sing N N 231 
LYS OXT HXT  sing N N 232 
MET N   CA   sing N N 233 
MET N   H    sing N N 234 
MET N   H2   sing N N 235 
MET CA  C    sing N N 236 
MET CA  CB   sing N N 237 
MET CA  HA   sing N N 238 
MET C   O    doub N N 239 
MET C   OXT  sing N N 240 
MET CB  CG   sing N N 241 
MET CB  HB2  sing N N 242 
MET CB  HB3  sing N N 243 
MET CG  SD   sing N N 244 
MET CG  HG2  sing N N 245 
MET CG  HG3  sing N N 246 
MET SD  CE   sing N N 247 
MET CE  HE1  sing N N 248 
MET CE  HE2  sing N N 249 
MET CE  HE3  sing N N 250 
MET OXT HXT  sing N N 251 
NLE N   CA   sing N N 252 
NLE N   H    sing N N 253 
NLE N   H2   sing N N 254 
NLE CA  C    sing N N 255 
NLE CA  CB   sing N N 256 
NLE CA  HA   sing N N 257 
NLE C   O    doub N N 258 
NLE C   OXT  sing N N 259 
NLE OXT HXT  sing N N 260 
NLE CB  CG   sing N N 261 
NLE CB  HB2  sing N N 262 
NLE CB  HB3  sing N N 263 
NLE CG  CD   sing N N 264 
NLE CG  HG2  sing N N 265 
NLE CG  HG3  sing N N 266 
NLE CD  CE   sing N N 267 
NLE CD  HD2  sing N N 268 
NLE CD  HD3  sing N N 269 
NLE CE  HE1  sing N N 270 
NLE CE  HE2  sing N N 271 
NLE CE  HE3  sing N N 272 
PHE N   CA   sing N N 273 
PHE N   H    sing N N 274 
PHE N   H2   sing N N 275 
PHE CA  C    sing N N 276 
PHE CA  CB   sing N N 277 
PHE CA  HA   sing N N 278 
PHE C   O    doub N N 279 
PHE C   OXT  sing N N 280 
PHE CB  CG   sing N N 281 
PHE CB  HB2  sing N N 282 
PHE CB  HB3  sing N N 283 
PHE CG  CD1  doub Y N 284 
PHE CG  CD2  sing Y N 285 
PHE CD1 CE1  sing Y N 286 
PHE CD1 HD1  sing N N 287 
PHE CD2 CE2  doub Y N 288 
PHE CD2 HD2  sing N N 289 
PHE CE1 CZ   doub Y N 290 
PHE CE1 HE1  sing N N 291 
PHE CE2 CZ   sing Y N 292 
PHE CE2 HE2  sing N N 293 
PHE CZ  HZ   sing N N 294 
PHE OXT HXT  sing N N 295 
PRO N   CA   sing N N 296 
PRO N   CD   sing N N 297 
PRO N   H    sing N N 298 
PRO CA  C    sing N N 299 
PRO CA  CB   sing N N 300 
PRO CA  HA   sing N N 301 
PRO C   O    doub N N 302 
PRO C   OXT  sing N N 303 
PRO CB  CG   sing N N 304 
PRO CB  HB2  sing N N 305 
PRO CB  HB3  sing N N 306 
PRO CG  CD   sing N N 307 
PRO CG  HG2  sing N N 308 
PRO CG  HG3  sing N N 309 
PRO CD  HD2  sing N N 310 
PRO CD  HD3  sing N N 311 
PRO OXT HXT  sing N N 312 
SER N   CA   sing N N 313 
SER N   H    sing N N 314 
SER N   H2   sing N N 315 
SER CA  C    sing N N 316 
SER CA  CB   sing N N 317 
SER CA  HA   sing N N 318 
SER C   O    doub N N 319 
SER C   OXT  sing N N 320 
SER CB  OG   sing N N 321 
SER CB  HB2  sing N N 322 
SER CB  HB3  sing N N 323 
SER OG  HG   sing N N 324 
SER OXT HXT  sing N N 325 
SO4 S   O1   doub N N 326 
SO4 S   O2   doub N N 327 
SO4 S   O3   sing N N 328 
SO4 S   O4   sing N N 329 
THR N   CA   sing N N 330 
THR N   H    sing N N 331 
THR N   H2   sing N N 332 
THR CA  C    sing N N 333 
THR CA  CB   sing N N 334 
THR CA  HA   sing N N 335 
THR C   O    doub N N 336 
THR C   OXT  sing N N 337 
THR CB  OG1  sing N N 338 
THR CB  CG2  sing N N 339 
THR CB  HB   sing N N 340 
THR OG1 HG1  sing N N 341 
THR CG2 HG21 sing N N 342 
THR CG2 HG22 sing N N 343 
THR CG2 HG23 sing N N 344 
THR OXT HXT  sing N N 345 
TYR N   CA   sing N N 346 
TYR N   H    sing N N 347 
TYR N   H2   sing N N 348 
TYR CA  C    sing N N 349 
TYR CA  CB   sing N N 350 
TYR CA  HA   sing N N 351 
TYR C   O    doub N N 352 
TYR C   OXT  sing N N 353 
TYR CB  CG   sing N N 354 
TYR CB  HB2  sing N N 355 
TYR CB  HB3  sing N N 356 
TYR CG  CD1  doub Y N 357 
TYR CG  CD2  sing Y N 358 
TYR CD1 CE1  sing Y N 359 
TYR CD1 HD1  sing N N 360 
TYR CD2 CE2  doub Y N 361 
TYR CD2 HD2  sing N N 362 
TYR CE1 CZ   doub Y N 363 
TYR CE1 HE1  sing N N 364 
TYR CE2 CZ   sing Y N 365 
TYR CE2 HE2  sing N N 366 
TYR CZ  OH   sing N N 367 
TYR OH  HH   sing N N 368 
TYR OXT HXT  sing N N 369 
VAL N   CA   sing N N 370 
VAL N   H    sing N N 371 
VAL N   H2   sing N N 372 
VAL CA  C    sing N N 373 
VAL CA  CB   sing N N 374 
VAL CA  HA   sing N N 375 
VAL C   O    doub N N 376 
VAL C   OXT  sing N N 377 
VAL CB  CG1  sing N N 378 
VAL CB  CG2  sing N N 379 
VAL CB  HB   sing N N 380 
VAL CG1 HG11 sing N N 381 
VAL CG1 HG12 sing N N 382 
VAL CG1 HG13 sing N N 383 
VAL CG2 HG21 sing N N 384 
VAL CG2 HG22 sing N N 385 
VAL CG2 HG23 sing N N 386 
VAL OXT HXT  sing N N 387 
# 
loop_
_pdbx_entity_nonpoly.entity_id 
_pdbx_entity_nonpoly.name 
_pdbx_entity_nonpoly.comp_id 
3 'SULFATE ION' SO4 
4 water         HOH 
# 
_pdbx_initial_refinement_model.id               1 
_pdbx_initial_refinement_model.entity_id_list   ? 
_pdbx_initial_refinement_model.type             'experimental model' 
_pdbx_initial_refinement_model.source_name      PDB 
_pdbx_initial_refinement_model.accession_code   2RLN 
_pdbx_initial_refinement_model.details          'PDB entry 2RLN' 
# 
